data_8JX9
#
_entry.id   8JX9
#
_cell.length_a   1.00
_cell.length_b   1.00
_cell.length_c   1.00
_cell.angle_alpha   90.00
_cell.angle_beta   90.00
_cell.angle_gamma   90.00
#
_symmetry.space_group_name_H-M   'P 1'
#
loop_
_entity.id
_entity.type
_entity.pdbx_description
1 polymer 'LDL receptor related protein 2'
2 polymer ligand
3 branched beta-D-mannopyranose-(1-4)-2-acetamido-2-deoxy-beta-D-glucopyranose-(1-4)-2-acetamido-2-deoxy-beta-D-glucopyranose
4 branched alpha-D-mannopyranose-(1-3)-[alpha-D-mannopyranose-(1-6)]beta-D-mannopyranose-(1-4)-2-acetamido-2-deoxy-beta-D-glucopyranose-(1-4)-2-acetamido-2-deoxy-beta-D-glucopyranose
5 branched 2-acetamido-2-deoxy-beta-D-glucopyranose-(1-4)-2-acetamido-2-deoxy-beta-D-glucopyranose
6 non-polymer 2-acetamido-2-deoxy-beta-D-glucopyranose
7 non-polymer 2-acetamido-2-deoxy-alpha-D-galactopyranose
8 non-polymer 'CALCIUM ION'
#
loop_
_entity_poly.entity_id
_entity_poly.type
_entity_poly.pdbx_seq_one_letter_code
_entity_poly.pdbx_strand_id
1 'polypeptide(L)'
;MERGAAAAAWMLLLAIAACLEPVSSQECGSGNFRCDNGYCIPASWRCDGTRDCLDDTDEIGCPPRSCESGLFLCPAEGTC
IPSSWVCDEDKDCSDGADEQQNCAGTTCSAQQMTCSNGQCIPSEYRCDHVSDCPDGSDERNCHYPTCDQLTCANGACYNT
SQRCDQKVDCRDSSDEANCTTLCSQKEFECGSGECILRAYVCDHDNDCEDNSDERNCNYDTCGGHQFTCSNGQCINQNWV
CDGDDDCQDSGDEDGCESNQSHHRCYPREWACPGSGRCISIDKVCDGVPDCPEGDDENNVTSGRTCGMGVCSVLNCEYQC
HQTPFGGECFCPPGHIINSNDSRTCIDFDDCQIWGICDQKCENRQGRHQCLCEEGYILERGQHCKSSDSFSAASVIFSNG
RDLLVGDLHGRNFRILAESKNRGMVMGVDFHYQKHRVFWTDPMQEKVFSTDINGLNTQEILNVSVDTPENLAVDWINNKL
YLVETKVNRIDVVNLEGNQRVTLITENLGHPRGIALDPTVGYLFFSDWGSLSGQPKVERAFMDGSNRKDLVTTKVGWPAG
ITLDLVSKRVYWVDSRYDYIETVTYDGIQRKTVARGGSLVPHPFGISLFEEHVFFTDWTKMAVMKASKFTETNPQVYHQS
SLRPHGVTVYHALRQPNATNPCGSNNGGCAQVCVLSHRTDNGGLGYRCKCEFGFELDDDEHRCVAVKNFLLFSSKTAVRG
IPFTLSTQEDVMVPVTGSPSFFVGIDFDAQHSTVFYSDLSKDIIYKQKIDGTGKEVITANRLESVECLTFDWISRNLYWT
DGGLKSVTVLRLADKSRRQIISNLNNPRSIVVHPTAGYMFLSDWFRPAKIMRAWSDGSHLMPIVNTSLGWPNGLAIDWSA
SRLYWVDAFFDKIEHSTLDGLDRKRLGHVDQMTHPFGLTVFKDNVFITDWRLGAIIRVRKSDGGDMTVIRRGISSVMHVK
AYDADLQTGSNYCSQTTHANGDCSHFCFPVPNFQRVCGCPYGMKLQRDQMTCEGDPAREPPTQQCGSLSFPCNNGKCVPS
FFRCDGVDDCHDNSDEHQCGVFNNTCSPSAFACVRGGQCIPGQWHCDRQNDCLDGSDEQNCPTHATSSTCPSTSFTCDNH
VCIPKDWVCDTDNDCSDGSDEKNCQASGTCQPTQFRCPDHRCISPLYVCDGDKDCADGSDEAGCVLNCTSAQFKCADGSS
CINSRYRCDGVYDCRDNSDEAGCPTRPPGMCHLDEFQCQGDGTCIPNTWECDGHPDCIHGSDEHTGCVPKTCSPTHFLCD
NGNCIYKAWICDGDNDCRDMSDEKDCPTQPFHCPSTQWQCPGYSTCINLSALCDGVFDCPNGTDESPLCNQDSCSHFNGG
CTHQCMQGPFGATCLCPLGYQLANDTKTCEDINECDIPGFCSQHCVNMRGSFRCACDPEYTLESDGRTCKVTGSENPLLV
VASRDKIIVDNITAHTHNLYSLVQDVSFVVALDFDSVTGRVFWSDLLQGKTWSVFQNGTDKRVVHDSGLSVTEMIAVDWI
GRNLYWTDYALETIEVSKIDGSHRTVLISKNVTKPRGLALDPRMGDNVMFWSDWGHHPRIERASMDGTMRTVIVQEKIYW
PCGLSIDYPNRLIYFMDAYLDYIEFCDYDGHNRRQVIASDLVLHHPHALTLFEDFVYWTDRGTRQVMQANKWHGGNQSVV
MYSVHQPLGITAIHPSRQPPSRNPCASASCSHLCLLSAQAPRHYSCACPSGWNLSDDSVNCVRGDQPFLMSVRDNIIFGI
SLDPEVKSNDAMVPISGIQHGYDVEFDDSEQFIYWVENPGEIHRVKTDGSNRTVFAPLSLLGSSLGLALDWVSRNIYYTT
PASRSIEVLTLKGDTRYGKTLIANDGTPLGVGFPVGIAVDPARGKLYWSDHGTDSGVPAKIASANMDGTSLKILFTGNLQ
HLEVVTLDIQEQKLYWAVTSRGVIERGNVDGTERMILVHHLAHPWGLVVYGSFLYYSDEQYEVIERVDKSSGNNKVVLRD
NVPYLRGLRVYHRRNAADSSNGCSNNPNACQQICLPVPGGMFSCACASGFKLSPDGRSCSPYNSFMVVSMLPAVRGFSLE
LSDHSEAMVPVAGQGRNVLHADVDVANGFIYWCDFSSSVRSSNGIRRIKPDGSNFTNVVTYGIGANGIRGVALDWAAGNL
YFTNAFVYETLIEVLRINTTYRRVLLKVSVDMPRHIIVDPKHRYLFWADYGQKPKIERSFLDCTNRTVLVSEGIVTPRGL
AMDHDTGYIYWVDDSLDLIARIHLDGGESQVVRYGSRYPTPYGITVFGESIIWVDRNLKKVFQASKQPGNTDPPVVIRDK
INLLRDVTIFDEHAQPLSPAELNNNPCLQSNGGCSHFCFALPELPTPRCGCAFGTLGNDGKSCATSQEDFLIYSLNNSLR
SLHFDPRDHSLPFQVISVAGTAIALDYDRRNNRIFFTQKLNSLRGQISYVSLYSGSSSPTVLLSNIGVTDGIAFDWINRR
IYYSDFSNQTINSMAEDGSNRAVIARVSKPRAIVLDPCRGYMYWTDWGTNAKIERATLGGNFRVPIVNTSLVWPNGLALD
LETDLLYWADASLQKIERSTLTGTNREVVVSTAFHSFGLTVYGQYIYWTDLYTRKIYRANKYDGSDLVAMTTRLPTQPSG
ISTVVKTQRQQCSNPCDQFNGGCSHICAPGPNGAECQCPHEGNWYLANDNKYCVVDTGTRCNQLQFTCLNGHCINQDWKC
DNDNDCGDGSDELPTVCAFHTCRSTAFTCGNGRCVPYHYRCDYYNDCGDNSDEAGCLFRNCNSTTEFTCSNGRCIPLSYV
CNGINNCHDNDTSDEKNCPPHTCPPDFTKCQTTNICVPRAFLCDGDNDCGDGSDENPIYCASHTCRSNEFQCLSPQRCIP
SYWFCDGEADCADGSDEPDTCGHSVNTCRASQFQCDNGRCISGNWVCDGDNDCGDMSDEDQRHHCELQNCSSTQFTCVNS
RPPNRRCIPQYWVCDGDADCSDALDELQNCTMRTCSAGEFSCANGRCVRQSFRCDRRNDCGDYSDERGCSYPPCHANQFT
CQNGRCIPRFFVCDEDNDCGDGSDEQEHLCHTPEPTCPLHQFRCDNGHCIEMGRVCNHVDDCSDNSDEKGCGINECLDSS
ISRCDHNCTDTITSFYCSCLPGYKLMSDKRSCVDIDECKESPQLCSQKCENVVGSYICKCAPGYIREPDGKSCRQNSNIE
PYLIFSNRYYIRNLTTDGSSYSLILQGLGNVVALDFDRVEKRLYWIDAEKQIIERMFLNKTNRETIINHRLRRAESLAVD
WVSRKLYWLDAILDCLFVSDLEGRHRKMIAQHCVDANNTFCFEHPRGIVLHPQRGHVYWADWGVHAYIGRIGMDGTNKSV
IISTKIEWPNAITIDYTNDLLYWADAHLGYIEFSDLEGHHRHTVYDGSLPHPFALTIFEDTVFWTDWNTRTVEKGNKYDG
SGRVVLVNTTHKPFDIHVYHPYRQPIMSNPCGTNNGGCSHLCLIKAGGRGFTCACPDDFQTVQLRDRTLCMPMCSSTQFL
CGNNEKCIPIWWKCDGQKDCSDGSDEPDLCPHRFCRLGQFQCRDGNCTSPQALCNARQDCADGSDEDRVLCEHHRCESNE
WQCANKRCIPQSWQCDSVNDCLDNSDEDTSHCASRTCRPGQFKCNNGRCIPQSWKCDVDNDCGDYSDEPIDECTTAAYNC
DNHTEFSCKTNYRCIPQWAVCNGFDDCRDNSDEQGCESVPCHPSGDFRCANHHCIPLRWKCDGTDDCGDNSDEENCVPRE
CSESEFRCADQQCIPSRWVCDQENDCGDNSDERDCEMKTCHPEHFQCTSGHCVPKALACDGRADCLDASDESACPTRFPN
GTYCPAAMFECKNHVCIQSFWICDGENDCVDGSDEEIHLCFNIPCESPQRFRCDNSRCVYGHQLCNGVDDCGDGSDEKEE
HCRKPTHKPCTDTEYKCSNGNCISQHYVCDNVNDCGDLSDETGCNLGDNRTCAENICEQNCTQLSSGGFICSCRPGFKPS
TLDKNSCQDINECEEFGICPQSCRNSKGSYECFCVDGFKSMSTHYGERCAADGSPPLLLLPENVRIRKYNTSSEKFSEYL
EEEEHIQTIDYDWDPEHIGLSVVYYTVLAQGSQFGAIKRAYIPNFESGSNNPIREVDLGLKYLMQPDGLAVDWVGRHIYW
SDAKSQRIEVATLDGRYRKWLITTQLDQPAAIAVNPKLGLMFWTDQGKQPKIESAWMNGEHRSVLVSENLGWPNGLSIDY
LNDDRVYWSDSKEDVIEAIKYDGTDRRLIINEAMKPFSLDIFEDKLYWVAKEKGEVWRQNKFGKENKEKVLVVNPWLTQV
RIFHQLRYNQSVSNPCKQVCSHLCLLRPGGYSCACPQGSDFVTGSTVQCDAASELPVTMPPPCRCMHGGNCYFDENELPK
CKCSSGYSGEYCEVGLSRGIPPGTTMAVLLTFVIVIIVGALVLVGLFHYRKTGSLLPTLPKLPSLSSLAKPSENGNGVTF
RSGADVNMDIGVSPFGPETIIDRSMAMNEHFVMEVGKQPVIFENPMYAAKDNTSKVALAVQGPSTGAQVTVPENVENQNY
GRPIDPSEIVPEPKPASPGADEIQGKKWNIFKRKPKQTTNFENPIYAEMDSEVKDAVAVAPPPSPSLPAKASKRNLTPGY
TATEDTFKDTANLVKEDSDV
;
A,B
2 'polypeptide(L)' (UNK)(UNK)N(UNK)(UNK) O
#
loop_
_chem_comp.id
_chem_comp.type
_chem_comp.name
_chem_comp.formula
A2G D-saccharide, alpha linking 2-acetamido-2-deoxy-alpha-D-galactopyranose 'C8 H15 N O6'
BMA D-saccharide, beta linking beta-D-mannopyranose 'C6 H12 O6'
CA non-polymer 'CALCIUM ION' 'Ca 2'
MAN D-saccharide, alpha linking alpha-D-mannopyranose 'C6 H12 O6'
NAG D-saccharide, beta linking 2-acetamido-2-deoxy-beta-D-glucopyranose 'C8 H15 N O6'
#
# COMPACT_ATOMS: atom_id res chain seq x y z
N PRO A 4055 -45.02 -41.87 27.66
CA PRO A 4055 -45.05 -40.53 27.08
C PRO A 4055 -43.69 -40.06 26.58
N PRO A 4056 -43.66 -39.34 25.46
CA PRO A 4056 -42.38 -38.86 24.92
C PRO A 4056 -41.73 -37.82 25.81
N LEU A 4057 -40.40 -37.75 25.71
CA LEU A 4057 -39.60 -36.78 26.45
C LEU A 4057 -39.04 -35.76 25.48
N LEU A 4058 -39.21 -34.48 25.80
CA LEU A 4058 -38.74 -33.40 24.95
C LEU A 4058 -37.30 -33.04 25.29
N LEU A 4059 -36.55 -32.61 24.27
CA LEU A 4059 -35.17 -32.17 24.42
C LEU A 4059 -35.04 -30.78 23.81
N LEU A 4060 -34.55 -29.84 24.59
CA LEU A 4060 -34.42 -28.45 24.14
C LEU A 4060 -33.02 -27.93 24.48
N PRO A 4061 -32.14 -27.74 23.49
CA PRO A 4061 -30.80 -27.22 23.78
C PRO A 4061 -30.75 -25.70 23.79
N GLU A 4062 -30.23 -25.13 24.86
CA GLU A 4062 -29.96 -23.69 24.96
C GLU A 4062 -28.49 -23.43 24.73
N ASN A 4063 -28.13 -22.15 24.61
CA ASN A 4063 -26.76 -21.80 24.26
C ASN A 4063 -25.75 -22.30 25.28
N VAL A 4064 -26.15 -22.44 26.54
CA VAL A 4064 -25.24 -22.88 27.59
C VAL A 4064 -25.60 -24.25 28.15
N ARG A 4065 -26.88 -24.62 28.16
CA ARG A 4065 -27.32 -25.85 28.82
C ARG A 4065 -28.35 -26.57 27.96
N ILE A 4066 -28.55 -27.85 28.28
CA ILE A 4066 -29.56 -28.67 27.63
C ILE A 4066 -30.62 -29.04 28.67
N ARG A 4067 -31.88 -28.79 28.34
CA ARG A 4067 -32.98 -29.04 29.24
C ARG A 4067 -33.95 -30.05 28.62
N LYS A 4068 -34.38 -31.02 29.42
CA LYS A 4068 -35.35 -32.01 28.99
C LYS A 4068 -36.63 -31.86 29.81
N TYR A 4069 -37.77 -31.99 29.14
CA TYR A 4069 -39.06 -31.72 29.74
C TYR A 4069 -40.02 -32.86 29.42
N ASN A 4070 -40.58 -33.48 30.44
CA ASN A 4070 -41.56 -34.54 30.24
C ASN A 4070 -42.88 -33.94 29.81
N THR A 4071 -43.43 -34.44 28.70
CA THR A 4071 -44.66 -33.88 28.15
C THR A 4071 -45.89 -34.23 28.99
N SER A 4072 -45.80 -35.24 29.85
CA SER A 4072 -46.92 -35.62 30.70
C SER A 4072 -46.72 -35.25 32.17
N SER A 4073 -45.51 -35.35 32.69
CA SER A 4073 -45.24 -34.94 34.07
C SER A 4073 -45.22 -33.43 34.23
N GLU A 4074 -45.04 -32.69 33.13
CA GLU A 4074 -45.11 -31.23 33.10
C GLU A 4074 -44.12 -30.56 34.06
N LYS A 4075 -42.91 -31.10 34.17
CA LYS A 4075 -41.86 -30.47 34.97
C LYS A 4075 -40.50 -30.81 34.37
N PHE A 4076 -39.52 -29.96 34.67
CA PHE A 4076 -38.19 -30.11 34.11
C PHE A 4076 -37.37 -31.11 34.92
N SER A 4077 -36.14 -31.34 34.48
CA SER A 4077 -35.20 -32.21 35.16
C SER A 4077 -33.78 -31.82 34.77
N GLU A 4078 -32.83 -32.23 35.60
CA GLU A 4078 -31.44 -31.83 35.40
C GLU A 4078 -30.79 -32.63 34.28
N TYR A 4079 -29.91 -31.97 33.54
CA TYR A 4079 -29.15 -32.62 32.47
C TYR A 4079 -27.81 -31.90 32.35
N LEU A 4080 -27.14 -32.08 31.21
CA LEU A 4080 -25.80 -31.56 31.00
C LEU A 4080 -25.74 -30.05 31.22
N GLU A 4081 -24.67 -29.59 31.86
CA GLU A 4081 -24.46 -28.19 32.15
C GLU A 4081 -23.01 -27.83 31.84
N GLU A 4082 -22.70 -26.54 31.99
CA GLU A 4082 -21.34 -26.02 31.84
C GLU A 4082 -20.79 -26.29 30.44
N GLU A 4083 -21.50 -25.78 29.43
CA GLU A 4083 -21.07 -25.86 28.04
C GLU A 4083 -21.38 -24.53 27.36
N GLU A 4084 -20.89 -24.37 26.13
CA GLU A 4084 -20.94 -23.08 25.46
C GLU A 4084 -21.07 -23.25 23.95
N HIS A 4085 -22.02 -22.51 23.37
CA HIS A 4085 -22.21 -22.39 21.92
C HIS A 4085 -22.62 -23.72 21.28
N ILE A 4086 -23.57 -24.42 21.88
CA ILE A 4086 -24.10 -25.62 21.25
C ILE A 4086 -25.24 -25.24 20.33
N GLN A 4087 -25.41 -25.99 19.25
CA GLN A 4087 -26.34 -25.63 18.18
C GLN A 4087 -27.51 -26.59 18.05
N THR A 4088 -27.27 -27.88 17.85
CA THR A 4088 -28.34 -28.84 17.61
C THR A 4088 -27.96 -30.18 18.20
N ILE A 4089 -28.98 -31.01 18.45
CA ILE A 4089 -28.80 -32.31 19.09
C ILE A 4089 -29.53 -33.38 18.31
N ASP A 4090 -29.05 -34.62 18.47
CA ASP A 4090 -29.73 -35.81 17.96
C ASP A 4090 -29.29 -36.99 18.82
N TYR A 4091 -30.12 -38.03 18.82
CA TYR A 4091 -29.94 -39.12 19.77
C TYR A 4091 -30.04 -40.48 19.07
N ASP A 4092 -29.46 -41.49 19.71
CA ASP A 4092 -29.59 -42.88 19.30
C ASP A 4092 -30.09 -43.68 20.49
N TRP A 4093 -31.09 -44.53 20.24
CA TRP A 4093 -31.82 -45.22 21.31
C TRP A 4093 -31.04 -46.45 21.76
N ASP A 4094 -30.40 -46.35 22.94
CA ASP A 4094 -29.72 -47.40 23.70
C ASP A 4094 -29.07 -48.47 22.82
N PRO A 4095 -28.02 -48.12 22.07
CA PRO A 4095 -27.43 -49.09 21.13
C PRO A 4095 -26.97 -50.39 21.76
N GLU A 4096 -26.53 -50.33 23.03
CA GLU A 4096 -26.09 -51.52 23.74
C GLU A 4096 -27.19 -52.13 24.60
N HIS A 4097 -28.41 -51.59 24.53
CA HIS A 4097 -29.60 -52.15 25.17
C HIS A 4097 -29.46 -52.26 26.69
N ILE A 4098 -28.70 -51.37 27.33
CA ILE A 4098 -28.60 -51.41 28.78
C ILE A 4098 -29.60 -50.47 29.43
N GLY A 4099 -30.01 -49.42 28.73
CA GLY A 4099 -30.99 -48.49 29.27
C GLY A 4099 -30.58 -47.04 29.20
N LEU A 4100 -29.45 -46.76 28.55
CA LEU A 4100 -28.95 -45.40 28.38
C LEU A 4100 -28.81 -45.12 26.88
N SER A 4101 -29.43 -44.05 26.42
CA SER A 4101 -29.31 -43.63 25.03
C SER A 4101 -28.13 -42.67 24.87
N VAL A 4102 -27.71 -42.49 23.62
CA VAL A 4102 -26.59 -41.62 23.28
C VAL A 4102 -27.12 -40.43 22.50
N VAL A 4103 -26.84 -39.23 22.99
CA VAL A 4103 -27.20 -37.99 22.29
C VAL A 4103 -25.94 -37.35 21.75
N TYR A 4104 -26.05 -36.72 20.59
CA TYR A 4104 -24.92 -36.07 19.94
C TYR A 4104 -25.24 -34.59 19.80
N TYR A 4105 -24.39 -33.74 20.39
CA TYR A 4105 -24.55 -32.29 20.32
C TYR A 4105 -23.27 -31.66 19.82
N THR A 4106 -23.40 -30.69 18.92
CA THR A 4106 -22.27 -29.96 18.37
C THR A 4106 -22.06 -28.65 19.12
N VAL A 4107 -20.91 -28.03 18.88
CA VAL A 4107 -20.59 -26.74 19.49
C VAL A 4107 -20.11 -25.79 18.41
N LEU A 4108 -20.68 -24.58 18.38
CA LEU A 4108 -20.14 -23.53 17.56
C LEU A 4108 -18.85 -23.00 18.18
N ALA A 4109 -18.19 -22.10 17.46
CA ALA A 4109 -16.89 -21.60 17.86
C ALA A 4109 -16.87 -20.09 17.85
N GLN A 4110 -16.07 -19.51 18.74
CA GLN A 4110 -15.81 -18.08 18.76
C GLN A 4110 -14.31 -17.86 18.91
N GLY A 4111 -13.82 -16.80 18.28
CA GLY A 4111 -12.41 -16.49 18.38
C GLY A 4111 -11.53 -17.53 17.70
N SER A 4112 -10.36 -17.77 18.29
CA SER A 4112 -9.37 -18.65 17.68
C SER A 4112 -9.84 -20.10 17.61
N GLN A 4113 -10.47 -20.60 18.67
CA GLN A 4113 -10.78 -22.03 18.74
C GLN A 4113 -11.86 -22.42 17.76
N PHE A 4114 -11.87 -23.70 17.39
CA PHE A 4114 -12.80 -24.24 16.41
C PHE A 4114 -13.93 -25.00 17.11
N GLY A 4115 -14.96 -25.30 16.32
CA GLY A 4115 -16.08 -26.07 16.81
C GLY A 4115 -15.78 -27.56 16.88
N ALA A 4116 -16.74 -28.31 17.40
CA ALA A 4116 -16.56 -29.74 17.58
C ALA A 4116 -17.92 -30.41 17.69
N ILE A 4117 -17.90 -31.74 17.67
CA ILE A 4117 -19.08 -32.56 17.89
C ILE A 4117 -18.81 -33.43 19.11
N LYS A 4118 -19.74 -33.44 20.06
CA LYS A 4118 -19.61 -34.21 21.29
C LYS A 4118 -20.83 -35.09 21.48
N ARG A 4119 -20.65 -36.16 22.25
CA ARG A 4119 -21.72 -37.09 22.55
C ARG A 4119 -21.78 -37.36 24.05
N ALA A 4120 -23.00 -37.57 24.54
CA ALA A 4120 -23.22 -37.80 25.96
C ALA A 4120 -24.39 -38.75 26.14
N TYR A 4121 -24.50 -39.31 27.34
CA TYR A 4121 -25.53 -40.30 27.63
C TYR A 4121 -26.73 -39.66 28.29
N ILE A 4122 -27.90 -40.25 28.06
CA ILE A 4122 -29.15 -39.78 28.65
C ILE A 4122 -29.90 -40.98 29.21
N PRO A 4123 -30.53 -40.87 30.39
CA PRO A 4123 -31.29 -42.00 30.93
C PRO A 4123 -32.59 -42.22 30.15
N ASN A 4124 -32.92 -43.49 29.94
CA ASN A 4124 -34.17 -43.85 29.27
C ASN A 4124 -35.32 -44.06 30.24
N PHE A 4125 -35.05 -44.20 31.53
CA PHE A 4125 -36.12 -44.42 32.50
C PHE A 4125 -36.78 -43.09 32.86
N GLU A 4126 -37.61 -43.13 33.91
CA GLU A 4126 -38.50 -42.00 34.20
C GLU A 4126 -37.72 -40.73 34.52
N SER A 4127 -36.79 -40.81 35.46
CA SER A 4127 -36.08 -39.60 35.90
C SER A 4127 -34.71 -39.97 36.43
N GLY A 4128 -33.77 -39.02 36.29
CA GLY A 4128 -32.43 -39.16 36.82
C GLY A 4128 -31.83 -37.82 37.17
N SER A 4129 -31.17 -37.73 38.32
CA SER A 4129 -30.63 -36.46 38.78
C SER A 4129 -29.31 -36.71 39.52
N ASN A 4130 -28.57 -35.63 39.72
CA ASN A 4130 -27.31 -35.60 40.47
C ASN A 4130 -26.24 -36.50 39.85
N ASN A 4131 -26.51 -37.04 38.67
CA ASN A 4131 -25.55 -37.89 37.98
C ASN A 4131 -24.52 -37.03 37.26
N PRO A 4132 -23.22 -37.21 37.53
CA PRO A 4132 -22.21 -36.40 36.84
C PRO A 4132 -22.02 -36.81 35.39
N ILE A 4133 -22.87 -36.28 34.51
CA ILE A 4133 -22.79 -36.63 33.09
C ILE A 4133 -21.46 -36.13 32.53
N ARG A 4134 -20.74 -37.01 31.85
CA ARG A 4134 -19.43 -36.70 31.28
C ARG A 4134 -19.53 -36.72 29.75
N GLU A 4135 -18.90 -35.74 29.10
CA GLU A 4135 -18.91 -35.62 27.66
C GLU A 4135 -17.57 -36.03 27.07
N VAL A 4136 -17.61 -36.42 25.79
CA VAL A 4136 -16.42 -36.85 25.06
C VAL A 4136 -16.46 -36.24 23.67
N ASP A 4137 -15.31 -35.79 23.18
CA ASP A 4137 -15.20 -35.19 21.86
C ASP A 4137 -14.86 -36.27 20.84
N LEU A 4138 -15.48 -36.18 19.66
CA LEU A 4138 -15.21 -37.13 18.58
C LEU A 4138 -13.88 -36.88 17.90
N GLY A 4139 -13.20 -35.78 18.20
CA GLY A 4139 -11.95 -35.48 17.55
C GLY A 4139 -12.08 -34.92 16.15
N LEU A 4140 -13.30 -34.54 15.75
CA LEU A 4140 -13.54 -33.97 14.43
C LEU A 4140 -13.03 -32.52 14.44
N LYS A 4141 -11.84 -32.31 13.90
CA LYS A 4141 -11.26 -30.99 13.89
C LYS A 4141 -11.85 -30.13 12.77
N TYR A 4142 -11.55 -28.85 12.82
CA TYR A 4142 -11.83 -27.91 11.72
C TYR A 4142 -13.32 -27.81 11.42
N LEU A 4143 -14.08 -27.35 12.40
CA LEU A 4143 -15.52 -27.13 12.25
C LEU A 4143 -15.85 -25.67 12.54
N MET A 4144 -16.53 -25.02 11.60
CA MET A 4144 -16.89 -23.61 11.73
C MET A 4144 -18.29 -23.42 12.30
N GLN A 4145 -19.30 -23.92 11.59
CA GLN A 4145 -20.70 -23.73 12.00
C GLN A 4145 -21.49 -24.97 11.62
N PRO A 4146 -21.59 -25.95 12.51
CA PRO A 4146 -22.44 -27.13 12.28
C PRO A 4146 -23.90 -26.86 12.56
N ASP A 4147 -24.54 -26.12 11.63
CA ASP A 4147 -25.94 -25.76 11.80
C ASP A 4147 -26.88 -26.96 11.75
N GLY A 4148 -26.46 -28.07 11.14
CA GLY A 4148 -27.31 -29.23 11.05
C GLY A 4148 -26.57 -30.52 11.32
N LEU A 4149 -27.16 -31.40 12.11
CA LEU A 4149 -26.55 -32.68 12.46
C LEU A 4149 -27.64 -33.75 12.52
N ALA A 4150 -27.31 -34.93 12.00
CA ALA A 4150 -28.21 -36.08 12.05
C ALA A 4150 -27.39 -37.34 12.28
N VAL A 4151 -28.04 -38.34 12.87
CA VAL A 4151 -27.40 -39.61 13.19
C VAL A 4151 -28.19 -40.74 12.54
N ASP A 4152 -27.46 -41.69 11.94
CA ASP A 4152 -28.07 -42.84 11.28
C ASP A 4152 -27.84 -44.06 12.17
N TRP A 4153 -28.93 -44.63 12.69
CA TRP A 4153 -28.82 -45.79 13.56
C TRP A 4153 -28.52 -47.06 12.78
N VAL A 4154 -28.75 -47.05 11.47
CA VAL A 4154 -28.44 -48.20 10.62
C VAL A 4154 -27.08 -48.01 9.97
N GLY A 4155 -26.04 -48.56 10.59
CA GLY A 4155 -24.69 -48.44 10.08
C GLY A 4155 -23.75 -47.63 10.95
N ARG A 4156 -24.24 -47.07 12.06
CA ARG A 4156 -23.43 -46.27 12.98
C ARG A 4156 -22.71 -45.13 12.25
N HIS A 4157 -23.48 -44.27 11.59
CA HIS A 4157 -22.94 -43.13 10.86
C HIS A 4157 -23.55 -41.83 11.38
N ILE A 4158 -22.80 -40.74 11.22
CA ILE A 4158 -23.22 -39.41 11.67
C ILE A 4158 -23.15 -38.47 10.48
N TYR A 4159 -24.19 -37.64 10.32
CA TYR A 4159 -24.28 -36.71 9.21
C TYR A 4159 -24.33 -35.29 9.77
N TRP A 4160 -23.51 -34.40 9.21
CA TRP A 4160 -23.57 -32.99 9.57
C TRP A 4160 -23.07 -32.15 8.40
N SER A 4161 -23.49 -30.89 8.38
CA SER A 4161 -23.15 -29.95 7.32
C SER A 4161 -22.57 -28.68 7.93
N ASP A 4162 -21.55 -28.14 7.29
CA ASP A 4162 -20.94 -26.89 7.70
C ASP A 4162 -21.46 -25.76 6.82
N ALA A 4163 -22.13 -24.79 7.44
CA ALA A 4163 -22.63 -23.65 6.69
C ALA A 4163 -21.49 -22.84 6.08
N LYS A 4164 -20.42 -22.64 6.83
CA LYS A 4164 -19.30 -21.84 6.33
C LYS A 4164 -18.49 -22.61 5.29
N SER A 4165 -18.24 -23.90 5.54
CA SER A 4165 -17.48 -24.70 4.59
C SER A 4165 -18.28 -25.09 3.36
N GLN A 4166 -19.61 -24.98 3.43
CA GLN A 4166 -20.50 -25.32 2.31
C GLN A 4166 -20.31 -26.78 1.88
N ARG A 4167 -20.31 -27.67 2.86
CA ARG A 4167 -20.12 -29.10 2.62
C ARG A 4167 -21.06 -29.89 3.52
N ILE A 4168 -21.11 -31.20 3.28
CA ILE A 4168 -21.77 -32.15 4.17
C ILE A 4168 -20.79 -33.29 4.40
N GLU A 4169 -20.50 -33.60 5.66
CA GLU A 4169 -19.48 -34.56 6.00
C GLU A 4169 -20.10 -35.91 6.38
N VAL A 4170 -19.25 -36.91 6.57
CA VAL A 4170 -19.67 -38.23 7.03
C VAL A 4170 -18.51 -38.87 7.76
N ALA A 4171 -18.83 -39.64 8.80
CA ALA A 4171 -17.83 -40.35 9.59
C ALA A 4171 -18.56 -41.38 10.43
N THR A 4172 -17.78 -42.23 11.10
CA THR A 4172 -18.36 -43.20 12.02
C THR A 4172 -18.83 -42.51 13.28
N LEU A 4173 -19.43 -43.30 14.19
CA LEU A 4173 -19.98 -42.72 15.42
C LEU A 4173 -18.89 -42.10 16.28
N ASP A 4174 -17.67 -42.63 16.22
CA ASP A 4174 -16.53 -41.99 16.87
C ASP A 4174 -15.88 -40.92 16.01
N GLY A 4175 -16.38 -40.71 14.79
CA GLY A 4175 -15.88 -39.64 13.93
C GLY A 4175 -14.45 -39.82 13.48
N ARG A 4176 -14.08 -41.03 13.04
CA ARG A 4176 -12.73 -41.23 12.52
C ARG A 4176 -12.69 -41.08 11.00
N TYR A 4177 -13.40 -41.95 10.29
CA TYR A 4177 -13.32 -42.00 8.83
C TYR A 4177 -14.10 -40.84 8.24
N ARG A 4178 -13.48 -39.67 8.28
CA ARG A 4178 -14.10 -38.46 7.76
C ARG A 4178 -14.10 -38.47 6.25
N LYS A 4179 -15.19 -37.98 5.66
CA LYS A 4179 -15.32 -37.90 4.21
C LYS A 4179 -16.39 -36.89 3.85
N TRP A 4180 -16.15 -36.13 2.79
CA TRP A 4180 -17.13 -35.20 2.25
C TRP A 4180 -18.08 -35.97 1.34
N LEU A 4181 -19.38 -35.81 1.58
CA LEU A 4181 -20.37 -36.47 0.72
C LEU A 4181 -20.74 -35.58 -0.46
N ILE A 4182 -21.28 -34.40 -0.19
CA ILE A 4182 -21.59 -33.42 -1.21
C ILE A 4182 -20.90 -32.11 -0.84
N THR A 4183 -20.17 -31.54 -1.80
CA THR A 4183 -19.38 -30.34 -1.52
C THR A 4183 -19.46 -29.31 -2.64
N THR A 4184 -20.40 -29.44 -3.57
CA THR A 4184 -20.49 -28.53 -4.70
C THR A 4184 -21.88 -27.90 -4.76
N GLN A 4185 -21.92 -26.61 -5.08
CA GLN A 4185 -23.15 -25.85 -5.27
C GLN A 4185 -23.99 -25.82 -3.99
N LEU A 4186 -23.38 -25.30 -2.92
CA LEU A 4186 -24.08 -24.98 -1.69
C LEU A 4186 -23.71 -23.58 -1.27
N ASP A 4187 -24.71 -22.77 -0.93
CA ASP A 4187 -24.46 -21.42 -0.43
C ASP A 4187 -24.41 -21.40 1.09
N GLN A 4188 -25.50 -21.79 1.74
CA GLN A 4188 -25.58 -21.86 3.19
C GLN A 4188 -26.42 -23.07 3.57
N PRO A 4189 -25.79 -24.24 3.67
CA PRO A 4189 -26.56 -25.46 3.98
C PRO A 4189 -27.16 -25.40 5.37
N ALA A 4190 -28.47 -25.64 5.44
CA ALA A 4190 -29.21 -25.66 6.70
C ALA A 4190 -29.26 -27.07 7.27
N ALA A 4191 -30.12 -27.29 8.26
CA ALA A 4191 -30.25 -28.59 8.93
C ALA A 4191 -30.56 -29.72 7.94
N ILE A 4192 -30.33 -30.95 8.37
CA ILE A 4192 -30.42 -32.11 7.49
C ILE A 4192 -31.33 -33.16 8.14
N ALA A 4193 -31.76 -34.11 7.32
CA ALA A 4193 -32.58 -35.24 7.77
C ALA A 4193 -32.16 -36.49 7.01
N VAL A 4194 -32.43 -37.65 7.61
CA VAL A 4194 -32.05 -38.93 7.05
C VAL A 4194 -33.22 -39.90 7.14
N ASN A 4195 -33.41 -40.69 6.07
CA ASN A 4195 -34.45 -41.72 6.02
C ASN A 4195 -33.78 -43.02 5.61
N PRO A 4196 -33.24 -43.78 6.56
CA PRO A 4196 -32.54 -45.03 6.20
C PRO A 4196 -33.41 -46.05 5.52
N LYS A 4197 -34.72 -46.09 5.81
CA LYS A 4197 -35.59 -47.10 5.22
C LYS A 4197 -35.66 -46.94 3.71
N LEU A 4198 -35.79 -45.71 3.23
CA LEU A 4198 -35.79 -45.43 1.79
C LEU A 4198 -34.40 -45.08 1.27
N GLY A 4199 -33.40 -44.99 2.14
CA GLY A 4199 -32.05 -44.67 1.73
C GLY A 4199 -31.89 -43.30 1.09
N LEU A 4200 -32.53 -42.28 1.67
CA LEU A 4200 -32.47 -40.92 1.15
C LEU A 4200 -32.22 -39.94 2.28
N MET A 4201 -31.26 -39.05 2.08
CA MET A 4201 -30.97 -37.97 3.01
C MET A 4201 -31.45 -36.65 2.40
N PHE A 4202 -31.83 -35.72 3.28
CA PHE A 4202 -32.41 -34.45 2.86
C PHE A 4202 -31.60 -33.29 3.43
N TRP A 4203 -31.49 -32.22 2.64
CA TRP A 4203 -30.79 -31.01 3.07
C TRP A 4203 -31.38 -29.82 2.32
N THR A 4204 -31.16 -28.63 2.87
CA THR A 4204 -31.67 -27.40 2.28
C THR A 4204 -30.59 -26.34 2.26
N ASP A 4205 -30.84 -25.29 1.48
CA ASP A 4205 -29.95 -24.14 1.37
C ASP A 4205 -30.74 -22.87 1.63
N GLN A 4206 -30.09 -21.90 2.28
CA GLN A 4206 -30.75 -20.64 2.64
C GLN A 4206 -29.98 -19.42 2.14
N GLY A 4207 -29.11 -19.58 1.16
CA GLY A 4207 -28.35 -18.47 0.65
C GLY A 4207 -29.12 -17.62 -0.34
N LYS A 4208 -28.46 -17.21 -1.43
CA LYS A 4208 -29.15 -16.46 -2.47
C LYS A 4208 -30.18 -17.30 -3.22
N GLN A 4209 -29.97 -18.61 -3.33
CA GLN A 4209 -30.88 -19.51 -4.03
C GLN A 4209 -31.42 -20.52 -3.02
N PRO A 4210 -32.54 -20.23 -2.37
CA PRO A 4210 -33.12 -21.17 -1.41
C PRO A 4210 -33.65 -22.41 -2.12
N LYS A 4211 -33.15 -23.58 -1.70
CA LYS A 4211 -33.52 -24.85 -2.29
C LYS A 4211 -33.63 -25.92 -1.20
N ILE A 4212 -34.36 -26.99 -1.53
CA ILE A 4212 -34.41 -28.19 -0.71
C ILE A 4212 -34.07 -29.37 -1.61
N GLU A 4213 -33.12 -30.20 -1.16
CA GLU A 4213 -32.57 -31.26 -1.98
C GLU A 4213 -32.54 -32.57 -1.22
N SER A 4214 -32.46 -33.67 -1.99
CA SER A 4214 -32.32 -35.00 -1.43
C SER A 4214 -31.40 -35.82 -2.33
N ALA A 4215 -30.77 -36.82 -1.74
CA ALA A 4215 -29.85 -37.68 -2.46
C ALA A 4215 -29.63 -38.95 -1.67
N TRP A 4216 -28.91 -39.90 -2.28
CA TRP A 4216 -28.56 -41.13 -1.58
C TRP A 4216 -27.55 -40.84 -0.48
N MET A 4217 -27.44 -41.78 0.46
CA MET A 4217 -26.53 -41.62 1.59
C MET A 4217 -25.06 -41.68 1.18
N ASN A 4218 -24.75 -42.13 -0.04
CA ASN A 4218 -23.37 -42.19 -0.50
C ASN A 4218 -23.00 -41.03 -1.42
N GLY A 4219 -23.87 -40.03 -1.53
CA GLY A 4219 -23.54 -38.79 -2.23
C GLY A 4219 -23.96 -38.71 -3.67
N GLU A 4220 -24.49 -39.78 -4.25
CA GLU A 4220 -24.90 -39.74 -5.65
C GLU A 4220 -26.41 -39.56 -5.77
N HIS A 4221 -26.86 -39.38 -7.01
CA HIS A 4221 -28.27 -39.18 -7.34
C HIS A 4221 -28.85 -37.97 -6.61
N ARG A 4222 -28.17 -36.84 -6.72
CA ARG A 4222 -28.64 -35.61 -6.10
C ARG A 4222 -29.75 -34.98 -6.93
N SER A 4223 -30.80 -34.52 -6.25
CA SER A 4223 -31.93 -33.90 -6.91
C SER A 4223 -32.52 -32.84 -6.01
N VAL A 4224 -33.27 -31.92 -6.63
CA VAL A 4224 -33.90 -30.80 -5.93
C VAL A 4224 -35.40 -31.08 -5.81
N LEU A 4225 -35.94 -30.92 -4.60
CA LEU A 4225 -37.36 -31.22 -4.39
C LEU A 4225 -38.22 -30.09 -4.94
N VAL A 4226 -38.12 -28.89 -4.35
CA VAL A 4226 -38.80 -27.71 -4.84
C VAL A 4226 -37.85 -26.52 -4.74
N SER A 4227 -38.13 -25.50 -5.52
CA SER A 4227 -37.35 -24.26 -5.46
C SER A 4227 -38.21 -23.01 -5.59
N GLU A 4228 -39.53 -23.14 -5.62
CA GLU A 4228 -40.44 -22.01 -5.79
C GLU A 4228 -41.14 -21.70 -4.47
N ASN A 4229 -41.46 -20.43 -4.27
CA ASN A 4229 -42.20 -19.96 -3.10
C ASN A 4229 -41.52 -20.39 -1.81
N LEU A 4230 -40.20 -20.22 -1.76
CA LEU A 4230 -39.39 -20.61 -0.60
C LEU A 4230 -38.64 -19.40 -0.08
N GLY A 4231 -38.59 -19.26 1.24
CA GLY A 4231 -37.89 -18.16 1.87
C GLY A 4231 -36.59 -18.58 2.54
N TRP A 4232 -36.63 -18.77 3.86
CA TRP A 4232 -35.47 -19.16 4.64
C TRP A 4232 -35.77 -20.47 5.35
N PRO A 4233 -35.49 -21.61 4.70
CA PRO A 4233 -35.68 -22.89 5.39
C PRO A 4233 -34.76 -23.02 6.59
N ASN A 4234 -35.30 -23.60 7.67
CA ASN A 4234 -34.53 -23.68 8.91
C ASN A 4234 -34.47 -25.09 9.49
N GLY A 4235 -35.54 -25.86 9.38
CA GLY A 4235 -35.58 -27.17 10.01
C GLY A 4235 -36.32 -28.18 9.14
N LEU A 4236 -35.93 -29.44 9.27
CA LEU A 4236 -36.48 -30.53 8.49
C LEU A 4236 -36.99 -31.64 9.41
N SER A 4237 -38.02 -32.34 8.95
CA SER A 4237 -38.57 -33.47 9.68
C SER A 4237 -39.27 -34.40 8.70
N ILE A 4238 -39.24 -35.70 9.00
CA ILE A 4238 -39.86 -36.72 8.18
C ILE A 4238 -40.87 -37.49 9.03
N ASP A 4239 -42.08 -37.64 8.50
CA ASP A 4239 -43.11 -38.46 9.16
C ASP A 4239 -42.89 -39.91 8.72
N TYR A 4240 -42.26 -40.69 9.60
CA TYR A 4240 -41.88 -42.06 9.24
C TYR A 4240 -43.08 -42.96 9.01
N LEU A 4241 -44.25 -42.60 9.53
CA LEU A 4241 -45.43 -43.46 9.41
C LEU A 4241 -46.37 -43.06 8.29
N ASN A 4242 -46.41 -41.78 7.91
CA ASN A 4242 -47.34 -41.31 6.89
C ASN A 4242 -46.67 -41.33 5.50
N ASP A 4243 -46.30 -42.54 5.08
CA ASP A 4243 -45.70 -42.77 3.76
C ASP A 4243 -44.44 -41.93 3.57
N ASP A 4244 -43.67 -41.79 4.66
CA ASP A 4244 -42.39 -41.08 4.64
C ASP A 4244 -42.54 -39.65 4.11
N ARG A 4245 -43.61 -38.98 4.53
CA ARG A 4245 -43.80 -37.59 4.17
C ARG A 4245 -42.80 -36.70 4.92
N VAL A 4246 -42.37 -35.62 4.25
CA VAL A 4246 -41.35 -34.73 4.79
C VAL A 4246 -41.98 -33.37 5.06
N TYR A 4247 -41.44 -32.67 6.06
CA TYR A 4247 -41.90 -31.35 6.45
C TYR A 4247 -40.72 -30.40 6.57
N TRP A 4248 -40.99 -29.11 6.40
CA TRP A 4248 -39.94 -28.09 6.53
C TRP A 4248 -40.59 -26.77 6.93
N SER A 4249 -39.75 -25.87 7.44
CA SER A 4249 -40.20 -24.58 7.93
C SER A 4249 -39.70 -23.45 7.04
N ASP A 4250 -39.99 -22.21 7.44
CA ASP A 4250 -39.57 -21.03 6.71
C ASP A 4250 -39.60 -19.85 7.67
N SER A 4251 -38.47 -19.18 7.84
CA SER A 4251 -38.37 -18.05 8.75
C SER A 4251 -38.78 -16.72 8.10
N LYS A 4252 -39.05 -16.73 6.79
CA LYS A 4252 -39.50 -15.54 6.08
C LYS A 4252 -40.96 -15.62 5.69
N GLU A 4253 -41.38 -16.74 5.09
CA GLU A 4253 -42.79 -16.93 4.77
C GLU A 4253 -43.62 -17.26 6.01
N ASP A 4254 -42.97 -17.72 7.08
CA ASP A 4254 -43.63 -18.03 8.35
C ASP A 4254 -44.73 -19.08 8.16
N VAL A 4255 -44.35 -20.18 7.50
CA VAL A 4255 -45.26 -21.28 7.23
C VAL A 4255 -44.54 -22.60 7.44
N ILE A 4256 -45.31 -23.66 7.62
CA ILE A 4256 -44.80 -25.03 7.63
C ILE A 4256 -45.52 -25.81 6.54
N GLU A 4257 -44.76 -26.42 5.64
CA GLU A 4257 -45.30 -27.13 4.49
C GLU A 4257 -44.89 -28.59 4.53
N ALA A 4258 -45.59 -29.40 3.75
CA ALA A 4258 -45.31 -30.83 3.66
C ALA A 4258 -45.36 -31.25 2.20
N ILE A 4259 -44.61 -32.31 1.89
CA ILE A 4259 -44.56 -32.85 0.54
C ILE A 4259 -44.03 -34.28 0.63
N LYS A 4260 -44.35 -35.09 -0.38
CA LYS A 4260 -43.90 -36.47 -0.40
C LYS A 4260 -42.40 -36.53 -0.67
N TYR A 4261 -41.82 -37.72 -0.47
CA TYR A 4261 -40.39 -37.88 -0.61
C TYR A 4261 -39.92 -37.65 -2.04
N ASP A 4262 -40.75 -38.02 -3.02
CA ASP A 4262 -40.39 -37.77 -4.42
C ASP A 4262 -40.61 -36.32 -4.81
N GLY A 4263 -41.45 -35.59 -4.08
CA GLY A 4263 -41.66 -34.18 -4.35
C GLY A 4263 -42.94 -33.86 -5.10
N THR A 4264 -44.05 -34.48 -4.71
CA THR A 4264 -45.33 -34.25 -5.33
C THR A 4264 -46.36 -33.83 -4.29
N ASP A 4265 -47.37 -33.08 -4.74
CA ASP A 4265 -48.47 -32.62 -3.91
C ASP A 4265 -47.97 -31.77 -2.73
N ARG A 4266 -47.37 -30.64 -3.08
CA ARG A 4266 -46.96 -29.67 -2.07
C ARG A 4266 -48.18 -29.05 -1.42
N ARG A 4267 -48.18 -28.98 -0.09
CA ARG A 4267 -49.32 -28.46 0.66
C ARG A 4267 -48.84 -27.51 1.73
N LEU A 4268 -49.64 -26.46 1.97
CA LEU A 4268 -49.40 -25.51 3.06
C LEU A 4268 -50.17 -26.01 4.28
N ILE A 4269 -49.46 -26.59 5.24
CA ILE A 4269 -50.12 -27.21 6.38
C ILE A 4269 -50.65 -26.14 7.33
N ILE A 4270 -49.76 -25.32 7.89
CA ILE A 4270 -50.13 -24.27 8.83
C ILE A 4270 -49.45 -22.98 8.42
N ASN A 4271 -50.13 -21.86 8.64
CA ASN A 4271 -49.62 -20.54 8.30
C ASN A 4271 -49.58 -19.66 9.53
N GLU A 4272 -48.70 -18.65 9.49
CA GLU A 4272 -48.52 -17.70 10.59
C GLU A 4272 -48.11 -18.43 11.87
N ALA A 4273 -46.94 -19.07 11.81
CA ALA A 4273 -46.40 -19.83 12.93
C ALA A 4273 -45.48 -19.00 13.81
N MET A 4274 -45.34 -17.71 13.55
CA MET A 4274 -44.51 -16.80 14.33
C MET A 4274 -43.05 -17.25 14.35
N LYS A 4275 -42.46 -17.30 13.14
CA LYS A 4275 -41.04 -17.58 12.93
C LYS A 4275 -40.63 -18.92 13.52
N PRO A 4276 -41.06 -20.04 12.94
CA PRO A 4276 -40.60 -21.34 13.44
C PRO A 4276 -39.14 -21.58 13.11
N PHE A 4277 -38.50 -22.42 13.92
CA PHE A 4277 -37.08 -22.74 13.72
C PHE A 4277 -36.86 -24.21 13.39
N SER A 4278 -37.38 -25.13 14.19
CA SER A 4278 -37.19 -26.55 13.97
C SER A 4278 -38.51 -27.28 14.17
N LEU A 4279 -38.61 -28.47 13.59
CA LEU A 4279 -39.83 -29.26 13.63
C LEU A 4279 -39.56 -30.64 14.23
N ASP A 4280 -40.62 -31.25 14.74
CA ASP A 4280 -40.58 -32.64 15.18
C ASP A 4280 -42.00 -33.18 15.14
N ILE A 4281 -42.17 -34.39 14.59
CA ILE A 4281 -43.47 -35.01 14.43
C ILE A 4281 -43.49 -36.30 15.23
N PHE A 4282 -44.42 -36.39 16.18
CA PHE A 4282 -44.64 -37.61 16.95
C PHE A 4282 -46.14 -37.81 17.11
N GLU A 4283 -46.54 -39.08 17.23
CA GLU A 4283 -47.95 -39.45 17.33
C GLU A 4283 -48.72 -38.89 16.15
N ASP A 4284 -49.55 -37.88 16.41
CA ASP A 4284 -50.33 -37.21 15.38
C ASP A 4284 -50.29 -35.68 15.55
N LYS A 4285 -49.19 -35.16 16.08
CA LYS A 4285 -49.07 -33.73 16.34
C LYS A 4285 -47.70 -33.24 15.87
N LEU A 4286 -47.63 -31.95 15.60
CA LEU A 4286 -46.42 -31.30 15.11
C LEU A 4286 -45.90 -30.31 16.15
N TYR A 4287 -44.58 -30.24 16.28
CA TYR A 4287 -43.92 -29.38 17.25
C TYR A 4287 -43.08 -28.34 16.53
N TRP A 4288 -43.11 -27.11 17.04
CA TRP A 4288 -42.25 -26.04 16.52
C TRP A 4288 -42.02 -25.01 17.62
N VAL A 4289 -40.98 -24.21 17.45
CA VAL A 4289 -40.55 -23.23 18.43
C VAL A 4289 -40.44 -21.87 17.76
N ALA A 4290 -41.04 -20.85 18.39
CA ALA A 4290 -40.90 -19.49 17.92
C ALA A 4290 -39.55 -18.94 18.36
N LYS A 4291 -38.67 -18.66 17.39
CA LYS A 4291 -37.29 -18.29 17.71
C LYS A 4291 -37.23 -16.95 18.44
N GLU A 4292 -37.98 -15.96 17.95
CA GLU A 4292 -37.88 -14.62 18.51
C GLU A 4292 -38.54 -14.48 19.87
N LYS A 4293 -39.30 -15.48 20.32
CA LYS A 4293 -39.95 -15.44 21.63
C LYS A 4293 -39.58 -16.62 22.52
N GLY A 4294 -39.24 -17.77 21.95
CA GLY A 4294 -38.80 -18.91 22.74
C GLY A 4294 -39.91 -19.82 23.23
N GLU A 4295 -41.09 -19.74 22.64
CA GLU A 4295 -42.21 -20.59 23.06
C GLU A 4295 -42.26 -21.86 22.21
N VAL A 4296 -42.87 -22.89 22.78
CA VAL A 4296 -43.08 -24.17 22.11
C VAL A 4296 -44.58 -24.38 21.92
N TRP A 4297 -44.95 -24.98 20.79
CA TRP A 4297 -46.35 -25.10 20.41
C TRP A 4297 -46.62 -26.48 19.86
N ARG A 4298 -47.89 -26.88 19.90
CA ARG A 4298 -48.35 -28.11 19.28
C ARG A 4298 -49.54 -27.82 18.36
N GLN A 4299 -49.71 -28.68 17.38
CA GLN A 4299 -50.83 -28.61 16.45
C GLN A 4299 -50.93 -29.96 15.75
N ASN A 4300 -52.15 -30.28 15.28
CA ASN A 4300 -52.35 -31.51 14.54
C ASN A 4300 -51.46 -31.54 13.30
N LYS A 4301 -50.82 -32.69 13.06
CA LYS A 4301 -49.91 -32.80 11.92
C LYS A 4301 -50.62 -32.70 10.59
N PHE A 4302 -51.94 -32.80 10.58
CA PHE A 4302 -52.74 -32.58 9.38
C PHE A 4302 -53.22 -31.14 9.26
N GLY A 4303 -52.87 -30.28 10.20
CA GLY A 4303 -53.21 -28.86 10.12
C GLY A 4303 -54.68 -28.54 10.21
N LYS A 4304 -55.41 -29.19 11.12
CA LYS A 4304 -56.83 -28.94 11.32
C LYS A 4304 -57.14 -28.83 12.81
N GLU A 4305 -56.31 -28.09 13.54
CA GLU A 4305 -56.50 -27.95 14.98
C GLU A 4305 -55.87 -26.63 15.42
N ASN A 4306 -56.27 -26.18 16.61
CA ASN A 4306 -55.75 -24.93 17.16
C ASN A 4306 -54.28 -25.07 17.53
N LYS A 4307 -53.63 -23.91 17.69
CA LYS A 4307 -52.21 -23.86 18.04
C LYS A 4307 -52.08 -23.87 19.56
N GLU A 4308 -51.85 -25.06 20.11
CA GLU A 4308 -51.75 -25.21 21.56
C GLU A 4308 -50.38 -24.73 22.05
N LYS A 4309 -50.36 -24.23 23.28
CA LYS A 4309 -49.14 -23.73 23.91
C LYS A 4309 -48.61 -24.73 24.92
N VAL A 4310 -47.28 -24.80 25.03
CA VAL A 4310 -46.64 -25.76 25.92
C VAL A 4310 -45.73 -25.06 26.92
N LEU A 4311 -44.70 -24.38 26.42
CA LEU A 4311 -43.66 -23.84 27.27
C LEU A 4311 -43.24 -22.46 26.79
N VAL A 4312 -42.68 -21.67 27.71
CA VAL A 4312 -42.08 -20.38 27.42
C VAL A 4312 -40.65 -20.42 27.92
N VAL A 4313 -39.69 -20.25 27.01
CA VAL A 4313 -38.27 -20.37 27.32
C VAL A 4313 -37.54 -19.14 26.80
N ASN A 4314 -36.30 -18.98 27.29
CA ASN A 4314 -35.46 -17.86 26.89
C ASN A 4314 -35.07 -17.97 25.42
N PRO A 4315 -34.72 -16.85 24.79
CA PRO A 4315 -34.41 -16.88 23.35
C PRO A 4315 -33.19 -17.71 22.98
N TRP A 4316 -32.44 -18.22 23.95
CA TRP A 4316 -31.31 -19.10 23.64
C TRP A 4316 -31.73 -20.46 23.15
N LEU A 4317 -33.03 -20.78 23.18
CA LEU A 4317 -33.53 -22.05 22.66
C LEU A 4317 -33.15 -22.18 21.18
N THR A 4318 -32.70 -23.37 20.80
CA THR A 4318 -32.23 -23.62 19.44
C THR A 4318 -33.04 -24.66 18.69
N GLN A 4319 -33.60 -25.66 19.37
CA GLN A 4319 -34.26 -26.76 18.68
C GLN A 4319 -35.23 -27.44 19.64
N VAL A 4320 -36.23 -28.10 19.07
CA VAL A 4320 -37.14 -28.97 19.80
C VAL A 4320 -37.03 -30.37 19.20
N ARG A 4321 -36.75 -31.36 20.04
CA ARG A 4321 -36.55 -32.73 19.58
C ARG A 4321 -37.27 -33.68 20.52
N ILE A 4322 -37.97 -34.66 19.94
CA ILE A 4322 -38.71 -35.65 20.70
C ILE A 4322 -37.83 -36.87 20.92
N PHE A 4323 -37.73 -37.31 22.17
CA PHE A 4323 -36.88 -38.44 22.56
C PHE A 4323 -37.78 -39.65 22.80
N HIS A 4324 -37.91 -40.48 21.76
CA HIS A 4324 -38.75 -41.68 21.85
C HIS A 4324 -38.24 -42.71 20.86
N GLN A 4325 -38.38 -43.99 21.23
CA GLN A 4325 -37.91 -45.08 20.38
C GLN A 4325 -38.75 -45.20 19.11
N LEU A 4326 -40.06 -45.00 19.21
CA LEU A 4326 -40.93 -45.16 18.06
C LEU A 4326 -40.68 -44.12 16.98
N ARG A 4327 -39.96 -43.05 17.30
CA ARG A 4327 -39.62 -42.04 16.30
C ARG A 4327 -38.71 -42.60 15.22
N TYR A 4328 -37.85 -43.56 15.56
CA TYR A 4328 -36.85 -44.07 14.64
C TYR A 4328 -37.05 -45.52 14.20
N ASN A 4329 -37.83 -46.31 14.96
CA ASN A 4329 -38.13 -47.70 14.60
C ASN A 4329 -36.85 -48.52 14.43
N GLN A 4330 -36.18 -48.72 15.56
CA GLN A 4330 -34.89 -49.41 15.62
C GLN A 4330 -34.94 -50.83 15.07
N SER A 4331 -36.13 -51.32 14.73
CA SER A 4331 -36.27 -52.68 14.21
C SER A 4331 -35.66 -52.85 12.82
N VAL A 4332 -35.28 -51.77 12.15
CA VAL A 4332 -34.71 -51.87 10.81
C VAL A 4332 -33.38 -52.61 10.87
N SER A 4333 -33.21 -53.58 9.97
CA SER A 4333 -31.99 -54.38 9.94
C SER A 4333 -30.91 -53.69 9.10
N ASN A 4334 -29.66 -54.08 9.35
CA ASN A 4334 -28.54 -53.51 8.62
C ASN A 4334 -28.32 -54.27 7.32
N PRO A 4335 -28.44 -53.62 6.15
CA PRO A 4335 -28.21 -54.32 4.89
C PRO A 4335 -26.75 -54.61 4.58
N CYS A 4336 -25.82 -54.00 5.32
CA CYS A 4336 -24.40 -54.18 5.03
C CYS A 4336 -23.95 -55.61 5.30
N LYS A 4337 -23.04 -56.09 4.47
CA LYS A 4337 -22.48 -57.43 4.59
C LYS A 4337 -21.14 -57.46 5.32
N GLN A 4338 -20.71 -56.32 5.88
CA GLN A 4338 -19.42 -56.20 6.57
C GLN A 4338 -18.27 -56.61 5.65
N VAL A 4339 -18.32 -56.16 4.40
CA VAL A 4339 -17.30 -56.50 3.42
C VAL A 4339 -16.42 -55.28 3.16
N CYS A 4340 -16.97 -54.09 3.39
CA CYS A 4340 -16.23 -52.86 3.13
C CYS A 4340 -15.07 -52.71 4.12
N SER A 4341 -14.07 -51.93 3.70
CA SER A 4341 -12.86 -51.78 4.50
C SER A 4341 -13.02 -50.69 5.55
N HIS A 4342 -13.46 -49.49 5.14
CA HIS A 4342 -13.57 -48.35 6.05
C HIS A 4342 -15.01 -47.97 6.34
N LEU A 4343 -15.80 -47.70 5.30
CA LEU A 4343 -17.18 -47.24 5.48
C LEU A 4343 -18.12 -48.09 4.63
N CYS A 4344 -19.32 -48.33 5.17
CA CYS A 4344 -20.38 -49.07 4.47
C CYS A 4344 -21.63 -48.20 4.48
N LEU A 4345 -21.74 -47.32 3.49
CA LEU A 4345 -22.88 -46.42 3.40
C LEU A 4345 -24.08 -47.14 2.80
N LEU A 4346 -25.25 -46.54 3.00
CA LEU A 4346 -26.51 -47.14 2.58
C LEU A 4346 -27.01 -46.50 1.29
N ARG A 4347 -27.85 -47.25 0.58
CA ARG A 4347 -28.50 -46.80 -0.64
C ARG A 4347 -29.78 -47.60 -0.81
N PRO A 4348 -30.76 -47.07 -1.55
CA PRO A 4348 -32.03 -47.80 -1.73
C PRO A 4348 -31.84 -49.18 -2.33
N GLY A 4349 -32.15 -50.22 -1.56
CA GLY A 4349 -32.04 -51.59 -2.02
C GLY A 4349 -30.67 -52.20 -1.90
N GLY A 4350 -29.69 -51.51 -1.30
CA GLY A 4350 -28.36 -52.05 -1.17
C GLY A 4350 -27.44 -51.24 -0.29
N TYR A 4351 -26.13 -51.33 -0.57
CA TYR A 4351 -25.12 -50.60 0.20
C TYR A 4351 -23.96 -50.28 -0.73
N SER A 4352 -22.97 -49.56 -0.19
CA SER A 4352 -21.79 -49.19 -0.94
C SER A 4352 -20.63 -48.94 0.02
N CYS A 4353 -19.42 -49.12 -0.49
CA CYS A 4353 -18.21 -48.88 0.30
C CYS A 4353 -17.61 -47.54 -0.05
N ALA A 4354 -16.95 -46.92 0.93
CA ALA A 4354 -16.35 -45.60 0.75
C ALA A 4354 -15.01 -45.55 1.46
N CYS A 4355 -14.17 -44.63 1.01
CA CYS A 4355 -12.86 -44.37 1.58
C CYS A 4355 -12.87 -43.03 2.33
N PRO A 4356 -11.95 -42.86 3.27
CA PRO A 4356 -11.84 -41.55 3.94
C PRO A 4356 -11.48 -40.45 2.96
N GLN A 4357 -11.74 -39.21 3.36
CA GLN A 4357 -11.53 -38.08 2.48
C GLN A 4357 -10.07 -37.99 2.04
N GLY A 4358 -9.87 -37.65 0.77
CA GLY A 4358 -8.54 -37.58 0.21
C GLY A 4358 -7.86 -38.93 0.09
N SER A 4359 -8.63 -39.97 -0.23
CA SER A 4359 -8.07 -41.31 -0.42
C SER A 4359 -8.94 -42.08 -1.40
N ASP A 4360 -8.31 -42.99 -2.13
CA ASP A 4360 -8.99 -43.77 -3.15
C ASP A 4360 -8.75 -45.25 -2.89
N PHE A 4361 -9.54 -46.08 -3.58
CA PHE A 4361 -9.38 -47.52 -3.49
C PHE A 4361 -8.06 -47.95 -4.13
N VAL A 4362 -7.60 -49.14 -3.74
CA VAL A 4362 -6.47 -49.75 -4.42
C VAL A 4362 -6.84 -50.00 -5.87
N THR A 4363 -5.88 -49.76 -6.77
CA THR A 4363 -6.15 -49.88 -8.20
C THR A 4363 -6.67 -51.26 -8.56
N GLY A 4364 -7.72 -51.30 -9.38
CA GLY A 4364 -8.39 -52.51 -9.75
C GLY A 4364 -9.52 -52.93 -8.81
N SER A 4365 -9.39 -52.63 -7.53
CA SER A 4365 -10.40 -53.00 -6.54
C SER A 4365 -11.29 -51.81 -6.21
N THR A 4366 -12.48 -52.12 -5.69
CA THR A 4366 -13.44 -51.10 -5.29
C THR A 4366 -13.88 -51.26 -3.84
N VAL A 4367 -13.15 -52.04 -3.03
CA VAL A 4367 -13.54 -52.29 -1.66
C VAL A 4367 -12.46 -51.82 -0.71
N GLN A 4368 -11.21 -52.19 -1.00
CA GLN A 4368 -10.08 -51.91 -0.12
C GLN A 4368 -9.52 -50.52 -0.43
N CYS A 4369 -9.39 -49.69 0.61
CA CYS A 4369 -8.86 -48.35 0.48
C CYS A 4369 -7.36 -48.35 0.71
N ASP A 4370 -6.69 -47.33 0.14
CA ASP A 4370 -5.25 -47.22 0.30
C ASP A 4370 -4.87 -46.73 1.69
N ALA A 4371 -5.73 -45.92 2.30
CA ALA A 4371 -5.41 -45.33 3.59
C ALA A 4371 -5.47 -46.37 4.70
N ALA A 4372 -4.74 -46.09 5.78
CA ALA A 4372 -4.74 -46.97 6.93
C ALA A 4372 -6.05 -46.84 7.70
N SER A 4373 -6.26 -47.77 8.63
CA SER A 4373 -7.48 -47.80 9.44
C SER A 4373 -7.09 -47.65 10.91
N GLU A 4374 -7.66 -46.65 11.57
CA GLU A 4374 -7.39 -46.43 12.98
C GLU A 4374 -8.39 -47.19 13.85
N LEU A 4375 -7.96 -47.56 15.05
CA LEU A 4375 -8.81 -48.30 15.96
C LEU A 4375 -9.94 -47.41 16.49
N PRO A 4376 -11.07 -48.01 16.90
CA PRO A 4376 -12.17 -47.21 17.45
C PRO A 4376 -11.79 -46.62 18.80
N VAL A 4377 -12.69 -45.76 19.31
CA VAL A 4377 -12.49 -45.02 20.54
C VAL A 4377 -13.41 -45.59 21.60
N THR A 4378 -12.87 -45.85 22.79
CA THR A 4378 -13.65 -46.40 23.88
C THR A 4378 -14.58 -45.33 24.47
N MET A 4379 -15.62 -45.79 25.18
CA MET A 4379 -16.64 -44.93 25.75
C MET A 4379 -16.64 -45.03 27.27
N PRO A 4380 -16.68 -43.91 28.00
CA PRO A 4380 -16.71 -43.99 29.45
C PRO A 4380 -18.01 -44.57 29.95
N PRO A 4381 -18.01 -45.24 31.10
CA PRO A 4381 -19.24 -45.81 31.62
C PRO A 4381 -20.15 -44.73 32.19
N PRO A 4382 -21.47 -44.89 32.11
CA PRO A 4382 -22.37 -43.89 32.67
C PRO A 4382 -22.81 -44.19 34.10
N CYS A 4383 -23.53 -43.26 34.71
CA CYS A 4383 -24.14 -43.49 36.03
C CYS A 4383 -25.56 -44.01 35.82
N ARG A 4384 -25.69 -45.33 35.85
CA ARG A 4384 -26.97 -45.99 35.59
C ARG A 4384 -27.91 -45.97 36.78
N CYS A 4385 -27.46 -45.42 37.92
CA CYS A 4385 -28.25 -45.36 39.15
C CYS A 4385 -29.69 -44.95 38.88
N MET A 4386 -30.62 -45.79 39.34
CA MET A 4386 -32.04 -45.70 38.97
C MET A 4386 -32.88 -45.44 40.22
N HIS A 4387 -34.01 -44.77 40.00
CA HIS A 4387 -35.04 -44.57 41.03
C HIS A 4387 -34.52 -43.70 42.18
N GLY A 4388 -34.03 -42.52 41.82
CA GLY A 4388 -33.60 -41.56 42.82
C GLY A 4388 -32.30 -41.87 43.51
N GLY A 4389 -31.41 -42.62 42.86
CA GLY A 4389 -30.11 -42.94 43.43
C GLY A 4389 -29.11 -41.83 43.21
N ASN A 4390 -27.89 -42.09 43.69
CA ASN A 4390 -26.77 -41.17 43.55
C ASN A 4390 -25.58 -41.91 42.98
N CYS A 4391 -24.66 -41.17 42.36
CA CYS A 4391 -23.49 -41.74 41.71
C CYS A 4391 -22.23 -41.25 42.40
N TYR A 4392 -21.21 -42.10 42.41
CA TYR A 4392 -19.95 -41.81 43.09
C TYR A 4392 -18.82 -42.51 42.36
N PHE A 4393 -17.64 -41.90 42.38
CA PHE A 4393 -16.46 -42.43 41.70
C PHE A 4393 -15.37 -42.73 42.73
N ASP A 4394 -14.85 -43.94 42.70
CA ASP A 4394 -13.81 -44.39 43.61
C ASP A 4394 -12.44 -44.13 42.99
N GLU A 4395 -11.39 -44.73 43.58
CA GLU A 4395 -10.05 -44.61 43.01
C GLU A 4395 -10.00 -45.16 41.60
N ASN A 4396 -10.70 -46.25 41.33
CA ASN A 4396 -10.81 -46.78 39.98
C ASN A 4396 -11.67 -45.90 39.09
N GLU A 4397 -12.35 -44.89 39.65
CA GLU A 4397 -13.19 -43.95 38.93
C GLU A 4397 -14.37 -44.62 38.25
N LEU A 4398 -14.78 -45.79 38.73
CA LEU A 4398 -15.98 -46.44 38.23
C LEU A 4398 -17.21 -45.78 38.83
N PRO A 4399 -18.31 -45.68 38.08
CA PRO A 4399 -19.52 -45.05 38.62
C PRO A 4399 -20.25 -45.95 39.61
N LYS A 4400 -19.74 -46.03 40.83
CA LYS A 4400 -20.36 -46.84 41.87
C LYS A 4400 -21.50 -46.06 42.50
N CYS A 4401 -22.72 -46.56 42.32
CA CYS A 4401 -23.90 -45.84 42.78
C CYS A 4401 -24.06 -45.94 44.29
N LYS A 4402 -24.77 -44.97 44.86
CA LYS A 4402 -25.12 -44.92 46.27
C LYS A 4402 -26.64 -45.00 46.38
N CYS A 4403 -27.15 -46.17 46.75
CA CYS A 4403 -28.59 -46.37 46.81
C CYS A 4403 -29.23 -45.54 47.93
N SER A 4404 -30.48 -45.18 47.71
CA SER A 4404 -31.25 -44.43 48.70
C SER A 4404 -31.83 -45.38 49.74
N SER A 4405 -32.70 -44.84 50.60
CA SER A 4405 -33.30 -45.66 51.66
C SER A 4405 -34.29 -46.64 51.08
N GLY A 4406 -34.15 -47.91 51.47
CA GLY A 4406 -35.06 -48.96 51.04
C GLY A 4406 -34.75 -49.59 49.71
N TYR A 4407 -33.76 -49.08 48.98
CA TYR A 4407 -33.39 -49.61 47.68
C TYR A 4407 -32.05 -50.30 47.76
N SER A 4408 -31.94 -51.46 47.12
CA SER A 4408 -30.73 -52.26 47.13
C SER A 4408 -30.34 -52.55 45.68
N GLY A 4409 -29.29 -53.35 45.50
CA GLY A 4409 -28.80 -53.67 44.18
C GLY A 4409 -27.61 -52.81 43.78
N GLU A 4410 -27.00 -53.18 42.65
CA GLU A 4410 -25.84 -52.47 42.14
C GLU A 4410 -26.19 -51.04 41.75
N TYR A 4411 -27.12 -50.88 40.81
CA TYR A 4411 -27.54 -49.57 40.36
C TYR A 4411 -28.87 -49.16 40.97
N CYS A 4412 -29.28 -49.88 42.02
CA CYS A 4412 -30.49 -49.57 42.78
C CYS A 4412 -31.73 -49.55 41.88
N GLU A 4413 -32.02 -50.72 41.29
CA GLU A 4413 -33.11 -50.80 40.32
C GLU A 4413 -34.47 -50.72 41.00
N VAL A 4414 -34.75 -51.64 41.92
CA VAL A 4414 -36.05 -51.71 42.58
C VAL A 4414 -35.84 -51.91 44.06
N GLY A 4415 -36.82 -51.53 44.86
CA GLY A 4415 -36.76 -51.68 46.30
C GLY A 4415 -37.40 -50.53 47.05
N PRO B 1224 22.88 -13.59 -41.76
CA PRO B 1224 22.20 -12.34 -41.40
C PRO B 1224 20.70 -12.38 -41.66
N THR B 1225 20.00 -11.36 -41.19
CA THR B 1225 18.55 -11.33 -41.14
C THR B 1225 18.10 -10.00 -41.74
N ARG B 1226 16.83 -9.91 -42.08
CA ARG B 1226 16.21 -8.59 -42.15
C ARG B 1226 15.33 -8.39 -40.92
N PRO B 1227 15.67 -7.44 -40.06
CA PRO B 1227 14.94 -7.28 -38.79
C PRO B 1227 13.46 -7.06 -39.03
N PRO B 1228 12.60 -7.49 -38.09
CA PRO B 1228 11.15 -7.51 -38.34
C PRO B 1228 10.60 -6.19 -38.87
N GLY B 1229 10.13 -6.20 -40.11
CA GLY B 1229 9.59 -5.00 -40.73
C GLY B 1229 10.63 -3.98 -41.14
N MET B 1230 11.85 -4.08 -40.66
CA MET B 1230 12.89 -3.11 -40.93
C MET B 1230 13.65 -3.50 -42.20
N CYS B 1231 14.76 -2.81 -42.46
CA CYS B 1231 15.60 -3.10 -43.62
C CYS B 1231 17.03 -3.27 -43.14
N HIS B 1232 17.87 -3.83 -44.02
CA HIS B 1232 19.28 -3.98 -43.70
C HIS B 1232 19.93 -2.63 -43.46
N LEU B 1233 21.07 -2.64 -42.78
CA LEU B 1233 21.75 -1.40 -42.41
C LEU B 1233 22.06 -0.53 -43.61
N ASP B 1234 22.59 -1.14 -44.68
CA ASP B 1234 22.88 -0.37 -45.89
C ASP B 1234 21.73 -0.46 -46.90
N GLU B 1235 20.50 -0.20 -46.45
CA GLU B 1235 19.35 -0.23 -47.33
C GLU B 1235 18.39 0.87 -46.93
N PHE B 1236 17.71 1.43 -47.93
CA PHE B 1236 16.69 2.45 -47.71
C PHE B 1236 15.31 1.80 -47.70
N GLN B 1237 14.44 2.30 -46.84
CA GLN B 1237 13.09 1.76 -46.69
C GLN B 1237 12.09 2.67 -47.38
N CYS B 1238 11.29 2.10 -48.28
CA CYS B 1238 10.24 2.84 -48.94
C CYS B 1238 9.11 3.12 -47.94
N GLN B 1239 8.95 4.39 -47.55
CA GLN B 1239 7.93 4.74 -46.57
C GLN B 1239 6.52 4.49 -47.07
N GLY B 1240 6.33 4.39 -48.39
CA GLY B 1240 5.01 4.12 -48.93
C GLY B 1240 4.47 2.74 -48.59
N ASP B 1241 5.31 1.71 -48.72
CA ASP B 1241 4.84 0.36 -48.49
C ASP B 1241 5.81 -0.53 -47.72
N GLY B 1242 6.95 -0.02 -47.25
CA GLY B 1242 7.85 -0.78 -46.43
C GLY B 1242 8.85 -1.64 -47.16
N THR B 1243 8.85 -1.64 -48.49
CA THR B 1243 9.84 -2.40 -49.24
C THR B 1243 11.20 -1.71 -49.17
N CYS B 1244 12.25 -2.52 -49.22
CA CYS B 1244 13.60 -2.01 -49.08
C CYS B 1244 14.28 -1.90 -50.45
N ILE B 1245 15.11 -0.87 -50.58
CA ILE B 1245 15.90 -0.64 -51.80
C ILE B 1245 17.33 -0.32 -51.39
N PRO B 1246 18.29 -0.58 -52.27
CA PRO B 1246 19.69 -0.30 -51.95
C PRO B 1246 19.93 1.18 -51.71
N ASN B 1247 20.93 1.48 -50.87
CA ASN B 1247 21.23 2.86 -50.51
C ASN B 1247 21.61 3.70 -51.73
N THR B 1248 22.27 3.08 -52.70
CA THR B 1248 22.66 3.83 -53.89
C THR B 1248 21.46 4.25 -54.72
N TRP B 1249 20.28 3.70 -54.46
CA TRP B 1249 19.08 4.06 -55.23
C TRP B 1249 18.42 5.32 -54.69
N GLU B 1250 18.56 5.62 -53.42
CA GLU B 1250 17.94 6.83 -52.87
C GLU B 1250 18.73 8.07 -53.26
N CYS B 1251 18.00 9.14 -53.57
CA CYS B 1251 18.57 10.39 -54.06
C CYS B 1251 19.44 10.18 -55.30
N ASP B 1252 19.01 9.31 -56.21
CA ASP B 1252 19.72 9.08 -57.46
C ASP B 1252 19.10 9.79 -58.64
N GLY B 1253 18.01 10.52 -58.45
CA GLY B 1253 17.35 11.21 -59.54
C GLY B 1253 16.22 10.46 -60.21
N HIS B 1254 15.87 9.28 -59.71
CA HIS B 1254 14.77 8.51 -60.26
C HIS B 1254 13.87 7.99 -59.13
N PRO B 1255 12.55 8.20 -59.21
CA PRO B 1255 11.67 7.71 -58.14
C PRO B 1255 11.52 6.20 -58.18
N ASP B 1256 12.10 5.53 -57.18
CA ASP B 1256 12.09 4.07 -57.13
C ASP B 1256 10.92 3.53 -56.33
N CYS B 1257 10.57 4.17 -55.22
CA CYS B 1257 9.50 3.68 -54.36
C CYS B 1257 8.14 3.96 -55.00
N ILE B 1258 7.11 3.35 -54.41
CA ILE B 1258 5.75 3.48 -54.93
C ILE B 1258 5.24 4.91 -54.82
N HIS B 1259 5.73 5.67 -53.84
CA HIS B 1259 5.27 7.04 -53.62
C HIS B 1259 6.44 8.03 -53.63
N GLY B 1260 7.56 7.63 -54.22
CA GLY B 1260 8.69 8.54 -54.35
C GLY B 1260 9.31 8.99 -53.04
N SER B 1261 9.23 8.16 -51.99
CA SER B 1261 9.86 8.52 -50.72
C SER B 1261 11.37 8.57 -50.84
N ASP B 1262 11.93 7.92 -51.85
CA ASP B 1262 13.38 7.89 -52.04
C ASP B 1262 13.92 9.18 -52.65
N GLU B 1263 13.05 10.06 -53.14
CA GLU B 1263 13.45 11.29 -53.80
C GLU B 1263 12.92 12.49 -53.04
N HIS B 1264 13.10 12.46 -51.73
CA HIS B 1264 12.61 13.51 -50.86
C HIS B 1264 13.28 14.84 -51.16
N THR B 1265 12.64 15.92 -50.72
CA THR B 1265 13.12 17.28 -50.87
C THR B 1265 14.43 17.53 -50.11
N GLY B 1266 14.75 16.68 -49.13
CA GLY B 1266 15.96 16.85 -48.35
C GLY B 1266 17.26 16.60 -49.09
N CYS B 1267 17.19 16.14 -50.34
CA CYS B 1267 18.38 15.92 -51.16
C CYS B 1267 18.45 17.01 -52.23
N VAL B 1268 19.61 17.65 -52.32
CA VAL B 1268 19.84 18.72 -53.31
C VAL B 1268 20.05 18.09 -54.68
N PRO B 1269 19.79 18.82 -55.77
CA PRO B 1269 19.96 18.24 -57.10
C PRO B 1269 21.42 17.99 -57.43
N LYS B 1270 21.65 17.54 -58.66
CA LYS B 1270 22.99 17.23 -59.13
C LYS B 1270 23.83 18.50 -59.24
N THR B 1271 25.14 18.31 -59.33
CA THR B 1271 26.06 19.45 -59.52
C THR B 1271 26.82 19.26 -60.84
N CYS B 1272 26.90 20.30 -61.67
CA CYS B 1272 27.69 20.21 -62.93
C CYS B 1272 28.38 21.54 -63.21
N GLY B 2902 8.97 81.68 -14.44
CA GLY B 2902 9.63 81.59 -13.16
C GLY B 2902 10.72 80.53 -13.13
N HIS B 2903 11.57 80.53 -14.16
CA HIS B 2903 12.68 79.59 -14.29
C HIS B 2903 12.17 78.16 -14.30
N SER B 2904 12.25 77.48 -13.15
CA SER B 2904 11.79 76.11 -13.03
C SER B 2904 11.31 75.87 -11.62
N VAL B 2905 10.37 74.93 -11.47
CA VAL B 2905 9.86 74.58 -10.15
C VAL B 2905 10.92 73.89 -9.30
N ASN B 2906 11.91 73.25 -9.92
CA ASN B 2906 12.93 72.50 -9.21
C ASN B 2906 14.34 73.05 -9.48
N THR B 2907 14.44 74.33 -9.83
CA THR B 2907 15.76 74.93 -9.98
C THR B 2907 16.40 75.21 -8.63
N CYS B 2908 15.57 75.55 -7.63
CA CYS B 2908 16.01 75.76 -6.25
C CYS B 2908 17.21 76.70 -6.16
N ARG B 2909 18.11 76.43 -5.21
CA ARG B 2909 19.31 77.23 -5.03
C ARG B 2909 20.49 76.30 -4.76
N ALA B 2910 21.68 76.89 -4.66
CA ALA B 2910 22.88 76.11 -4.37
C ALA B 2910 22.82 75.46 -3.00
N SER B 2911 22.03 76.01 -2.07
CA SER B 2911 21.88 75.44 -0.74
C SER B 2911 20.62 74.61 -0.59
N GLN B 2912 19.83 74.43 -1.65
CA GLN B 2912 18.58 73.70 -1.59
C GLN B 2912 18.61 72.56 -2.59
N PHE B 2913 18.12 71.39 -2.17
CA PHE B 2913 18.11 70.20 -3.02
C PHE B 2913 16.90 70.23 -3.94
N GLN B 2914 17.07 69.63 -5.12
CA GLN B 2914 16.08 69.68 -6.19
C GLN B 2914 15.31 68.36 -6.23
N CYS B 2915 14.00 68.45 -6.46
CA CYS B 2915 13.12 67.30 -6.42
C CYS B 2915 12.34 67.21 -7.73
N ASP B 2916 12.01 65.97 -8.14
CA ASP B 2916 11.33 65.76 -9.41
C ASP B 2916 9.93 66.35 -9.42
N ASN B 2917 9.21 66.26 -8.30
CA ASN B 2917 7.83 66.74 -8.25
C ASN B 2917 7.73 68.26 -8.28
N GLY B 2918 8.83 68.97 -8.17
CA GLY B 2918 8.81 70.43 -8.19
C GLY B 2918 9.03 71.09 -6.86
N ARG B 2919 9.37 70.33 -5.81
CA ARG B 2919 9.64 70.90 -4.50
C ARG B 2919 11.12 71.23 -4.37
N CYS B 2920 11.40 72.21 -3.51
CA CYS B 2920 12.77 72.52 -3.10
C CYS B 2920 12.88 72.36 -1.58
N ILE B 2921 13.90 71.61 -1.16
CA ILE B 2921 14.13 71.31 0.24
C ILE B 2921 15.57 71.66 0.60
N SER B 2922 15.81 71.81 1.89
CA SER B 2922 17.17 72.06 2.38
C SER B 2922 18.06 70.87 2.09
N GLY B 2923 19.32 71.13 1.74
CA GLY B 2923 20.25 70.07 1.41
C GLY B 2923 20.75 69.28 2.59
N ASN B 2924 20.44 69.71 3.81
CA ASN B 2924 20.89 68.98 5.00
C ASN B 2924 20.19 67.62 5.11
N TRP B 2925 18.93 67.54 4.71
CA TRP B 2925 18.13 66.34 4.90
C TRP B 2925 18.25 65.34 3.76
N VAL B 2926 19.16 65.58 2.79
CA VAL B 2926 19.28 64.67 1.66
C VAL B 2926 19.87 63.34 2.13
N CYS B 2927 19.22 62.24 1.74
CA CYS B 2927 19.63 60.89 2.13
C CYS B 2927 19.78 60.75 3.64
N ASP B 2928 18.85 61.33 4.39
CA ASP B 2928 18.86 61.17 5.84
C ASP B 2928 18.10 59.94 6.31
N GLY B 2929 17.54 59.16 5.39
CA GLY B 2929 16.79 57.96 5.72
C GLY B 2929 15.30 58.09 5.57
N ASP B 2930 14.77 59.32 5.41
CA ASP B 2930 13.34 59.55 5.26
C ASP B 2930 13.11 60.56 4.16
N ASN B 2931 11.97 60.41 3.48
CA ASN B 2931 11.64 61.27 2.34
C ASN B 2931 11.39 62.70 2.79
N ASP B 2932 12.17 63.64 2.25
CA ASP B 2932 11.99 65.06 2.49
C ASP B 2932 11.55 65.81 1.24
N CYS B 2933 11.98 65.36 0.07
CA CYS B 2933 11.57 65.98 -1.19
C CYS B 2933 10.08 65.82 -1.47
N GLY B 2934 9.43 64.84 -0.85
CA GLY B 2934 8.04 64.56 -1.15
C GLY B 2934 7.83 63.63 -2.32
N ASP B 2935 8.89 63.24 -3.01
CA ASP B 2935 8.77 62.30 -4.11
C ASP B 2935 9.92 61.29 -4.09
N MET B 2936 10.62 61.19 -2.95
CA MET B 2936 11.71 60.24 -2.74
C MET B 2936 12.96 60.60 -3.56
N SER B 2937 12.91 61.68 -4.32
CA SER B 2937 14.03 62.07 -5.17
C SER B 2937 15.30 62.32 -4.37
N ASP B 2938 15.17 62.61 -3.08
CA ASP B 2938 16.33 62.74 -2.19
C ASP B 2938 16.62 61.46 -1.41
N GLU B 2939 15.89 60.38 -1.69
CA GLU B 2939 16.01 59.15 -0.92
C GLU B 2939 16.11 57.95 -1.86
N ASP B 2940 16.97 58.05 -2.87
CA ASP B 2940 17.15 56.94 -3.81
C ASP B 2940 18.62 56.80 -4.17
N GLN B 2941 18.99 55.57 -4.54
CA GLN B 2941 20.28 55.32 -5.17
C GLN B 2941 20.27 55.65 -6.65
N ARG B 2942 19.10 56.01 -7.19
CA ARG B 2942 19.02 56.35 -8.62
C ARG B 2942 19.86 57.58 -8.93
N HIS B 2943 19.65 58.68 -8.19
CA HIS B 2943 20.52 59.84 -8.36
C HIS B 2943 21.77 59.68 -7.51
N HIS B 2944 21.62 59.73 -6.18
CA HIS B 2944 22.69 59.37 -5.27
C HIS B 2944 22.14 59.26 -3.86
N CYS B 2945 22.22 58.06 -3.27
CA CYS B 2945 22.17 57.92 -1.81
C CYS B 2945 23.10 56.81 -1.32
N GLU B 2946 24.04 56.34 -2.13
CA GLU B 2946 24.82 55.15 -1.76
C GLU B 2946 25.74 55.43 -0.58
N LEU B 2947 26.12 56.70 -0.39
CA LEU B 2947 27.09 57.05 0.65
C LEU B 2947 26.44 58.01 1.65
N GLN B 2948 25.27 57.64 2.15
CA GLN B 2948 24.46 58.49 3.00
C GLN B 2948 24.97 58.48 4.44
N ASN B 2949 26.24 58.15 4.63
CA ASN B 2949 26.89 58.20 5.94
C ASN B 2949 26.52 59.49 6.66
N CYS B 2950 26.01 59.36 7.88
CA CYS B 2950 25.39 60.46 8.57
C CYS B 2950 26.42 61.25 9.38
N SER B 2951 25.90 62.13 10.24
CA SER B 2951 26.71 63.18 10.84
C SER B 2951 27.29 62.74 12.18
N SER B 2952 28.63 62.68 12.25
CA SER B 2952 29.40 62.66 13.50
C SER B 2952 29.06 61.42 14.33
N THR B 2953 28.59 61.57 15.56
CA THR B 2953 28.58 60.49 16.54
C THR B 2953 27.32 59.64 16.53
N GLN B 2954 26.49 59.72 15.48
CA GLN B 2954 25.27 58.93 15.42
C GLN B 2954 25.58 57.44 15.49
N PHE B 2955 24.81 56.72 16.29
CA PHE B 2955 24.94 55.28 16.37
C PHE B 2955 24.41 54.65 15.08
N THR B 2956 25.20 53.76 14.50
CA THR B 2956 24.88 53.12 13.23
C THR B 2956 24.34 51.72 13.53
N CYS B 2957 23.02 51.62 13.62
CA CYS B 2957 22.35 50.33 13.83
C CYS B 2957 22.21 49.64 12.47
N VAL B 2958 23.22 48.85 12.12
CA VAL B 2958 23.25 48.19 10.82
C VAL B 2958 22.15 47.16 10.65
N ASN B 2959 21.44 46.81 11.72
CA ASN B 2959 20.29 45.92 11.60
C ASN B 2959 19.13 46.58 10.86
N SER B 2960 19.12 47.90 10.76
CA SER B 2960 18.06 48.62 10.06
C SER B 2960 18.22 48.45 8.56
N ARG B 2961 17.11 48.55 7.84
CA ARG B 2961 17.02 48.32 6.41
C ARG B 2961 16.27 49.50 5.78
N PRO B 2962 16.40 49.69 4.46
CA PRO B 2962 15.95 50.95 3.80
C PRO B 2962 14.58 51.42 4.24
N PRO B 2963 13.63 50.53 4.59
CA PRO B 2963 12.40 51.02 5.26
C PRO B 2963 12.66 51.82 6.53
N ASN B 2964 13.90 51.84 7.02
CA ASN B 2964 14.26 52.66 8.17
C ASN B 2964 15.73 53.06 8.04
N ARG B 2965 16.12 54.06 8.84
CA ARG B 2965 17.49 54.56 8.78
C ARG B 2965 18.37 53.84 9.80
N ARG B 2966 19.56 53.43 9.34
CA ARG B 2966 20.52 52.78 10.22
C ARG B 2966 21.13 53.75 11.22
N CYS B 2967 21.53 54.93 10.77
CA CYS B 2967 22.11 55.92 11.68
C CYS B 2967 21.00 56.55 12.52
N ILE B 2968 21.23 56.65 13.82
CA ILE B 2968 20.27 57.28 14.72
C ILE B 2968 21.02 58.29 15.58
N PRO B 2969 20.48 59.50 15.78
CA PRO B 2969 21.14 60.47 16.66
C PRO B 2969 21.25 59.93 18.08
N GLN B 2970 22.35 60.28 18.74
CA GLN B 2970 22.50 59.93 20.15
C GLN B 2970 21.64 60.80 21.05
N TYR B 2971 20.91 61.77 20.49
CA TYR B 2971 19.97 62.55 21.28
C TYR B 2971 18.90 61.68 21.90
N TRP B 2972 18.43 60.66 21.17
CA TRP B 2972 17.46 59.72 21.72
C TRP B 2972 17.98 58.29 21.78
N VAL B 2973 19.29 58.07 21.75
CA VAL B 2973 19.81 56.74 22.04
C VAL B 2973 19.57 56.44 23.52
N CYS B 2974 19.17 55.21 23.80
CA CYS B 2974 18.84 54.74 25.15
C CYS B 2974 17.70 55.52 25.79
N ASP B 2975 16.83 56.13 24.98
CA ASP B 2975 15.76 56.96 25.51
C ASP B 2975 14.49 56.18 25.84
N GLY B 2976 14.49 54.87 25.63
CA GLY B 2976 13.30 54.07 25.82
C GLY B 2976 12.43 53.92 24.60
N ASP B 2977 12.83 54.46 23.46
CA ASP B 2977 12.08 54.36 22.21
C ASP B 2977 12.88 53.54 21.22
N ALA B 2978 12.17 52.70 20.46
CA ALA B 2978 12.79 51.80 19.49
C ALA B 2978 13.12 52.58 18.23
N ASP B 2979 14.26 53.28 18.24
CA ASP B 2979 14.69 54.03 17.06
C ASP B 2979 15.11 53.09 15.93
N CYS B 2980 15.91 52.08 16.24
CA CYS B 2980 16.34 51.13 15.23
C CYS B 2980 15.22 50.14 14.93
N SER B 2981 15.36 49.45 13.79
CA SER B 2981 14.33 48.50 13.37
C SER B 2981 14.17 47.34 14.35
N ASP B 2982 15.20 47.02 15.13
CA ASP B 2982 15.10 46.00 16.17
C ASP B 2982 15.53 46.56 17.53
N ALA B 2983 15.52 47.89 17.66
CA ALA B 2983 15.78 48.59 18.92
C ALA B 2983 17.12 48.23 19.55
N LEU B 2984 18.15 48.02 18.74
CA LEU B 2984 19.49 47.80 19.28
C LEU B 2984 20.05 49.05 19.92
N ASP B 2985 19.51 50.23 19.58
CA ASP B 2985 19.95 51.47 20.20
C ASP B 2985 19.57 51.55 21.68
N GLU B 2986 18.70 50.65 22.14
CA GLU B 2986 18.27 50.62 23.54
C GLU B 2986 19.04 49.62 24.38
N LEU B 2987 20.10 49.01 23.84
CA LEU B 2987 20.89 48.07 24.60
C LEU B 2987 22.40 48.29 24.42
N GLN B 2988 22.79 48.97 23.34
CA GLN B 2988 24.19 49.06 22.98
C GLN B 2988 25.02 49.85 23.99
N ASN B 2989 24.48 50.92 24.57
CA ASN B 2989 25.20 51.69 25.58
C ASN B 2989 24.29 52.14 26.71
N CYS B 2990 23.26 51.37 27.05
CA CYS B 2990 22.13 51.85 27.82
C CYS B 2990 22.03 51.14 29.16
N THR B 2991 21.56 51.88 30.17
CA THR B 2991 21.33 51.31 31.48
C THR B 2991 20.19 50.30 31.42
N MET B 2992 20.32 49.22 32.21
CA MET B 2992 19.34 48.15 32.19
C MET B 2992 17.97 48.63 32.66
N ARG B 2993 16.95 47.86 32.29
CA ARG B 2993 15.56 48.14 32.68
C ARG B 2993 15.08 47.04 33.63
N THR B 2994 14.46 47.45 34.73
CA THR B 2994 13.93 46.49 35.68
C THR B 2994 12.64 45.84 35.15
N CYS B 2995 11.91 46.55 34.28
CA CYS B 2995 10.65 46.09 33.71
C CYS B 2995 9.60 45.86 34.81
N SER B 2996 8.40 45.47 34.42
CA SER B 2996 7.30 45.31 35.36
C SER B 2996 6.56 44.01 35.09
N ALA B 2997 5.90 43.49 36.12
CA ALA B 2997 5.08 42.30 35.97
C ALA B 2997 3.82 42.56 35.16
N GLY B 2998 3.35 43.80 35.14
CA GLY B 2998 2.19 44.17 34.34
C GLY B 2998 2.49 44.51 32.90
N GLU B 2999 3.75 44.39 32.49
CA GLU B 2999 4.16 44.67 31.12
C GLU B 2999 4.68 43.39 30.49
N PHE B 3000 4.72 43.38 29.15
CA PHE B 3000 5.18 42.21 28.42
C PHE B 3000 6.70 42.23 28.43
N SER B 3001 7.31 41.20 29.01
CA SER B 3001 8.76 41.11 29.05
C SER B 3001 9.26 40.36 27.82
N CYS B 3002 9.97 41.08 26.94
CA CYS B 3002 10.56 40.44 25.77
C CYS B 3002 11.65 39.48 26.22
N ALA B 3003 11.69 38.29 25.60
CA ALA B 3003 12.69 37.29 25.97
C ALA B 3003 14.11 37.77 25.71
N ASN B 3004 14.29 38.72 24.79
CA ASN B 3004 15.62 39.26 24.50
C ASN B 3004 16.12 40.20 25.58
N GLY B 3005 15.23 40.91 26.27
CA GLY B 3005 15.66 41.81 27.32
C GLY B 3005 14.88 43.11 27.36
N ARG B 3006 14.17 43.41 26.27
CA ARG B 3006 13.38 44.64 26.22
C ARG B 3006 12.11 44.49 27.05
N CYS B 3007 11.48 45.63 27.34
CA CYS B 3007 10.26 45.66 28.13
C CYS B 3007 9.25 46.57 27.46
N VAL B 3008 8.04 46.05 27.22
CA VAL B 3008 6.96 46.80 26.60
C VAL B 3008 5.65 46.35 27.23
N ARG B 3009 4.59 47.12 26.98
CA ARG B 3009 3.27 46.76 27.49
C ARG B 3009 2.58 45.79 26.54
N GLN B 3010 1.48 45.18 27.02
CA GLN B 3010 0.79 44.17 26.25
C GLN B 3010 0.11 44.74 25.00
N SER B 3011 -0.03 46.06 24.91
CA SER B 3011 -0.60 46.65 23.71
C SER B 3011 0.33 46.50 22.51
N PHE B 3012 1.60 46.18 22.75
CA PHE B 3012 2.60 46.04 21.70
C PHE B 3012 2.82 44.59 21.29
N ARG B 3013 1.79 43.76 21.33
CA ARG B 3013 1.89 42.36 20.92
C ARG B 3013 0.77 42.05 19.93
N CYS B 3014 1.07 41.16 18.97
CA CYS B 3014 0.13 40.73 17.94
C CYS B 3014 -0.38 41.92 17.11
N ASP B 3015 0.57 42.69 16.60
CA ASP B 3015 0.21 43.87 15.83
C ASP B 3015 1.06 44.10 14.59
N ARG B 3016 1.81 43.11 14.12
CA ARG B 3016 2.66 43.18 12.93
C ARG B 3016 3.82 44.14 13.08
N ARG B 3017 4.12 44.61 14.29
CA ARG B 3017 5.19 45.56 14.54
C ARG B 3017 6.21 44.95 15.48
N ASN B 3018 7.49 45.02 15.10
CA ASN B 3018 8.58 44.47 15.90
C ASN B 3018 8.96 45.47 16.99
N ASP B 3019 8.18 45.45 18.07
CA ASP B 3019 8.45 46.33 19.21
C ASP B 3019 9.60 45.81 20.06
N CYS B 3020 9.75 44.49 20.18
CA CYS B 3020 10.76 43.92 21.06
C CYS B 3020 12.11 43.73 20.38
N GLY B 3021 12.21 43.96 19.07
CA GLY B 3021 13.45 43.73 18.37
C GLY B 3021 13.59 42.30 17.89
N ASP B 3022 13.51 41.35 18.82
CA ASP B 3022 13.60 39.93 18.50
C ASP B 3022 12.27 39.35 18.05
N TYR B 3023 11.30 40.21 17.71
CA TYR B 3023 9.96 39.79 17.28
C TYR B 3023 9.26 38.93 18.32
N SER B 3024 9.72 38.98 19.57
CA SER B 3024 9.12 38.16 20.62
C SER B 3024 7.65 38.50 20.82
N ASP B 3025 7.26 39.75 20.56
CA ASP B 3025 5.86 40.14 20.69
C ASP B 3025 5.01 39.50 19.60
N GLU B 3026 5.46 39.58 18.35
CA GLU B 3026 4.67 39.06 17.23
C GLU B 3026 4.82 37.56 17.04
N ARG B 3027 5.86 36.95 17.59
CA ARG B 3027 6.03 35.51 17.46
C ARG B 3027 4.98 34.77 18.29
N GLY B 3028 4.41 33.71 17.70
CA GLY B 3028 3.43 32.90 18.38
C GLY B 3028 2.03 33.44 18.38
N CYS B 3029 1.80 34.62 17.81
CA CYS B 3029 0.46 35.20 17.78
C CYS B 3029 -0.42 34.48 16.77
N SER B 3030 -1.72 34.78 16.85
CA SER B 3030 -2.75 34.12 16.06
C SER B 3030 -3.69 35.19 15.47
N TYR B 3031 -3.09 36.18 14.80
CA TYR B 3031 -3.81 37.34 14.29
C TYR B 3031 -5.20 36.96 13.77
N PRO B 3032 -6.26 37.57 14.28
CA PRO B 3032 -7.60 37.35 13.73
C PRO B 3032 -7.69 37.90 12.31
N PRO B 3033 -8.64 37.41 11.52
CA PRO B 3033 -8.72 37.85 10.12
C PRO B 3033 -9.00 39.33 9.99
N CYS B 3034 -8.82 39.84 8.78
CA CYS B 3034 -9.02 41.26 8.52
C CYS B 3034 -10.50 41.62 8.63
N HIS B 3035 -10.77 42.93 8.55
CA HIS B 3035 -12.12 43.42 8.75
C HIS B 3035 -12.93 43.29 7.46
N ALA B 3036 -14.18 43.77 7.51
CA ALA B 3036 -15.09 43.59 6.39
C ALA B 3036 -14.63 44.34 5.16
N ASN B 3037 -14.28 45.61 5.31
CA ASN B 3037 -13.78 46.39 4.18
C ASN B 3037 -12.31 46.15 3.93
N GLN B 3038 -11.59 45.65 4.95
CA GLN B 3038 -10.15 45.51 4.87
C GLN B 3038 -9.77 44.43 3.86
N PHE B 3039 -8.72 44.71 3.08
CA PHE B 3039 -8.19 43.72 2.16
C PHE B 3039 -7.16 42.85 2.87
N THR B 3040 -7.08 41.59 2.44
CA THR B 3040 -6.14 40.63 3.00
C THR B 3040 -5.09 40.29 1.97
N CYS B 3041 -3.85 40.17 2.42
CA CYS B 3041 -2.73 39.84 1.55
C CYS B 3041 -2.38 38.36 1.68
N GLN B 3042 -1.49 37.89 0.80
CA GLN B 3042 -1.09 36.49 0.84
C GLN B 3042 -0.39 36.16 2.15
N ASN B 3043 0.48 37.04 2.61
CA ASN B 3043 1.19 36.82 3.88
C ASN B 3043 0.34 37.12 5.10
N GLY B 3044 -0.98 37.29 4.94
CA GLY B 3044 -1.86 37.53 6.06
C GLY B 3044 -1.94 38.96 6.53
N ARG B 3045 -1.18 39.88 5.92
CA ARG B 3045 -1.25 41.28 6.32
C ARG B 3045 -2.59 41.88 5.93
N CYS B 3046 -3.07 42.79 6.76
CA CYS B 3046 -4.31 43.51 6.50
C CYS B 3046 -3.98 44.94 6.08
N ILE B 3047 -4.53 45.35 4.94
CA ILE B 3047 -4.30 46.71 4.42
C ILE B 3047 -5.62 47.31 4.00
N PRO B 3048 -5.73 48.63 4.08
CA PRO B 3048 -6.96 49.30 3.66
C PRO B 3048 -7.26 49.06 2.19
N ARG B 3049 -8.54 48.93 1.86
CA ARG B 3049 -8.95 48.60 0.50
C ARG B 3049 -8.48 49.68 -0.48
N PHE B 3050 -8.53 50.94 -0.06
CA PHE B 3050 -8.14 52.04 -0.95
C PHE B 3050 -6.71 51.89 -1.46
N PHE B 3051 -5.86 51.17 -0.73
CA PHE B 3051 -4.46 51.03 -1.09
C PHE B 3051 -4.20 49.91 -2.09
N VAL B 3052 -5.20 49.48 -2.85
CA VAL B 3052 -4.96 48.49 -3.89
C VAL B 3052 -4.66 49.19 -5.21
N CYS B 3053 -3.68 48.65 -5.95
CA CYS B 3053 -3.35 49.11 -7.30
C CYS B 3053 -2.96 50.60 -7.31
N ASP B 3054 -1.88 50.91 -6.60
CA ASP B 3054 -1.34 52.26 -6.56
C ASP B 3054 0.17 52.29 -6.73
N GLU B 3055 0.76 51.26 -7.34
CA GLU B 3055 2.19 51.15 -7.61
C GLU B 3055 3.04 51.15 -6.34
N ASP B 3056 2.44 50.98 -5.17
CA ASP B 3056 3.16 50.84 -3.91
C ASP B 3056 2.90 49.45 -3.33
N ASN B 3057 3.97 48.72 -3.03
CA ASN B 3057 3.87 47.37 -2.48
C ASN B 3057 3.48 47.46 -1.00
N ASP B 3058 2.21 47.81 -0.79
CA ASP B 3058 1.71 48.00 0.58
C ASP B 3058 1.50 46.68 1.31
N CYS B 3059 1.18 45.61 0.60
CA CYS B 3059 1.03 44.31 1.23
C CYS B 3059 2.35 43.69 1.64
N GLY B 3060 3.48 44.25 1.19
CA GLY B 3060 4.78 43.68 1.48
C GLY B 3060 5.16 42.64 0.45
N ASP B 3061 4.27 41.68 0.20
CA ASP B 3061 4.49 40.65 -0.79
C ASP B 3061 3.95 41.04 -2.17
N GLY B 3062 3.31 42.19 -2.31
CA GLY B 3062 2.74 42.61 -3.56
C GLY B 3062 1.34 42.11 -3.84
N SER B 3063 0.62 41.66 -2.82
CA SER B 3063 -0.74 41.15 -3.04
C SER B 3063 -1.67 42.23 -3.55
N ASP B 3064 -1.58 43.44 -2.99
CA ASP B 3064 -2.44 44.53 -3.42
C ASP B 3064 -2.11 45.04 -4.81
N GLU B 3065 -1.00 44.59 -5.40
CA GLU B 3065 -0.62 44.97 -6.76
C GLU B 3065 -0.68 43.80 -7.71
N GLN B 3066 -1.47 42.78 -7.39
CA GLN B 3066 -1.57 41.61 -8.26
C GLN B 3066 -2.23 41.99 -9.58
N GLU B 3067 -1.71 41.44 -10.68
CA GLU B 3067 -2.17 41.83 -12.00
C GLU B 3067 -3.65 41.49 -12.20
N HIS B 3068 -4.07 40.33 -11.68
CA HIS B 3068 -5.43 39.86 -11.93
C HIS B 3068 -6.47 40.82 -11.36
N LEU B 3069 -6.25 41.30 -10.13
CA LEU B 3069 -7.22 42.18 -9.48
C LEU B 3069 -6.95 43.66 -9.74
N CYS B 3070 -5.86 44.00 -10.41
CA CYS B 3070 -5.53 45.41 -10.63
C CYS B 3070 -5.73 45.85 -12.07
N HIS B 3071 -5.35 45.02 -13.04
CA HIS B 3071 -5.48 45.38 -14.44
C HIS B 3071 -6.94 45.57 -14.80
N THR B 3072 -7.26 46.68 -15.44
CA THR B 3072 -8.60 46.93 -15.94
C THR B 3072 -8.62 46.70 -17.44
N PRO B 3073 -9.28 45.64 -17.91
CA PRO B 3073 -9.37 45.44 -19.36
C PRO B 3073 -10.07 46.61 -20.03
N GLU B 3074 -9.37 47.27 -20.94
CA GLU B 3074 -9.92 48.44 -21.61
C GLU B 3074 -11.21 48.06 -22.31
N PRO B 3075 -12.23 48.95 -22.32
CA PRO B 3075 -13.48 48.64 -23.01
C PRO B 3075 -13.24 48.05 -24.40
N THR B 3076 -13.72 46.82 -24.60
CA THR B 3076 -13.38 46.05 -25.79
C THR B 3076 -13.84 46.70 -27.07
N CYS B 3077 -14.87 47.56 -27.00
CA CYS B 3077 -15.49 48.16 -28.18
C CYS B 3077 -15.90 47.05 -29.14
N PRO B 3078 -16.86 46.20 -28.75
CA PRO B 3078 -17.21 45.05 -29.58
C PRO B 3078 -18.02 45.43 -30.81
N LEU B 3079 -18.57 44.43 -31.50
CA LEU B 3079 -19.52 44.68 -32.57
C LEU B 3079 -20.59 45.65 -32.08
N HIS B 3080 -21.04 46.52 -32.99
CA HIS B 3080 -21.84 47.70 -32.67
C HIS B 3080 -21.05 48.70 -31.83
N GLN B 3081 -19.73 48.74 -32.03
CA GLN B 3081 -18.87 49.77 -31.46
C GLN B 3081 -17.62 49.91 -32.34
N PHE B 3082 -17.45 51.10 -32.91
CA PHE B 3082 -16.30 51.40 -33.77
C PHE B 3082 -15.16 51.90 -32.90
N ARG B 3083 -14.06 51.15 -32.87
CA ARG B 3083 -12.87 51.53 -32.09
C ARG B 3083 -12.08 52.53 -32.90
N CYS B 3084 -12.20 53.81 -32.51
CA CYS B 3084 -11.39 54.85 -33.13
C CYS B 3084 -10.00 54.87 -32.51
N ASP B 3085 -9.06 55.50 -33.21
CA ASP B 3085 -7.66 55.48 -32.79
C ASP B 3085 -7.45 56.18 -31.44
N ASN B 3086 -8.33 57.10 -31.05
CA ASN B 3086 -8.19 57.79 -29.78
C ASN B 3086 -8.50 56.90 -28.58
N GLY B 3087 -9.19 55.77 -28.79
CA GLY B 3087 -9.57 54.90 -27.71
C GLY B 3087 -10.96 55.13 -27.15
N HIS B 3088 -11.55 56.30 -27.39
CA HIS B 3088 -12.93 56.57 -26.98
C HIS B 3088 -13.86 56.12 -28.10
N CYS B 3089 -14.10 54.81 -28.14
CA CYS B 3089 -14.80 54.21 -29.27
C CYS B 3089 -16.26 54.62 -29.30
N ILE B 3090 -16.81 54.64 -30.52
CA ILE B 3090 -18.18 55.05 -30.80
C ILE B 3090 -18.86 53.94 -31.59
N GLU B 3091 -20.12 54.17 -31.94
CA GLU B 3091 -20.85 53.24 -32.77
C GLU B 3091 -20.45 53.40 -34.24
N MET B 3092 -20.51 52.31 -35.00
CA MET B 3092 -20.19 52.41 -36.43
C MET B 3092 -21.29 53.11 -37.23
N GLY B 3093 -22.36 53.57 -36.58
CA GLY B 3093 -23.27 54.47 -37.24
C GLY B 3093 -22.64 55.83 -37.51
N ARG B 3094 -21.46 56.08 -36.96
CA ARG B 3094 -20.79 57.37 -37.04
C ARG B 3094 -19.44 57.33 -37.73
N VAL B 3095 -19.12 56.25 -38.47
CA VAL B 3095 -17.83 56.18 -39.14
C VAL B 3095 -17.73 57.25 -40.22
N CYS B 3096 -16.61 57.97 -40.22
CA CYS B 3096 -16.33 59.04 -41.18
C CYS B 3096 -17.53 59.96 -41.36
N ASN B 3097 -18.20 60.30 -40.26
CA ASN B 3097 -19.35 61.19 -40.33
C ASN B 3097 -18.95 62.66 -40.39
N HIS B 3098 -17.66 62.97 -40.41
CA HIS B 3098 -17.08 64.29 -40.49
C HIS B 3098 -17.34 65.11 -39.23
N VAL B 3099 -17.90 64.51 -38.18
CA VAL B 3099 -18.02 65.14 -36.87
C VAL B 3099 -16.94 64.53 -35.98
N ASP B 3100 -16.15 65.40 -35.33
CA ASP B 3100 -15.01 64.94 -34.55
C ASP B 3100 -15.45 64.21 -33.30
N ASP B 3101 -15.57 62.89 -33.38
CA ASP B 3101 -16.01 62.11 -32.23
C ASP B 3101 -14.85 61.75 -31.31
N CYS B 3102 -13.65 61.62 -31.85
CA CYS B 3102 -12.49 61.14 -31.09
C CYS B 3102 -11.36 62.15 -31.20
N SER B 3103 -11.38 63.15 -30.32
CA SER B 3103 -10.29 64.13 -30.15
C SER B 3103 -9.99 64.77 -31.51
N ASP B 3104 -8.74 64.74 -31.98
CA ASP B 3104 -8.38 65.34 -33.26
C ASP B 3104 -8.84 64.45 -34.42
N ASN B 3105 -10.14 64.43 -34.66
CA ASN B 3105 -10.78 63.69 -35.77
C ASN B 3105 -10.15 62.32 -36.02
N SER B 3106 -9.76 61.64 -34.94
CA SER B 3106 -9.19 60.30 -35.07
C SER B 3106 -10.14 59.34 -35.77
N ASP B 3107 -11.45 59.54 -35.59
CA ASP B 3107 -12.44 58.76 -36.32
C ASP B 3107 -12.50 59.13 -37.79
N GLU B 3108 -12.05 60.34 -38.17
CA GLU B 3108 -11.92 60.69 -39.58
C GLU B 3108 -10.47 60.95 -39.97
N LYS B 3109 -9.52 60.39 -39.22
CA LYS B 3109 -8.11 60.59 -39.55
C LYS B 3109 -7.78 60.06 -40.94
N GLY B 3110 -8.49 59.04 -41.38
CA GLY B 3110 -8.38 58.57 -42.76
C GLY B 3110 -9.66 57.90 -43.19
N CYS B 3111 -10.17 58.30 -44.35
CA CYS B 3111 -11.36 57.69 -44.92
C CYS B 3111 -11.13 57.07 -46.28
N GLY B 3112 -9.91 57.14 -46.82
CA GLY B 3112 -9.62 56.46 -48.07
C GLY B 3112 -9.57 54.95 -47.94
N ILE B 3113 -9.35 54.43 -46.74
CA ILE B 3113 -9.46 53.01 -46.40
C ILE B 3113 -8.41 52.19 -47.14
N ASN B 3114 -8.37 52.29 -48.46
CA ASN B 3114 -7.45 51.48 -49.28
C ASN B 3114 -6.04 52.04 -49.23
N GLU B 3115 -5.36 51.79 -48.12
CA GLU B 3115 -3.98 52.25 -47.95
C GLU B 3115 -2.95 51.23 -48.45
N CYS B 3116 -3.40 50.07 -48.92
CA CYS B 3116 -2.47 49.01 -49.29
C CYS B 3116 -1.83 49.23 -50.66
N LEU B 3117 -2.31 50.20 -51.44
CA LEU B 3117 -1.90 50.37 -52.84
C LEU B 3117 -0.52 51.00 -53.01
N ASP B 3118 0.51 50.42 -52.39
CA ASP B 3118 1.87 50.94 -52.46
C ASP B 3118 2.82 49.88 -51.92
N SER B 3119 4.12 50.14 -52.10
CA SER B 3119 5.16 49.16 -51.78
C SER B 3119 6.00 49.56 -50.58
N SER B 3120 6.66 50.73 -50.64
CA SER B 3120 7.50 51.15 -49.52
C SER B 3120 6.67 51.42 -48.28
N ILE B 3121 5.54 52.12 -48.43
CA ILE B 3121 4.67 52.35 -47.29
C ILE B 3121 3.79 51.11 -47.07
N SER B 3122 3.56 50.82 -45.78
CA SER B 3122 2.77 49.72 -45.25
C SER B 3122 3.46 48.37 -45.39
N ARG B 3123 4.56 48.35 -46.15
CA ARG B 3123 5.42 47.14 -46.27
C ARG B 3123 4.85 45.90 -45.58
N CYS B 3124 4.11 45.06 -46.30
CA CYS B 3124 3.64 43.78 -45.72
C CYS B 3124 4.35 42.66 -46.48
N ASP B 3125 5.05 41.77 -45.79
CA ASP B 3125 5.85 40.74 -46.50
C ASP B 3125 5.00 39.99 -47.52
N HIS B 3126 3.79 39.57 -47.15
CA HIS B 3126 2.99 38.73 -48.07
C HIS B 3126 1.79 39.50 -48.62
N ASN B 3127 0.65 39.42 -47.95
CA ASN B 3127 -0.58 40.05 -48.50
C ASN B 3127 -1.05 41.22 -47.64
N CYS B 3128 -1.85 42.11 -48.22
CA CYS B 3128 -2.37 43.25 -47.46
C CYS B 3128 -3.90 43.30 -47.50
N THR B 3129 -4.48 43.93 -46.48
CA THR B 3129 -5.92 44.14 -46.39
C THR B 3129 -6.20 45.51 -45.76
N ASP B 3130 -7.18 46.22 -46.32
CA ASP B 3130 -7.58 47.54 -45.83
C ASP B 3130 -8.46 47.43 -44.58
N THR B 3131 -8.57 48.56 -43.88
CA THR B 3131 -9.50 48.70 -42.76
C THR B 3131 -10.17 50.06 -42.84
N ILE B 3132 -11.10 50.31 -41.92
CA ILE B 3132 -12.04 51.44 -42.00
C ILE B 3132 -11.32 52.79 -42.02
N THR B 3133 -10.08 52.84 -41.52
CA THR B 3133 -9.27 54.04 -41.66
C THR B 3133 -7.88 53.78 -42.22
N SER B 3134 -7.46 52.52 -42.32
CA SER B 3134 -6.06 52.21 -42.61
C SER B 3134 -5.90 50.82 -43.21
N PHE B 3135 -4.69 50.30 -43.18
CA PHE B 3135 -4.35 48.98 -43.68
C PHE B 3135 -3.99 48.08 -42.50
N TYR B 3136 -3.90 46.78 -42.79
CA TYR B 3136 -3.20 45.84 -41.93
C TYR B 3136 -2.67 44.71 -42.79
N CYS B 3137 -1.61 44.05 -42.31
CA CYS B 3137 -0.97 43.01 -43.09
C CYS B 3137 -1.52 41.64 -42.70
N SER B 3138 -1.25 40.66 -43.56
CA SER B 3138 -1.67 39.29 -43.35
C SER B 3138 -0.67 38.36 -44.01
N CYS B 3139 -0.71 37.09 -43.63
CA CYS B 3139 0.22 36.10 -44.15
C CYS B 3139 -0.50 34.91 -44.74
N LEU B 3140 0.18 34.23 -45.65
CA LEU B 3140 -0.31 32.99 -46.22
C LEU B 3140 -0.28 31.89 -45.15
N PRO B 3141 -1.07 30.83 -45.32
CA PRO B 3141 -1.08 29.75 -44.32
C PRO B 3141 0.31 29.17 -44.12
N GLY B 3142 0.62 28.85 -42.87
CA GLY B 3142 1.95 28.42 -42.50
C GLY B 3142 2.92 29.53 -42.19
N TYR B 3143 2.47 30.79 -42.19
CA TYR B 3143 3.30 31.93 -41.86
C TYR B 3143 2.69 32.68 -40.69
N LYS B 3144 3.54 33.29 -39.88
CA LYS B 3144 3.14 33.97 -38.65
C LYS B 3144 3.43 35.45 -38.74
N LEU B 3145 2.45 36.27 -38.37
CA LEU B 3145 2.69 37.70 -38.19
C LEU B 3145 3.61 37.90 -36.98
N MET B 3146 4.81 38.42 -37.21
CA MET B 3146 5.67 38.68 -36.06
C MET B 3146 5.27 39.99 -35.38
N SER B 3147 6.05 40.36 -34.37
CA SER B 3147 5.71 41.49 -33.51
C SER B 3147 5.74 42.84 -34.22
N ASP B 3148 6.29 42.94 -35.42
CA ASP B 3148 6.38 44.24 -36.08
C ASP B 3148 5.16 44.62 -36.90
N LYS B 3149 4.19 43.70 -37.07
CA LYS B 3149 2.99 43.97 -37.87
C LYS B 3149 3.28 44.27 -39.33
N ARG B 3150 4.53 44.08 -39.73
CA ARG B 3150 4.94 44.46 -41.12
C ARG B 3150 5.84 43.38 -41.70
N SER B 3151 5.45 42.11 -41.62
CA SER B 3151 6.24 41.03 -42.26
C SER B 3151 5.64 39.65 -41.96
N CYS B 3152 6.17 38.60 -42.59
CA CYS B 3152 5.69 37.22 -42.34
C CYS B 3152 6.89 36.29 -42.16
N VAL B 3153 6.81 35.36 -41.20
CA VAL B 3153 7.88 34.42 -40.90
C VAL B 3153 7.30 33.01 -40.91
N ASP B 3154 8.12 32.04 -41.34
CA ASP B 3154 7.67 30.65 -41.38
C ASP B 3154 7.75 30.02 -40.00
N ILE B 3155 6.69 29.34 -39.61
CA ILE B 3155 6.65 28.66 -38.31
C ILE B 3155 7.21 27.25 -38.47
N ASP B 3156 7.79 26.75 -37.38
CA ASP B 3156 8.23 25.35 -37.32
C ASP B 3156 7.05 24.52 -36.83
N GLU B 3157 6.23 24.09 -37.78
CA GLU B 3157 5.01 23.35 -37.45
C GLU B 3157 5.32 22.04 -36.74
N CYS B 3158 6.51 21.47 -36.96
CA CYS B 3158 6.88 20.25 -36.26
C CYS B 3158 7.12 20.52 -34.78
N LYS B 3159 7.73 21.65 -34.44
CA LYS B 3159 7.98 21.99 -33.04
C LYS B 3159 6.77 22.64 -32.39
N GLU B 3160 6.09 23.54 -33.10
CA GLU B 3160 4.93 24.21 -32.52
C GLU B 3160 3.75 23.26 -32.35
N SER B 3161 3.44 22.49 -33.39
CA SER B 3161 2.28 21.61 -33.35
C SER B 3161 2.63 20.21 -33.78
N PRO B 3162 3.25 19.41 -32.90
CA PRO B 3162 3.61 18.04 -33.29
C PRO B 3162 2.42 17.14 -33.58
N GLN B 3163 1.22 17.52 -33.12
CA GLN B 3163 0.04 16.69 -33.36
C GLN B 3163 -0.40 16.67 -34.82
N LEU B 3164 0.25 17.44 -35.68
CA LEU B 3164 -0.04 17.42 -37.10
C LEU B 3164 0.56 16.21 -37.81
N CYS B 3165 1.48 15.50 -37.17
CA CYS B 3165 2.10 14.31 -37.73
C CYS B 3165 2.05 13.19 -36.70
N SER B 3166 1.72 11.98 -37.16
CA SER B 3166 1.66 10.85 -36.25
C SER B 3166 3.04 10.48 -35.71
N GLN B 3167 4.09 10.87 -36.42
CA GLN B 3167 5.45 10.48 -36.06
C GLN B 3167 6.43 11.59 -36.44
N LYS B 3168 7.72 11.25 -36.55
CA LYS B 3168 8.76 12.20 -36.92
C LYS B 3168 8.30 13.17 -37.99
N CYS B 3169 8.52 14.46 -37.74
CA CYS B 3169 8.07 15.53 -38.62
C CYS B 3169 9.26 16.26 -39.21
N GLU B 3170 9.09 16.77 -40.42
CA GLU B 3170 10.15 17.50 -41.12
C GLU B 3170 9.62 18.87 -41.54
N ASN B 3171 10.33 19.92 -41.14
CA ASN B 3171 9.90 21.28 -41.42
C ASN B 3171 10.20 21.66 -42.87
N VAL B 3172 9.37 22.53 -43.41
CA VAL B 3172 9.54 23.10 -44.73
C VAL B 3172 9.24 24.59 -44.62
N VAL B 3173 9.92 25.41 -45.42
CA VAL B 3173 9.62 26.83 -45.44
C VAL B 3173 8.22 27.01 -46.01
N GLY B 3174 7.27 27.33 -45.13
CA GLY B 3174 5.89 27.52 -45.54
C GLY B 3174 4.95 26.35 -45.31
N SER B 3175 5.46 25.19 -44.92
CA SER B 3175 4.63 24.01 -44.73
C SER B 3175 5.43 22.97 -43.95
N TYR B 3176 4.90 21.75 -43.88
CA TYR B 3176 5.56 20.65 -43.20
C TYR B 3176 5.24 19.36 -43.93
N ILE B 3177 6.04 18.34 -43.67
CA ILE B 3177 5.83 17.01 -44.24
C ILE B 3177 6.01 15.98 -43.14
N CYS B 3178 5.06 15.04 -43.07
CA CYS B 3178 5.07 14.01 -42.03
C CYS B 3178 5.78 12.77 -42.56
N LYS B 3179 6.89 12.41 -41.93
CA LYS B 3179 7.57 11.16 -42.23
C LYS B 3179 7.16 10.10 -41.22
N CYS B 3180 7.63 8.87 -41.42
CA CYS B 3180 7.41 7.79 -40.48
C CYS B 3180 8.75 7.17 -40.11
N ALA B 3181 8.87 6.79 -38.84
CA ALA B 3181 10.09 6.17 -38.36
C ALA B 3181 10.28 4.81 -39.01
N PRO B 3182 11.51 4.31 -39.06
CA PRO B 3182 11.75 3.00 -39.69
C PRO B 3182 10.92 1.91 -39.05
N GLY B 3183 10.39 1.03 -39.89
CA GLY B 3183 9.49 -0.02 -39.44
C GLY B 3183 8.02 0.32 -39.52
N TYR B 3184 7.67 1.56 -39.83
CA TYR B 3184 6.28 1.98 -40.02
C TYR B 3184 6.07 2.41 -41.47
N ILE B 3185 4.89 2.11 -41.99
CA ILE B 3185 4.51 2.53 -43.33
C ILE B 3185 3.54 3.69 -43.23
N ARG B 3186 3.67 4.65 -44.14
CA ARG B 3186 2.82 5.82 -44.15
C ARG B 3186 1.49 5.48 -44.81
N GLU B 3187 0.39 5.77 -44.12
CA GLU B 3187 -0.94 5.43 -44.63
C GLU B 3187 -1.28 6.30 -45.84
N PRO B 3188 -2.25 5.87 -46.65
CA PRO B 3188 -2.64 6.69 -47.82
C PRO B 3188 -3.17 8.06 -47.44
N ASP B 3189 -3.69 8.24 -46.22
CA ASP B 3189 -4.16 9.56 -45.81
C ASP B 3189 -3.04 10.58 -45.68
N GLY B 3190 -1.79 10.14 -45.66
CA GLY B 3190 -0.65 11.03 -45.60
C GLY B 3190 -0.21 11.45 -44.21
N LYS B 3191 -0.96 11.08 -43.17
CA LYS B 3191 -0.60 11.47 -41.81
C LYS B 3191 -0.30 10.28 -40.92
N SER B 3192 -1.19 9.30 -40.86
CA SER B 3192 -1.04 8.21 -39.91
C SER B 3192 0.06 7.25 -40.36
N CYS B 3193 0.92 6.86 -39.43
CA CYS B 3193 1.88 5.79 -39.67
C CYS B 3193 1.39 4.51 -39.01
N ARG B 3194 1.62 3.38 -39.67
CA ARG B 3194 1.16 2.08 -39.20
C ARG B 3194 2.32 1.12 -39.09
N GLN B 3195 2.35 0.37 -37.99
CA GLN B 3195 3.44 -0.57 -37.74
C GLN B 3195 3.41 -1.69 -38.77
N ASN B 3196 4.59 -2.16 -39.18
CA ASN B 3196 4.69 -3.10 -40.29
C ASN B 3196 4.95 -4.53 -39.84
N SER B 3197 5.81 -4.72 -38.85
CA SER B 3197 6.16 -6.07 -38.41
C SER B 3197 4.93 -6.82 -37.95
N ASN B 3198 4.81 -8.08 -38.38
CA ASN B 3198 3.63 -8.88 -38.07
C ASN B 3198 3.53 -9.23 -36.59
N ILE B 3199 4.58 -8.97 -35.81
CA ILE B 3199 4.53 -9.18 -34.37
C ILE B 3199 3.54 -8.17 -33.79
N GLU B 3200 2.37 -8.65 -33.34
CA GLU B 3200 1.48 -7.61 -32.86
C GLU B 3200 1.75 -7.31 -31.38
N PRO B 3201 1.52 -6.08 -30.94
CA PRO B 3201 1.88 -5.70 -29.58
C PRO B 3201 0.89 -6.21 -28.55
N TYR B 3202 1.31 -6.16 -27.29
CA TYR B 3202 0.43 -6.41 -26.17
C TYR B 3202 0.94 -5.64 -24.96
N LEU B 3203 0.06 -5.47 -23.98
CA LEU B 3203 0.35 -4.68 -22.79
C LEU B 3203 0.75 -5.60 -21.65
N ILE B 3204 1.98 -5.43 -21.16
CA ILE B 3204 2.38 -6.09 -19.92
C ILE B 3204 2.28 -5.09 -18.79
N PHE B 3205 1.43 -5.40 -17.80
CA PHE B 3205 1.25 -4.50 -16.67
C PHE B 3205 1.14 -5.34 -15.40
N SER B 3206 1.51 -4.71 -14.29
CA SER B 3206 1.71 -5.41 -13.03
C SER B 3206 0.70 -4.94 -11.98
N ASN B 3207 0.22 -5.89 -11.19
CA ASN B 3207 -0.72 -5.62 -10.12
C ASN B 3207 -0.11 -6.03 -8.79
N ARG B 3208 -0.80 -5.70 -7.72
CA ARG B 3208 -0.56 -6.38 -6.45
C ARG B 3208 -0.88 -7.86 -6.64
N TYR B 3209 0.12 -8.70 -6.36
CA TYR B 3209 0.05 -10.16 -6.49
C TYR B 3209 0.12 -10.66 -7.93
N TYR B 3210 0.12 -9.77 -8.93
CA TYR B 3210 -0.03 -10.24 -10.30
C TYR B 3210 0.81 -9.44 -11.28
N ILE B 3211 1.18 -10.12 -12.36
CA ILE B 3211 1.68 -9.51 -13.59
C ILE B 3211 0.82 -10.05 -14.73
N ARG B 3212 0.24 -9.15 -15.52
CA ARG B 3212 -0.79 -9.54 -16.47
C ARG B 3212 -0.42 -9.12 -17.89
N ASN B 3213 -0.93 -9.87 -18.86
CA ASN B 3213 -0.53 -9.76 -20.25
C ASN B 3213 -1.77 -9.47 -21.08
N LEU B 3214 -1.96 -8.20 -21.44
CA LEU B 3214 -3.21 -7.69 -21.97
C LEU B 3214 -3.03 -7.26 -23.42
N THR B 3215 -3.96 -7.67 -24.28
CA THR B 3215 -3.94 -7.24 -25.66
C THR B 3215 -4.48 -5.81 -25.76
N THR B 3216 -3.93 -5.05 -26.70
CA THR B 3216 -4.19 -3.61 -26.84
C THR B 3216 -5.62 -3.27 -27.22
N ASP B 3217 -6.57 -4.21 -27.35
CA ASP B 3217 -7.96 -3.86 -27.61
C ASP B 3217 -8.90 -4.29 -26.51
N GLY B 3218 -8.40 -4.96 -25.47
CA GLY B 3218 -9.23 -5.45 -24.40
C GLY B 3218 -9.88 -6.81 -24.66
N SER B 3219 -9.66 -7.40 -25.83
CA SER B 3219 -10.28 -8.69 -26.15
C SER B 3219 -9.61 -9.85 -25.42
N SER B 3220 -8.31 -9.76 -25.17
CA SER B 3220 -7.56 -10.83 -24.52
C SER B 3220 -6.98 -10.32 -23.22
N TYR B 3221 -7.03 -11.14 -22.19
CA TYR B 3221 -6.65 -10.72 -20.84
C TYR B 3221 -6.18 -11.94 -20.09
N SER B 3222 -4.86 -12.08 -19.91
CA SER B 3222 -4.28 -13.31 -19.41
C SER B 3222 -3.44 -13.02 -18.17
N LEU B 3223 -2.76 -14.06 -17.70
CA LEU B 3223 -1.96 -14.01 -16.48
C LEU B 3223 -0.55 -14.49 -16.80
N ILE B 3224 0.43 -13.64 -16.52
CA ILE B 3224 1.83 -14.05 -16.69
C ILE B 3224 2.36 -14.71 -15.44
N LEU B 3225 2.18 -14.06 -14.29
CA LEU B 3225 2.70 -14.57 -13.03
C LEU B 3225 1.76 -14.17 -11.91
N GLN B 3226 1.75 -14.97 -10.84
CA GLN B 3226 0.87 -14.71 -9.72
C GLN B 3226 1.57 -15.18 -8.43
N GLY B 3227 1.09 -14.65 -7.31
CA GLY B 3227 1.69 -14.96 -6.04
C GLY B 3227 2.87 -14.11 -5.66
N LEU B 3228 3.12 -13.02 -6.39
CA LEU B 3228 4.20 -12.11 -6.02
C LEU B 3228 3.76 -11.23 -4.85
N GLY B 3229 4.76 -10.63 -4.19
CA GLY B 3229 4.46 -9.79 -3.05
C GLY B 3229 3.77 -8.50 -3.42
N ASN B 3230 4.52 -7.58 -4.03
CA ASN B 3230 3.94 -6.31 -4.50
C ASN B 3230 4.82 -5.82 -5.66
N VAL B 3231 4.33 -6.02 -6.88
CA VAL B 3231 5.10 -5.64 -8.07
C VAL B 3231 4.79 -4.20 -8.44
N VAL B 3232 5.68 -3.28 -8.05
CA VAL B 3232 5.43 -1.86 -8.30
C VAL B 3232 6.19 -1.36 -9.52
N ALA B 3233 7.14 -2.13 -10.02
CA ALA B 3233 7.91 -1.73 -11.19
C ALA B 3233 8.12 -2.95 -12.08
N LEU B 3234 8.35 -2.71 -13.36
CA LEU B 3234 8.44 -3.80 -14.33
C LEU B 3234 9.06 -3.28 -15.62
N ASP B 3235 9.84 -4.13 -16.27
CA ASP B 3235 10.37 -3.82 -17.59
C ASP B 3235 10.81 -5.12 -18.25
N PHE B 3236 11.06 -5.03 -19.56
CA PHE B 3236 11.40 -6.18 -20.38
C PHE B 3236 12.74 -5.96 -21.07
N ASP B 3237 13.24 -7.03 -21.69
CA ASP B 3237 14.47 -6.98 -22.47
C ASP B 3237 14.20 -7.67 -23.80
N ARG B 3238 14.35 -6.94 -24.90
CA ARG B 3238 14.08 -7.50 -26.22
C ARG B 3238 15.14 -8.50 -26.64
N VAL B 3239 16.41 -8.24 -26.29
CA VAL B 3239 17.51 -9.06 -26.81
C VAL B 3239 17.42 -10.48 -26.28
N GLU B 3240 17.20 -10.65 -24.98
CA GLU B 3240 17.21 -11.96 -24.35
C GLU B 3240 15.81 -12.46 -24.00
N LYS B 3241 14.77 -11.76 -24.45
CA LYS B 3241 13.38 -12.13 -24.16
C LYS B 3241 13.14 -12.26 -22.66
N ARG B 3242 13.80 -11.41 -21.87
CA ARG B 3242 13.70 -11.48 -20.43
C ARG B 3242 12.68 -10.48 -19.90
N LEU B 3243 12.40 -10.59 -18.61
CA LEU B 3243 11.47 -9.72 -17.91
C LEU B 3243 12.02 -9.41 -16.53
N TYR B 3244 11.94 -8.15 -16.12
CA TYR B 3244 12.44 -7.73 -14.83
C TYR B 3244 11.34 -6.97 -14.08
N TRP B 3245 11.43 -6.98 -12.75
CA TRP B 3245 10.45 -6.28 -11.93
C TRP B 3245 11.02 -6.07 -10.55
N ILE B 3246 10.31 -5.26 -9.76
CA ILE B 3246 10.65 -5.01 -8.36
C ILE B 3246 9.51 -5.53 -7.51
N ASP B 3247 9.83 -6.39 -6.55
CA ASP B 3247 8.85 -6.89 -5.58
C ASP B 3247 9.09 -6.09 -4.30
N ALA B 3248 8.37 -4.97 -4.17
CA ALA B 3248 8.62 -4.05 -3.07
C ALA B 3248 8.33 -4.67 -1.71
N GLU B 3249 7.43 -5.66 -1.65
CA GLU B 3249 7.15 -6.32 -0.38
C GLU B 3249 8.39 -7.04 0.15
N LYS B 3250 9.11 -7.72 -0.73
CA LYS B 3250 10.33 -8.42 -0.35
C LYS B 3250 11.59 -7.61 -0.60
N GLN B 3251 11.46 -6.44 -1.25
CA GLN B 3251 12.58 -5.56 -1.54
C GLN B 3251 13.67 -6.25 -2.35
N ILE B 3252 13.26 -6.90 -3.44
CA ILE B 3252 14.18 -7.61 -4.33
C ILE B 3252 13.82 -7.28 -5.77
N ILE B 3253 14.76 -7.58 -6.67
CA ILE B 3253 14.56 -7.44 -8.10
C ILE B 3253 14.77 -8.81 -8.74
N GLU B 3254 13.74 -9.32 -9.41
CA GLU B 3254 13.78 -10.65 -10.00
C GLU B 3254 13.96 -10.54 -11.51
N ARG B 3255 14.13 -11.69 -12.15
CA ARG B 3255 14.13 -11.75 -13.60
C ARG B 3255 13.77 -13.16 -14.05
N MET B 3256 13.08 -13.23 -15.19
CA MET B 3256 12.74 -14.52 -15.78
C MET B 3256 12.55 -14.34 -17.27
N PHE B 3257 12.66 -15.45 -17.99
CA PHE B 3257 12.35 -15.45 -19.41
C PHE B 3257 10.87 -15.21 -19.63
N LEU B 3258 10.53 -14.74 -20.84
CA LEU B 3258 9.13 -14.45 -21.14
C LEU B 3258 8.29 -15.71 -21.30
N ASN B 3259 8.91 -16.88 -21.33
CA ASN B 3259 8.16 -18.13 -21.42
C ASN B 3259 8.12 -18.88 -20.09
N LYS B 3260 8.13 -18.14 -18.97
CA LYS B 3260 7.87 -18.65 -17.63
C LYS B 3260 8.98 -19.53 -17.07
N THR B 3261 10.11 -19.63 -17.77
CA THR B 3261 11.20 -20.48 -17.34
C THR B 3261 12.34 -19.68 -16.72
N ASN B 3262 13.09 -20.33 -15.84
CA ASN B 3262 14.34 -19.79 -15.27
C ASN B 3262 14.09 -18.51 -14.47
N ARG B 3263 13.25 -18.62 -13.45
CA ARG B 3263 13.05 -17.48 -12.55
C ARG B 3263 14.26 -17.33 -11.62
N GLU B 3264 14.87 -16.16 -11.65
CA GLU B 3264 16.07 -15.88 -10.88
C GLU B 3264 15.93 -14.54 -10.17
N THR B 3265 16.75 -14.35 -9.15
CA THR B 3265 16.82 -13.09 -8.41
C THR B 3265 18.21 -12.51 -8.57
N ILE B 3266 18.31 -11.36 -9.22
CA ILE B 3266 19.62 -10.79 -9.53
C ILE B 3266 20.14 -9.89 -8.41
N ILE B 3267 19.30 -9.00 -7.89
CA ILE B 3267 19.71 -8.07 -6.85
C ILE B 3267 18.78 -8.24 -5.66
N ASN B 3268 19.38 -8.51 -4.48
CA ASN B 3268 18.58 -8.76 -3.28
C ASN B 3268 19.16 -8.11 -2.03
N HIS B 3269 20.13 -7.21 -2.16
CA HIS B 3269 20.82 -6.64 -1.02
C HIS B 3269 20.81 -5.13 -1.12
N ARG B 3270 20.64 -4.47 0.04
CA ARG B 3270 20.69 -3.02 0.16
C ARG B 3270 19.54 -2.34 -0.56
N LEU B 3271 18.51 -3.10 -0.95
CA LEU B 3271 17.33 -2.50 -1.54
C LEU B 3271 16.39 -2.00 -0.44
N ARG B 3272 16.41 -0.68 -0.19
CA ARG B 3272 15.57 -0.12 0.85
C ARG B 3272 14.21 0.31 0.31
N ARG B 3273 14.20 1.20 -0.70
CA ARG B 3273 12.95 1.56 -1.36
C ARG B 3273 13.27 1.90 -2.82
N ALA B 3274 13.11 0.91 -3.69
CA ALA B 3274 13.27 1.10 -5.13
C ALA B 3274 11.89 1.27 -5.74
N GLU B 3275 11.65 2.44 -6.35
CA GLU B 3275 10.31 2.75 -6.84
C GLU B 3275 10.12 2.47 -8.32
N SER B 3276 11.19 2.46 -9.12
CA SER B 3276 11.06 2.19 -10.54
C SER B 3276 12.37 1.64 -11.05
N LEU B 3277 12.31 0.99 -12.22
CA LEU B 3277 13.51 0.53 -12.89
C LEU B 3277 13.31 0.59 -14.39
N ALA B 3278 14.44 0.58 -15.11
CA ALA B 3278 14.43 0.54 -16.57
C ALA B 3278 15.61 -0.31 -17.03
N VAL B 3279 15.42 -0.99 -18.16
CA VAL B 3279 16.42 -1.90 -18.70
C VAL B 3279 17.09 -1.22 -19.89
N ASP B 3280 18.41 -1.15 -19.87
CA ASP B 3280 19.18 -0.58 -20.97
C ASP B 3280 19.54 -1.71 -21.93
N TRP B 3281 18.77 -1.83 -23.01
CA TRP B 3281 18.98 -2.93 -23.95
C TRP B 3281 20.24 -2.76 -24.79
N VAL B 3282 20.88 -1.59 -24.74
CA VAL B 3282 22.00 -1.30 -25.61
C VAL B 3282 23.31 -1.77 -25.00
N SER B 3283 23.68 -1.19 -23.86
CA SER B 3283 24.91 -1.55 -23.18
C SER B 3283 24.71 -2.62 -22.13
N ARG B 3284 23.51 -3.20 -22.05
CA ARG B 3284 23.19 -4.29 -21.13
C ARG B 3284 23.44 -3.87 -19.67
N LYS B 3285 22.68 -2.86 -19.27
CA LYS B 3285 22.73 -2.34 -17.90
C LYS B 3285 21.32 -2.22 -17.35
N LEU B 3286 21.23 -2.18 -16.03
CA LEU B 3286 19.96 -2.06 -15.33
C LEU B 3286 19.99 -0.83 -14.44
N TYR B 3287 18.95 -0.01 -14.53
CA TYR B 3287 18.84 1.21 -13.75
C TYR B 3287 17.64 1.11 -12.82
N TRP B 3288 17.76 1.68 -11.62
CA TRP B 3288 16.61 1.75 -10.72
C TRP B 3288 16.82 2.88 -9.72
N LEU B 3289 15.73 3.55 -9.38
CA LEU B 3289 15.75 4.66 -8.45
C LEU B 3289 15.57 4.17 -7.02
N ASP B 3290 16.24 4.83 -6.09
CA ASP B 3290 16.08 4.56 -4.66
C ASP B 3290 15.47 5.78 -4.00
N ALA B 3291 14.31 5.60 -3.38
CA ALA B 3291 13.58 6.69 -2.74
C ALA B 3291 13.95 6.89 -1.27
N ILE B 3292 14.74 5.98 -0.69
CA ILE B 3292 15.23 6.13 0.67
C ILE B 3292 16.68 6.60 0.71
N LEU B 3293 17.55 5.98 -0.08
CA LEU B 3293 18.90 6.50 -0.26
C LEU B 3293 18.92 7.76 -1.10
N ASP B 3294 17.83 8.05 -1.82
CA ASP B 3294 17.69 9.27 -2.61
C ASP B 3294 18.79 9.37 -3.66
N CYS B 3295 18.88 8.34 -4.50
CA CYS B 3295 19.95 8.24 -5.48
C CYS B 3295 19.46 7.55 -6.74
N LEU B 3296 20.38 7.35 -7.67
CA LEU B 3296 20.15 6.64 -8.93
C LEU B 3296 21.25 5.61 -9.09
N PHE B 3297 20.89 4.39 -9.45
CA PHE B 3297 21.83 3.28 -9.52
C PHE B 3297 21.94 2.73 -10.94
N VAL B 3298 23.10 2.14 -11.23
CA VAL B 3298 23.35 1.44 -12.47
C VAL B 3298 24.04 0.12 -12.13
N SER B 3299 23.68 -0.93 -12.87
CA SER B 3299 24.21 -2.25 -12.57
C SER B 3299 24.25 -3.09 -13.84
N ASP B 3300 25.06 -4.15 -13.79
CA ASP B 3300 25.03 -5.15 -14.84
C ASP B 3300 23.73 -5.95 -14.76
N LEU B 3301 23.29 -6.46 -15.91
CA LEU B 3301 22.01 -7.15 -15.97
C LEU B 3301 21.98 -8.37 -15.06
N GLU B 3302 23.13 -9.02 -14.86
CA GLU B 3302 23.19 -10.19 -14.00
C GLU B 3302 23.24 -9.84 -12.51
N GLY B 3303 23.56 -8.60 -12.16
CA GLY B 3303 23.53 -8.15 -10.78
C GLY B 3303 24.83 -7.63 -10.24
N ARG B 3304 25.95 -7.90 -10.90
CA ARG B 3304 27.24 -7.46 -10.38
C ARG B 3304 27.48 -5.99 -10.67
N HIS B 3305 28.46 -5.42 -9.97
CA HIS B 3305 28.98 -4.08 -10.26
C HIS B 3305 27.89 -3.01 -10.13
N ARG B 3306 27.34 -2.86 -8.94
CA ARG B 3306 26.41 -1.77 -8.67
C ARG B 3306 27.19 -0.47 -8.51
N LYS B 3307 26.62 0.63 -9.03
CA LYS B 3307 27.29 1.92 -8.95
C LYS B 3307 26.26 3.04 -8.92
N MET B 3308 26.60 4.11 -8.19
CA MET B 3308 25.76 5.29 -8.11
C MET B 3308 26.13 6.27 -9.22
N ILE B 3309 25.13 6.89 -9.84
CA ILE B 3309 25.38 7.89 -10.87
C ILE B 3309 24.66 9.20 -10.62
N ALA B 3310 23.81 9.29 -9.61
CA ALA B 3310 23.14 10.54 -9.28
C ALA B 3310 22.76 10.54 -7.81
N GLN B 3311 22.78 11.72 -7.21
CA GLN B 3311 22.53 11.85 -5.78
C GLN B 3311 22.31 13.33 -5.47
N HIS B 3312 22.06 13.62 -4.19
CA HIS B 3312 21.93 14.98 -3.67
C HIS B 3312 20.89 15.79 -4.43
N CYS B 3313 21.35 16.82 -5.14
CA CYS B 3313 20.47 17.72 -5.86
C CYS B 3313 20.97 17.84 -7.30
N VAL B 3314 20.13 18.46 -8.14
CA VAL B 3314 20.37 18.51 -9.57
C VAL B 3314 20.90 19.87 -10.00
N ASP B 3315 20.13 20.93 -9.78
CA ASP B 3315 20.56 22.24 -10.21
C ASP B 3315 21.75 22.70 -9.39
N ALA B 3316 22.50 23.66 -9.95
CA ALA B 3316 23.56 24.31 -9.18
C ALA B 3316 22.98 25.15 -8.04
N ASN B 3317 21.68 25.38 -8.06
CA ASN B 3317 21.03 26.30 -7.12
C ASN B 3317 20.57 25.57 -5.86
N ASN B 3318 20.69 24.23 -5.85
CA ASN B 3318 20.30 23.40 -4.70
C ASN B 3318 18.85 23.66 -4.26
N THR B 3319 17.94 23.78 -5.22
CA THR B 3319 16.52 23.88 -4.89
C THR B 3319 15.77 22.59 -5.13
N PHE B 3320 16.11 21.84 -6.18
CA PHE B 3320 15.46 20.57 -6.50
C PHE B 3320 16.39 19.42 -6.15
N CYS B 3321 15.92 18.52 -5.30
CA CYS B 3321 16.75 17.42 -4.81
C CYS B 3321 15.95 16.12 -4.83
N PHE B 3322 16.63 15.02 -4.50
CA PHE B 3322 16.05 13.69 -4.58
C PHE B 3322 15.14 13.38 -3.40
N GLU B 3323 14.02 14.10 -3.27
CA GLU B 3323 13.13 13.83 -2.15
C GLU B 3323 12.38 12.51 -2.33
N HIS B 3324 11.55 12.42 -3.38
CA HIS B 3324 10.76 11.22 -3.65
C HIS B 3324 10.91 10.84 -5.11
N PRO B 3325 11.98 10.14 -5.47
CA PRO B 3325 12.10 9.63 -6.84
C PRO B 3325 11.00 8.64 -7.17
N ARG B 3326 10.50 8.72 -8.41
CA ARG B 3326 9.50 7.77 -8.89
C ARG B 3326 9.37 7.92 -10.40
N GLY B 3327 9.46 6.79 -11.11
CA GLY B 3327 9.34 6.80 -12.55
C GLY B 3327 10.67 7.08 -13.23
N ILE B 3328 11.05 6.24 -14.18
CA ILE B 3328 12.31 6.39 -14.90
C ILE B 3328 12.12 5.90 -16.33
N VAL B 3329 12.79 6.60 -17.26
CA VAL B 3329 12.78 6.21 -18.66
C VAL B 3329 14.16 6.46 -19.24
N LEU B 3330 14.60 5.56 -20.11
CA LEU B 3330 15.91 5.66 -20.74
C LEU B 3330 15.75 6.11 -22.18
N HIS B 3331 16.72 6.90 -22.65
CA HIS B 3331 16.83 7.29 -24.06
C HIS B 3331 18.26 6.99 -24.49
N PRO B 3332 18.61 5.71 -24.62
CA PRO B 3332 20.01 5.36 -24.89
C PRO B 3332 20.52 5.86 -26.23
N GLN B 3333 19.62 6.22 -27.14
CA GLN B 3333 20.04 6.75 -28.44
C GLN B 3333 20.89 8.01 -28.26
N ARG B 3334 20.54 8.84 -27.29
CA ARG B 3334 21.31 10.03 -26.97
C ARG B 3334 21.92 9.98 -25.57
N GLY B 3335 21.90 8.81 -24.93
CA GLY B 3335 22.60 8.65 -23.66
C GLY B 3335 22.08 9.48 -22.51
N HIS B 3336 20.77 9.51 -22.29
CA HIS B 3336 20.19 10.27 -21.20
C HIS B 3336 19.23 9.39 -20.40
N VAL B 3337 19.09 9.74 -19.11
CA VAL B 3337 18.19 9.05 -18.20
C VAL B 3337 17.25 10.08 -17.61
N TYR B 3338 15.96 9.91 -17.87
CA TYR B 3338 14.94 10.81 -17.36
C TYR B 3338 14.21 10.15 -16.20
N TRP B 3339 14.11 10.85 -15.09
CA TRP B 3339 13.37 10.39 -13.93
C TRP B 3339 12.51 11.53 -13.40
N ALA B 3340 11.40 11.16 -12.78
CA ALA B 3340 10.47 12.13 -12.23
C ALA B 3340 10.54 12.13 -10.71
N ASP B 3341 10.26 13.27 -10.12
CA ASP B 3341 10.31 13.44 -8.67
C ASP B 3341 9.02 14.09 -8.21
N TRP B 3342 8.39 13.50 -7.20
CA TRP B 3342 7.14 14.02 -6.66
C TRP B 3342 7.33 14.55 -5.24
N GLY B 3343 8.48 15.11 -4.95
CA GLY B 3343 8.70 15.78 -3.68
C GLY B 3343 7.98 17.12 -3.63
N VAL B 3344 8.22 17.85 -2.54
CA VAL B 3344 7.58 19.16 -2.40
C VAL B 3344 8.06 20.10 -3.49
N HIS B 3345 9.33 20.00 -3.89
CA HIS B 3345 9.84 20.70 -5.07
C HIS B 3345 9.88 19.70 -6.22
N ALA B 3346 8.70 19.29 -6.66
CA ALA B 3346 8.57 18.28 -7.70
C ALA B 3346 9.14 18.80 -9.02
N TYR B 3347 9.70 17.88 -9.80
CA TYR B 3347 10.31 18.22 -11.07
C TYR B 3347 10.50 16.96 -11.88
N ILE B 3348 11.10 17.13 -13.07
CA ILE B 3348 11.56 16.03 -13.90
C ILE B 3348 13.03 16.26 -14.20
N GLY B 3349 13.87 15.27 -13.90
CA GLY B 3349 15.30 15.43 -14.02
C GLY B 3349 15.92 14.64 -15.14
N ARG B 3350 17.06 15.11 -15.64
CA ARG B 3350 17.82 14.43 -16.67
C ARG B 3350 19.27 14.32 -16.23
N ILE B 3351 19.91 13.22 -16.62
CA ILE B 3351 21.32 13.02 -16.35
C ILE B 3351 21.88 12.08 -17.40
N GLY B 3352 23.15 12.29 -17.76
CA GLY B 3352 23.81 11.38 -18.67
C GLY B 3352 23.97 10.00 -18.06
N MET B 3353 24.13 9.00 -18.92
CA MET B 3353 24.16 7.62 -18.45
C MET B 3353 25.42 7.28 -17.67
N ASP B 3354 26.41 8.17 -17.64
CA ASP B 3354 27.57 7.99 -16.78
C ASP B 3354 27.61 8.98 -15.61
N GLY B 3355 26.53 9.75 -15.41
CA GLY B 3355 26.46 10.71 -14.33
C GLY B 3355 26.87 12.13 -14.67
N THR B 3356 27.38 12.39 -15.86
CA THR B 3356 27.69 13.76 -16.26
C THR B 3356 26.45 14.43 -16.84
N ASN B 3357 26.43 15.75 -16.76
CA ASN B 3357 25.27 16.55 -17.18
C ASN B 3357 23.99 16.16 -16.47
N LYS B 3358 23.93 16.41 -15.17
CA LYS B 3358 22.61 16.41 -14.54
C LYS B 3358 22.05 17.82 -14.55
N SER B 3359 20.79 17.93 -14.97
CA SER B 3359 20.12 19.22 -15.09
C SER B 3359 18.62 19.02 -14.89
N VAL B 3360 17.91 20.12 -14.79
CA VAL B 3360 16.47 20.09 -14.53
C VAL B 3360 15.74 20.32 -15.85
N ILE B 3361 14.74 19.48 -16.10
CA ILE B 3361 13.98 19.54 -17.35
C ILE B 3361 12.73 20.37 -17.17
N ILE B 3362 11.84 19.92 -16.29
CA ILE B 3362 10.54 20.54 -16.09
C ILE B 3362 10.30 20.71 -14.60
N SER B 3363 9.98 21.94 -14.18
CA SER B 3363 9.76 22.18 -12.76
C SER B 3363 8.60 23.13 -12.49
N THR B 3364 7.69 23.35 -13.44
CA THR B 3364 6.59 24.28 -13.27
C THR B 3364 5.28 23.60 -13.64
N LYS B 3365 4.21 24.03 -12.97
CA LYS B 3365 2.87 23.49 -13.19
C LYS B 3365 2.86 21.97 -13.04
N ILE B 3366 3.51 21.49 -11.99
CA ILE B 3366 3.65 20.06 -11.76
C ILE B 3366 3.66 19.81 -10.26
N GLU B 3367 2.88 18.81 -9.83
CA GLU B 3367 2.87 18.48 -8.41
C GLU B 3367 3.25 17.04 -8.14
N TRP B 3368 2.66 16.09 -8.88
CA TRP B 3368 2.82 14.66 -8.63
C TRP B 3368 3.10 13.91 -9.93
N PRO B 3369 4.28 14.10 -10.51
CA PRO B 3369 4.60 13.38 -11.74
C PRO B 3369 4.90 11.91 -11.51
N ASN B 3370 3.85 11.10 -11.34
CA ASN B 3370 4.06 9.68 -11.10
C ASN B 3370 4.65 8.98 -12.32
N ALA B 3371 4.07 9.24 -13.49
CA ALA B 3371 4.46 8.52 -14.71
C ALA B 3371 5.48 9.31 -15.51
N ILE B 3372 6.21 8.60 -16.36
CA ILE B 3372 7.14 9.20 -17.31
C ILE B 3372 7.51 8.16 -18.35
N THR B 3373 7.64 8.59 -19.60
CA THR B 3373 8.11 7.74 -20.68
C THR B 3373 8.39 8.62 -21.89
N ILE B 3374 9.08 8.04 -22.87
CA ILE B 3374 9.45 8.73 -24.08
C ILE B 3374 8.89 7.97 -25.28
N ASP B 3375 8.38 8.72 -26.26
CA ASP B 3375 8.04 8.15 -27.56
C ASP B 3375 9.31 8.18 -28.42
N TYR B 3376 9.73 7.02 -28.89
CA TYR B 3376 11.00 6.89 -29.60
C TYR B 3376 10.87 7.18 -31.09
N THR B 3377 9.66 7.42 -31.60
CA THR B 3377 9.49 7.75 -33.01
C THR B 3377 9.67 9.24 -33.28
N ASN B 3378 8.85 10.07 -32.64
CA ASN B 3378 8.95 11.52 -32.81
C ASN B 3378 9.85 12.18 -31.78
N ASP B 3379 10.41 11.41 -30.83
CA ASP B 3379 11.30 11.91 -29.79
C ASP B 3379 10.62 13.01 -28.97
N LEU B 3380 9.55 12.60 -28.29
CA LEU B 3380 8.79 13.49 -27.41
C LEU B 3380 8.69 12.86 -26.03
N LEU B 3381 9.09 13.62 -25.01
CA LEU B 3381 8.98 13.15 -23.63
C LEU B 3381 7.52 13.24 -23.18
N TYR B 3382 7.08 12.23 -22.42
CA TYR B 3382 5.72 12.15 -21.95
C TYR B 3382 5.72 11.93 -20.44
N TRP B 3383 4.75 12.54 -19.76
CA TRP B 3383 4.58 12.34 -18.33
C TRP B 3383 3.17 12.73 -17.94
N ALA B 3384 2.77 12.32 -16.75
CA ALA B 3384 1.43 12.62 -16.23
C ALA B 3384 1.54 13.03 -14.78
N ASP B 3385 0.54 13.76 -14.30
CA ASP B 3385 0.51 14.28 -12.94
C ASP B 3385 -0.68 13.69 -12.21
N ALA B 3386 -0.43 13.16 -11.00
CA ALA B 3386 -1.49 12.56 -10.21
C ALA B 3386 -2.38 13.58 -9.52
N HIS B 3387 -1.87 14.78 -9.22
CA HIS B 3387 -2.66 15.80 -8.53
C HIS B 3387 -3.41 16.69 -9.50
N LEU B 3388 -2.68 17.37 -10.39
CA LEU B 3388 -3.33 18.21 -11.40
C LEU B 3388 -4.15 17.37 -12.36
N GLY B 3389 -3.87 16.08 -12.46
CA GLY B 3389 -4.66 15.19 -13.29
C GLY B 3389 -4.55 15.43 -14.78
N TYR B 3390 -3.36 15.70 -15.29
CA TYR B 3390 -3.15 15.94 -16.70
C TYR B 3390 -2.19 14.92 -17.29
N ILE B 3391 -2.18 14.86 -18.61
CA ILE B 3391 -1.13 14.20 -19.37
C ILE B 3391 -0.51 15.22 -20.30
N GLU B 3392 0.79 15.44 -20.18
CA GLU B 3392 1.50 16.45 -20.93
C GLU B 3392 2.70 15.83 -21.61
N PHE B 3393 3.07 16.39 -22.76
CA PHE B 3393 4.26 15.96 -23.47
C PHE B 3393 5.01 17.18 -23.95
N SER B 3394 6.33 17.02 -24.13
CA SER B 3394 7.18 18.13 -24.52
C SER B 3394 8.43 17.58 -25.19
N ASP B 3395 9.18 18.49 -25.81
CA ASP B 3395 10.46 18.15 -26.39
C ASP B 3395 11.40 17.63 -25.30
N LEU B 3396 12.44 16.91 -25.72
CA LEU B 3396 13.37 16.30 -24.78
C LEU B 3396 14.11 17.32 -23.94
N GLU B 3397 14.10 18.59 -24.34
CA GLU B 3397 14.73 19.66 -23.57
C GLU B 3397 13.77 20.37 -22.63
N GLY B 3398 12.52 19.89 -22.52
CA GLY B 3398 11.56 20.54 -21.67
C GLY B 3398 10.94 21.79 -22.24
N HIS B 3399 10.79 21.86 -23.57
CA HIS B 3399 10.25 23.03 -24.25
C HIS B 3399 9.07 22.62 -25.10
N HIS B 3400 8.19 23.60 -25.37
CA HIS B 3400 7.00 23.41 -26.21
C HIS B 3400 6.08 22.35 -25.61
N ARG B 3401 5.70 22.56 -24.34
CA ARG B 3401 4.79 21.64 -23.67
C ARG B 3401 3.40 21.71 -24.29
N HIS B 3402 2.75 20.56 -24.37
CA HIS B 3402 1.38 20.48 -24.86
C HIS B 3402 0.61 19.51 -23.98
N THR B 3403 -0.67 19.79 -23.80
CA THR B 3403 -1.53 19.05 -22.88
C THR B 3403 -2.48 18.16 -23.67
N VAL B 3404 -2.49 16.87 -23.33
CA VAL B 3404 -3.41 15.91 -23.95
C VAL B 3404 -4.72 15.92 -23.17
N TYR B 3405 -4.66 15.52 -21.91
CA TYR B 3405 -5.82 15.62 -21.03
C TYR B 3405 -5.60 16.76 -20.03
N ASP B 3406 -6.62 17.59 -19.86
CA ASP B 3406 -6.51 18.81 -19.05
C ASP B 3406 -7.42 18.67 -17.82
N GLY B 3407 -6.86 18.11 -16.76
CA GLY B 3407 -7.57 17.99 -15.50
C GLY B 3407 -8.64 16.93 -15.45
N SER B 3408 -8.73 16.07 -16.45
CA SER B 3408 -9.78 15.06 -16.48
C SER B 3408 -9.34 13.72 -15.91
N LEU B 3409 -8.10 13.61 -15.41
CA LEU B 3409 -7.67 12.30 -14.95
C LEU B 3409 -7.62 12.23 -13.44
N PRO B 3410 -8.21 11.19 -12.85
CA PRO B 3410 -8.16 11.04 -11.39
C PRO B 3410 -6.75 10.87 -10.84
N HIS B 3411 -6.02 9.85 -11.31
CA HIS B 3411 -4.72 9.54 -10.73
C HIS B 3411 -3.91 8.61 -11.64
N PRO B 3412 -3.25 9.13 -12.67
CA PRO B 3412 -2.32 8.29 -13.44
C PRO B 3412 -1.08 7.96 -12.62
N PHE B 3413 -0.52 6.78 -12.85
CA PHE B 3413 0.74 6.38 -12.22
C PHE B 3413 1.78 5.92 -13.21
N ALA B 3414 1.39 5.22 -14.27
CA ALA B 3414 2.32 4.79 -15.31
C ALA B 3414 1.63 4.92 -16.66
N LEU B 3415 2.43 5.12 -17.71
CA LEU B 3415 1.88 5.23 -19.04
C LEU B 3415 2.91 4.78 -20.08
N THR B 3416 2.39 4.31 -21.21
CA THR B 3416 3.22 3.92 -22.35
C THR B 3416 2.48 4.24 -23.63
N ILE B 3417 3.26 4.54 -24.67
CA ILE B 3417 2.72 4.89 -25.99
C ILE B 3417 3.23 3.90 -27.02
N PHE B 3418 2.31 3.41 -27.85
CA PHE B 3418 2.66 2.66 -29.05
C PHE B 3418 1.82 3.23 -30.19
N GLU B 3419 2.44 3.31 -31.37
CA GLU B 3419 1.82 3.92 -32.54
C GLU B 3419 1.30 5.32 -32.24
N ASP B 3420 -0.02 5.49 -32.24
CA ASP B 3420 -0.65 6.77 -31.95
C ASP B 3420 -1.50 6.72 -30.68
N THR B 3421 -1.40 5.64 -29.91
CA THR B 3421 -2.23 5.45 -28.73
C THR B 3421 -1.38 5.49 -27.48
N VAL B 3422 -1.93 6.05 -26.41
CA VAL B 3422 -1.28 6.11 -25.10
C VAL B 3422 -2.11 5.29 -24.12
N PHE B 3423 -1.44 4.43 -23.36
CA PHE B 3423 -2.07 3.60 -22.35
C PHE B 3423 -1.56 4.03 -20.98
N TRP B 3424 -2.47 4.22 -20.04
CA TRP B 3424 -2.07 4.64 -18.69
C TRP B 3424 -2.90 3.89 -17.65
N THR B 3425 -2.35 3.85 -16.44
CA THR B 3425 -2.94 3.12 -15.32
C THR B 3425 -3.46 4.12 -14.30
N ASP B 3426 -4.74 3.99 -13.94
CA ASP B 3426 -5.40 4.92 -13.05
C ASP B 3426 -5.60 4.26 -11.70
N TRP B 3427 -5.08 4.88 -10.64
CA TRP B 3427 -5.22 4.31 -9.30
C TRP B 3427 -6.63 4.48 -8.75
N ASN B 3428 -7.20 5.68 -8.88
CA ASN B 3428 -8.46 5.97 -8.20
C ASN B 3428 -9.60 5.12 -8.73
N THR B 3429 -9.70 4.97 -10.04
CA THR B 3429 -10.71 4.09 -10.61
C THR B 3429 -10.25 2.64 -10.68
N ARG B 3430 -8.98 2.37 -10.40
CA ARG B 3430 -8.39 1.04 -10.48
C ARG B 3430 -8.65 0.43 -11.87
N THR B 3431 -8.23 1.16 -12.89
CA THR B 3431 -8.48 0.76 -14.27
C THR B 3431 -7.24 0.99 -15.12
N VAL B 3432 -7.16 0.25 -16.21
CA VAL B 3432 -6.19 0.49 -17.28
C VAL B 3432 -6.97 0.94 -18.50
N GLU B 3433 -6.61 2.09 -19.06
CA GLU B 3433 -7.42 2.68 -20.11
C GLU B 3433 -6.51 3.42 -21.08
N LYS B 3434 -7.06 3.69 -22.28
CA LYS B 3434 -6.26 4.23 -23.36
C LYS B 3434 -7.03 5.31 -24.10
N GLY B 3435 -6.29 6.11 -24.85
CA GLY B 3435 -6.85 7.15 -25.70
C GLY B 3435 -5.80 7.57 -26.70
N ASN B 3436 -6.19 8.50 -27.58
CA ASN B 3436 -5.23 9.01 -28.55
C ASN B 3436 -4.13 9.78 -27.84
N LYS B 3437 -2.92 9.72 -28.40
CA LYS B 3437 -1.74 10.25 -27.72
C LYS B 3437 -1.53 11.73 -27.96
N TYR B 3438 -2.35 12.38 -28.79
CA TYR B 3438 -2.16 13.79 -29.09
C TYR B 3438 -3.29 14.69 -28.60
N ASP B 3439 -4.52 14.20 -28.58
CA ASP B 3439 -5.65 15.01 -28.12
C ASP B 3439 -6.52 14.30 -27.10
N GLY B 3440 -6.34 13.00 -26.87
CA GLY B 3440 -7.13 12.28 -25.91
C GLY B 3440 -8.45 11.75 -26.40
N SER B 3441 -8.74 11.89 -27.69
CA SER B 3441 -10.00 11.39 -28.22
C SER B 3441 -10.01 9.86 -28.25
N GLY B 3442 -11.21 9.29 -28.19
CA GLY B 3442 -11.35 7.85 -28.23
C GLY B 3442 -11.04 7.14 -26.93
N ARG B 3443 -11.27 7.79 -25.79
CA ARG B 3443 -10.95 7.18 -24.50
C ARG B 3443 -11.79 5.93 -24.28
N VAL B 3444 -11.12 4.85 -23.90
CA VAL B 3444 -11.77 3.56 -23.66
C VAL B 3444 -11.17 2.93 -22.41
N VAL B 3445 -12.02 2.49 -21.49
CA VAL B 3445 -11.58 1.78 -20.30
C VAL B 3445 -11.41 0.31 -20.68
N LEU B 3446 -10.19 -0.22 -20.54
CA LEU B 3446 -9.91 -1.55 -21.06
C LEU B 3446 -10.27 -2.65 -20.07
N VAL B 3447 -9.97 -2.48 -18.79
CA VAL B 3447 -10.14 -3.56 -17.82
C VAL B 3447 -10.43 -2.98 -16.45
N ASN B 3448 -11.34 -3.65 -15.73
CA ASN B 3448 -11.59 -3.40 -14.31
C ASN B 3448 -10.60 -4.21 -13.49
N THR B 3449 -9.55 -3.55 -13.00
CA THR B 3449 -8.64 -4.23 -12.10
C THR B 3449 -9.09 -4.07 -10.66
N THR B 3450 -9.14 -5.20 -9.94
CA THR B 3450 -9.52 -5.15 -8.53
C THR B 3450 -8.48 -4.42 -7.70
N HIS B 3451 -7.21 -4.71 -7.94
CA HIS B 3451 -6.11 -4.04 -7.25
C HIS B 3451 -5.55 -2.92 -8.12
N LYS B 3452 -4.75 -2.07 -7.48
CA LYS B 3452 -4.15 -0.95 -8.19
C LYS B 3452 -3.18 -1.46 -9.25
N PRO B 3453 -3.34 -1.07 -10.52
CA PRO B 3453 -2.34 -1.44 -11.53
C PRO B 3453 -1.20 -0.44 -11.50
N PHE B 3454 -0.01 -0.91 -11.11
CA PHE B 3454 1.09 0.00 -10.87
C PHE B 3454 1.83 0.36 -12.16
N ASP B 3455 2.49 -0.60 -12.77
CA ASP B 3455 3.35 -0.32 -13.91
C ASP B 3455 2.87 -1.02 -15.15
N ILE B 3456 3.07 -0.38 -16.31
CA ILE B 3456 2.55 -0.88 -17.57
C ILE B 3456 3.62 -0.67 -18.65
N HIS B 3457 3.68 -1.61 -19.59
CA HIS B 3457 4.61 -1.54 -20.70
C HIS B 3457 3.99 -2.19 -21.93
N VAL B 3458 4.41 -1.72 -23.10
CA VAL B 3458 4.03 -2.33 -24.36
C VAL B 3458 5.19 -3.16 -24.86
N TYR B 3459 5.00 -4.47 -24.93
CA TYR B 3459 6.07 -5.37 -25.36
C TYR B 3459 6.01 -5.49 -26.87
N HIS B 3460 6.95 -4.85 -27.56
CA HIS B 3460 7.07 -4.92 -28.99
C HIS B 3460 8.50 -4.60 -29.36
N PRO B 3461 9.04 -5.21 -30.41
CA PRO B 3461 10.45 -4.94 -30.77
C PRO B 3461 10.73 -3.47 -31.05
N TYR B 3462 9.74 -2.72 -31.54
CA TYR B 3462 9.97 -1.32 -31.88
C TYR B 3462 10.04 -0.40 -30.67
N ARG B 3463 9.56 -0.84 -29.51
CA ARG B 3463 9.66 -0.02 -28.31
C ARG B 3463 11.06 -0.02 -27.71
N GLN B 3464 11.96 -0.86 -28.22
CA GLN B 3464 13.37 -0.83 -27.84
C GLN B 3464 14.16 -0.82 -29.15
N PRO B 3465 14.30 0.37 -29.76
CA PRO B 3465 14.92 0.44 -31.09
C PRO B 3465 16.38 -0.01 -31.07
N ILE B 3466 16.83 -0.55 -32.20
CA ILE B 3466 18.16 -1.13 -32.28
C ILE B 3466 19.15 -0.08 -32.77
N MET B 3467 20.39 -0.19 -32.27
CA MET B 3467 21.51 0.60 -32.77
C MET B 3467 22.80 0.05 -32.18
N SER B 3468 23.92 0.47 -32.78
CA SER B 3468 25.22 -0.12 -32.47
C SER B 3468 25.63 0.21 -31.03
N ASN B 3469 26.23 -0.77 -30.37
CA ASN B 3469 26.64 -0.61 -28.98
C ASN B 3469 27.97 0.14 -28.91
N PRO B 3470 28.03 1.27 -28.20
CA PRO B 3470 29.33 1.96 -28.06
C PRO B 3470 30.41 1.11 -27.43
N CYS B 3471 30.05 0.29 -26.44
CA CYS B 3471 31.02 -0.64 -25.86
C CYS B 3471 31.01 -1.94 -26.64
N GLY B 3472 31.19 -1.86 -27.95
CA GLY B 3472 31.12 -3.04 -28.80
C GLY B 3472 32.21 -4.05 -28.53
N THR B 3473 31.82 -5.18 -27.93
CA THR B 3473 32.72 -6.27 -27.55
C THR B 3473 33.79 -5.80 -26.56
N ASN B 3474 34.50 -6.76 -25.96
CA ASN B 3474 35.58 -6.53 -25.00
C ASN B 3474 35.17 -5.59 -23.86
N ASN B 3475 33.87 -5.38 -23.71
CA ASN B 3475 33.32 -4.52 -22.65
C ASN B 3475 33.96 -3.14 -22.67
N GLY B 3476 34.27 -2.65 -23.88
CA GLY B 3476 34.89 -1.35 -24.01
C GLY B 3476 36.29 -1.27 -23.44
N GLY B 3477 36.91 -2.41 -23.13
CA GLY B 3477 38.22 -2.44 -22.53
C GLY B 3477 38.25 -2.29 -21.03
N CYS B 3478 37.15 -1.88 -20.40
CA CYS B 3478 37.13 -1.72 -18.96
C CYS B 3478 36.90 -3.05 -18.27
N SER B 3479 37.66 -3.30 -17.21
CA SER B 3479 37.38 -4.48 -16.38
C SER B 3479 36.08 -4.35 -15.63
N HIS B 3480 35.52 -3.14 -15.59
CA HIS B 3480 34.28 -2.86 -14.87
C HIS B 3480 33.29 -2.14 -15.78
N LEU B 3481 32.25 -1.58 -15.19
CA LEU B 3481 31.12 -1.02 -15.94
C LEU B 3481 31.58 -0.12 -17.09
N CYS B 3482 31.11 -0.43 -18.30
CA CYS B 3482 31.31 0.41 -19.47
C CYS B 3482 30.01 1.15 -19.74
N LEU B 3483 29.98 2.43 -19.39
CA LEU B 3483 28.75 3.22 -19.43
C LEU B 3483 28.70 4.09 -20.68
N ILE B 3484 27.48 4.37 -21.13
CA ILE B 3484 27.30 5.26 -22.27
C ILE B 3484 27.52 6.70 -21.83
N LYS B 3485 28.39 7.41 -22.55
CA LYS B 3485 28.68 8.79 -22.20
C LYS B 3485 27.55 9.70 -22.65
N ALA B 3486 27.47 10.88 -22.03
CA ALA B 3486 26.47 11.86 -22.41
C ALA B 3486 26.64 12.23 -23.88
N GLY B 3487 25.51 12.28 -24.58
CA GLY B 3487 25.50 12.43 -26.01
C GLY B 3487 25.34 11.15 -26.79
N GLY B 3488 25.61 10.00 -26.16
CA GLY B 3488 25.33 8.72 -26.75
C GLY B 3488 26.41 8.15 -27.65
N ARG B 3489 27.46 8.91 -27.93
CA ARG B 3489 28.49 8.43 -28.86
C ARG B 3489 29.62 7.74 -28.11
N GLY B 3490 30.21 8.41 -27.11
CA GLY B 3490 31.33 7.87 -26.39
C GLY B 3490 30.92 6.92 -25.28
N PHE B 3491 31.93 6.40 -24.59
CA PHE B 3491 31.74 5.54 -23.43
C PHE B 3491 32.74 5.92 -22.35
N THR B 3492 32.43 5.52 -21.12
CA THR B 3492 33.23 5.90 -19.96
C THR B 3492 33.35 4.71 -19.00
N CYS B 3493 34.58 4.28 -18.74
CA CYS B 3493 34.82 3.25 -17.75
C CYS B 3493 34.50 3.79 -16.36
N ALA B 3494 34.04 2.88 -15.48
CA ALA B 3494 33.72 3.27 -14.12
C ALA B 3494 33.81 2.04 -13.22
N CYS B 3495 34.08 2.28 -11.95
CA CYS B 3495 34.22 1.23 -10.95
C CYS B 3495 32.95 1.14 -10.12
N PRO B 3496 32.73 0.02 -9.41
CA PRO B 3496 31.54 -0.10 -8.57
C PRO B 3496 31.53 0.86 -7.40
N ASP B 3497 30.48 0.79 -6.58
CA ASP B 3497 30.31 1.75 -5.49
C ASP B 3497 31.43 1.64 -4.47
N ASP B 3498 31.70 0.43 -3.97
CA ASP B 3498 32.76 0.23 -2.98
C ASP B 3498 34.13 0.07 -3.61
N PHE B 3499 34.51 0.98 -4.50
CA PHE B 3499 35.80 0.98 -5.15
C PHE B 3499 36.30 2.41 -5.26
N GLN B 3500 37.60 2.56 -5.49
CA GLN B 3500 38.20 3.86 -5.73
C GLN B 3500 38.72 3.92 -7.15
N THR B 3501 38.19 4.84 -7.93
CA THR B 3501 38.63 5.01 -9.31
C THR B 3501 39.87 5.90 -9.35
N VAL B 3502 41.00 5.31 -9.76
CA VAL B 3502 42.26 6.04 -9.90
C VAL B 3502 42.67 5.99 -11.35
N GLN B 3503 43.06 7.14 -11.90
CA GLN B 3503 43.36 7.26 -13.31
C GLN B 3503 44.85 7.05 -13.54
N LEU B 3504 45.18 6.11 -14.42
CA LEU B 3504 46.56 5.92 -14.86
C LEU B 3504 46.90 6.95 -15.92
N ARG B 3505 48.04 6.76 -16.60
CA ARG B 3505 48.50 7.74 -17.58
C ARG B 3505 47.52 7.85 -18.75
N ASP B 3506 46.96 6.73 -19.21
CA ASP B 3506 46.02 6.79 -20.31
C ASP B 3506 44.83 5.85 -20.17
N ARG B 3507 44.69 5.11 -19.07
CA ARG B 3507 43.55 4.24 -18.88
C ARG B 3507 43.19 4.18 -17.40
N THR B 3508 42.08 3.52 -17.10
CA THR B 3508 41.49 3.58 -15.77
C THR B 3508 41.89 2.37 -14.93
N LEU B 3509 42.10 2.62 -13.63
CA LEU B 3509 42.37 1.59 -12.65
C LEU B 3509 41.33 1.65 -11.54
N CYS B 3510 40.83 0.49 -11.13
CA CYS B 3510 39.85 0.38 -10.05
C CYS B 3510 40.51 -0.30 -8.87
N MET B 3511 40.48 0.36 -7.70
CA MET B 3511 41.08 -0.22 -6.50
C MET B 3511 40.00 -0.58 -5.50
N PRO B 3512 40.01 -1.80 -4.95
CA PRO B 3512 39.00 -2.17 -3.95
C PRO B 3512 39.23 -1.41 -2.65
N MET B 3513 38.14 -0.87 -2.10
CA MET B 3513 38.16 -0.19 -0.81
C MET B 3513 37.20 -0.86 0.16
N CYS B 3514 37.23 -2.19 0.19
CA CYS B 3514 36.37 -2.97 1.06
C CYS B 3514 36.64 -2.60 2.52
N SER B 3515 35.59 -2.28 3.26
CA SER B 3515 35.75 -1.83 4.64
C SER B 3515 36.03 -3.01 5.55
N SER B 3516 36.37 -2.69 6.81
CA SER B 3516 36.72 -3.71 7.78
C SER B 3516 35.56 -4.64 8.08
N THR B 3517 34.32 -4.14 8.06
CA THR B 3517 33.13 -4.95 8.30
C THR B 3517 32.64 -5.67 7.05
N GLN B 3518 33.49 -5.78 6.02
CA GLN B 3518 33.12 -6.39 4.77
C GLN B 3518 34.22 -7.34 4.31
N PHE B 3519 33.84 -8.32 3.50
CA PHE B 3519 34.79 -9.29 2.95
C PHE B 3519 34.95 -9.07 1.46
N LEU B 3520 36.20 -9.00 1.01
CA LEU B 3520 36.52 -8.83 -0.39
C LEU B 3520 36.82 -10.20 -1.00
N CYS B 3521 36.20 -10.50 -2.13
CA CYS B 3521 36.38 -11.80 -2.76
C CYS B 3521 37.79 -11.95 -3.29
N GLY B 3522 38.20 -13.21 -3.50
CA GLY B 3522 39.57 -13.50 -3.88
C GLY B 3522 40.00 -12.86 -5.18
N ASN B 3523 39.10 -12.81 -6.17
CA ASN B 3523 39.40 -12.19 -7.44
C ASN B 3523 39.21 -10.69 -7.42
N ASN B 3524 38.87 -10.11 -6.27
CA ASN B 3524 38.59 -8.67 -6.13
C ASN B 3524 37.43 -8.25 -7.03
N GLU B 3525 36.52 -9.18 -7.31
CA GLU B 3525 35.38 -8.87 -8.18
C GLU B 3525 34.35 -8.01 -7.48
N LYS B 3526 34.13 -8.22 -6.18
CA LYS B 3526 33.15 -7.44 -5.44
C LYS B 3526 33.47 -7.52 -3.97
N CYS B 3527 32.90 -6.58 -3.22
CA CYS B 3527 33.07 -6.48 -1.78
C CYS B 3527 31.72 -6.71 -1.11
N ILE B 3528 31.64 -7.72 -0.26
CA ILE B 3528 30.37 -8.16 0.32
C ILE B 3528 30.42 -8.04 1.84
N PRO B 3529 29.27 -7.96 2.52
CA PRO B 3529 29.29 -7.83 3.98
C PRO B 3529 29.97 -9.02 4.64
N ILE B 3530 30.60 -8.76 5.79
CA ILE B 3530 31.38 -9.79 6.46
C ILE B 3530 30.49 -10.92 6.97
N TRP B 3531 29.22 -10.64 7.25
CA TRP B 3531 28.35 -11.73 7.67
C TRP B 3531 27.90 -12.61 6.51
N TRP B 3532 28.18 -12.20 5.27
CA TRP B 3532 28.04 -13.09 4.13
C TRP B 3532 29.21 -14.04 3.99
N LYS B 3533 30.27 -13.84 4.77
CA LYS B 3533 31.40 -14.76 4.75
C LYS B 3533 31.14 -15.93 5.69
N CYS B 3534 31.41 -17.14 5.21
CA CYS B 3534 31.24 -18.38 5.95
C CYS B 3534 29.79 -18.65 6.32
N ASP B 3535 28.84 -18.17 5.51
CA ASP B 3535 27.43 -18.42 5.76
C ASP B 3535 26.93 -19.71 5.14
N GLY B 3536 27.76 -20.37 4.33
CA GLY B 3536 27.40 -21.62 3.70
C GLY B 3536 26.92 -21.51 2.27
N GLN B 3537 26.47 -20.35 1.84
CA GLN B 3537 26.00 -20.12 0.48
C GLN B 3537 27.05 -19.34 -0.29
N LYS B 3538 27.47 -19.87 -1.43
CA LYS B 3538 28.53 -19.26 -2.22
C LYS B 3538 28.03 -17.96 -2.84
N ASP B 3539 28.60 -16.85 -2.40
CA ASP B 3539 28.26 -15.53 -2.94
C ASP B 3539 29.27 -15.05 -3.97
N CYS B 3540 30.56 -15.05 -3.64
CA CYS B 3540 31.59 -14.68 -4.60
C CYS B 3540 31.66 -15.71 -5.71
N SER B 3541 31.87 -15.24 -6.94
CA SER B 3541 31.95 -16.15 -8.08
C SER B 3541 33.15 -17.08 -8.01
N ASP B 3542 34.19 -16.71 -7.26
CA ASP B 3542 35.35 -17.57 -7.08
C ASP B 3542 35.23 -18.47 -5.86
N GLY B 3543 34.15 -18.36 -5.09
CA GLY B 3543 33.96 -19.17 -3.92
C GLY B 3543 34.79 -18.79 -2.72
N SER B 3544 35.50 -17.66 -2.78
CA SER B 3544 36.36 -17.24 -1.67
C SER B 3544 35.56 -16.87 -0.43
N ASP B 3545 34.27 -16.54 -0.58
CA ASP B 3545 33.46 -16.22 0.59
C ASP B 3545 33.27 -17.42 1.50
N GLU B 3546 33.55 -18.63 1.01
CA GLU B 3546 33.45 -19.84 1.81
C GLU B 3546 34.81 -20.54 1.85
N PRO B 3547 35.66 -20.20 2.81
CA PRO B 3547 36.97 -20.84 2.90
C PRO B 3547 36.86 -22.27 3.43
N ASP B 3548 38.01 -22.94 3.47
CA ASP B 3548 38.04 -24.35 3.86
C ASP B 3548 37.87 -24.54 5.37
N LEU B 3549 38.25 -23.53 6.17
CA LEU B 3549 38.26 -23.63 7.62
C LEU B 3549 37.02 -23.03 8.26
N CYS B 3550 35.88 -23.19 7.62
CA CYS B 3550 34.65 -22.52 8.05
C CYS B 3550 34.16 -23.13 9.37
N PRO B 3551 33.89 -22.31 10.39
CA PRO B 3551 33.24 -22.81 11.59
C PRO B 3551 31.81 -23.27 11.31
N HIS B 3552 31.30 -24.13 12.17
CA HIS B 3552 29.92 -24.58 12.04
C HIS B 3552 28.96 -23.41 12.19
N ARG B 3553 27.96 -23.36 11.33
CA ARG B 3553 27.02 -22.24 11.29
C ARG B 3553 25.85 -22.53 12.25
N PHE B 3554 25.80 -21.77 13.33
CA PHE B 3554 24.65 -21.89 14.24
C PHE B 3554 23.53 -20.94 13.83
N CYS B 3555 23.84 -19.93 13.03
CA CYS B 3555 22.90 -18.85 12.74
C CYS B 3555 22.34 -18.95 11.34
N ARG B 3556 21.20 -18.28 11.13
CA ARG B 3556 20.49 -18.32 9.87
C ARG B 3556 21.22 -17.49 8.81
N LEU B 3557 20.67 -17.52 7.60
CA LEU B 3557 21.13 -16.61 6.55
C LEU B 3557 20.73 -15.19 6.90
N GLY B 3558 21.65 -14.26 6.66
CA GLY B 3558 21.41 -12.87 7.01
C GLY B 3558 21.60 -12.54 8.47
N GLN B 3559 22.24 -13.43 9.23
CA GLN B 3559 22.51 -13.20 10.64
C GLN B 3559 24.02 -13.28 10.89
N PHE B 3560 24.50 -12.41 11.76
CA PHE B 3560 25.90 -12.42 12.15
C PHE B 3560 26.11 -13.41 13.28
N GLN B 3561 27.16 -14.22 13.16
CA GLN B 3561 27.52 -15.20 14.18
C GLN B 3561 28.69 -14.65 14.98
N CYS B 3562 28.49 -14.51 16.29
CA CYS B 3562 29.57 -14.08 17.16
C CYS B 3562 30.68 -15.13 17.17
N ARG B 3563 31.80 -14.78 17.82
CA ARG B 3563 32.96 -15.67 17.80
C ARG B 3563 32.67 -17.01 18.48
N ASP B 3564 31.65 -17.08 19.34
CA ASP B 3564 31.29 -18.32 20.04
C ASP B 3564 29.79 -18.58 19.92
N GLY B 3565 29.41 -19.22 18.81
CA GLY B 3565 28.09 -19.82 18.66
C GLY B 3565 26.89 -18.96 19.00
N ASN B 3566 27.05 -17.64 19.08
CA ASN B 3566 25.94 -16.74 19.35
C ASN B 3566 25.63 -15.89 18.12
N CYS B 3567 24.36 -15.52 17.99
CA CYS B 3567 23.85 -14.88 16.79
C CYS B 3567 23.27 -13.51 17.11
N THR B 3568 23.32 -12.62 16.11
CA THR B 3568 22.70 -11.31 16.22
C THR B 3568 22.46 -10.77 14.82
N SER B 3569 21.55 -9.80 14.72
CA SER B 3569 21.28 -9.17 13.45
C SER B 3569 22.46 -8.28 13.03
N PRO B 3570 22.65 -8.07 11.73
CA PRO B 3570 23.79 -7.26 11.29
C PRO B 3570 23.79 -5.84 11.83
N GLN B 3571 22.63 -5.30 12.19
CA GLN B 3571 22.57 -3.94 12.70
C GLN B 3571 23.34 -3.79 14.02
N ALA B 3572 23.61 -4.90 14.69
CA ALA B 3572 24.26 -4.84 16.00
C ALA B 3572 25.72 -4.44 15.88
N LEU B 3573 26.32 -4.60 14.70
CA LEU B 3573 27.74 -4.38 14.53
C LEU B 3573 28.12 -2.93 14.77
N CYS B 3574 29.00 -2.71 15.75
CA CYS B 3574 29.57 -1.39 16.06
C CYS B 3574 28.51 -0.34 16.35
N ASN B 3575 27.42 -0.72 17.01
CA ASN B 3575 26.42 0.27 17.39
C ASN B 3575 26.65 0.85 18.78
N ALA B 3576 27.88 0.73 19.29
CA ALA B 3576 28.27 1.19 20.62
C ALA B 3576 27.49 0.50 21.72
N ARG B 3577 27.03 -0.72 21.48
CA ARG B 3577 26.34 -1.52 22.49
C ARG B 3577 26.86 -2.94 22.45
N GLN B 3578 27.06 -3.53 23.62
CA GLN B 3578 27.57 -4.90 23.75
C GLN B 3578 26.43 -5.85 23.41
N ASP B 3579 26.33 -6.22 22.13
CA ASP B 3579 25.25 -7.08 21.67
C ASP B 3579 25.62 -8.55 21.71
N CYS B 3580 26.76 -8.95 21.15
CA CYS B 3580 27.25 -10.30 21.32
C CYS B 3580 27.63 -10.52 22.78
N ALA B 3581 27.23 -11.67 23.33
CA ALA B 3581 27.59 -11.99 24.71
C ALA B 3581 29.09 -12.03 24.89
N ASP B 3582 29.81 -12.62 23.93
CA ASP B 3582 31.26 -12.52 23.93
C ASP B 3582 31.70 -11.07 23.73
N GLY B 3583 31.00 -10.33 22.88
CA GLY B 3583 31.37 -8.98 22.54
C GLY B 3583 32.08 -8.81 21.21
N SER B 3584 32.12 -9.85 20.38
CA SER B 3584 32.80 -9.77 19.10
C SER B 3584 32.18 -8.74 18.17
N ASP B 3585 30.90 -8.40 18.38
CA ASP B 3585 30.28 -7.36 17.57
C ASP B 3585 30.87 -5.98 17.85
N GLU B 3586 31.52 -5.80 18.99
CA GLU B 3586 32.20 -4.55 19.32
C GLU B 3586 33.71 -4.68 19.26
N ASP B 3587 34.22 -5.71 18.58
CA ASP B 3587 35.66 -5.90 18.49
C ASP B 3587 36.32 -4.74 17.76
N ARG B 3588 37.53 -4.37 18.19
CA ARG B 3588 38.21 -3.23 17.60
C ARG B 3588 38.58 -3.48 16.15
N VAL B 3589 39.22 -4.61 15.87
CA VAL B 3589 39.69 -4.88 14.51
C VAL B 3589 38.52 -4.98 13.54
N LEU B 3590 37.34 -5.38 14.03
CA LEU B 3590 36.16 -5.44 13.18
C LEU B 3590 35.62 -4.04 12.90
N CYS B 3591 35.65 -3.17 13.90
CA CYS B 3591 35.03 -1.85 13.78
C CYS B 3591 35.98 -0.76 13.31
N GLU B 3592 37.30 -1.02 13.29
CA GLU B 3592 38.27 0.06 13.09
C GLU B 3592 38.09 0.79 11.78
N HIS B 3593 37.45 0.19 10.79
CA HIS B 3593 37.14 0.86 9.54
C HIS B 3593 35.68 0.67 9.17
N HIS B 3594 34.79 0.80 10.15
CA HIS B 3594 33.37 0.55 9.95
C HIS B 3594 32.70 1.73 9.25
N ARG B 3595 33.11 2.00 8.01
CA ARG B 3595 32.42 2.99 7.20
C ARG B 3595 31.04 2.46 6.82
N CYS B 3596 30.01 3.26 7.06
CA CYS B 3596 28.64 2.78 6.86
C CYS B 3596 27.93 3.57 5.77
N GLU B 3597 26.62 3.35 5.63
CA GLU B 3597 25.89 3.80 4.46
C GLU B 3597 25.89 5.33 4.38
N SER B 3598 25.79 5.84 3.16
CA SER B 3598 25.97 7.27 2.92
C SER B 3598 24.96 8.13 3.65
N ASN B 3599 23.69 7.69 3.74
CA ASN B 3599 22.64 8.58 4.20
C ASN B 3599 22.60 8.75 5.71
N GLU B 3600 23.54 8.15 6.45
CA GLU B 3600 23.66 8.43 7.87
C GLU B 3600 25.07 8.92 8.16
N TRP B 3601 25.22 9.59 9.31
CA TRP B 3601 26.47 10.20 9.71
C TRP B 3601 27.10 9.39 10.85
N GLN B 3602 28.42 9.30 10.84
CA GLN B 3602 29.16 8.45 11.75
C GLN B 3602 29.65 9.25 12.95
N CYS B 3603 29.51 8.67 14.14
CA CYS B 3603 29.92 9.34 15.37
C CYS B 3603 31.40 9.10 15.64
N ALA B 3604 31.86 9.64 16.78
CA ALA B 3604 33.26 9.46 17.17
C ALA B 3604 33.57 8.01 17.48
N ASN B 3605 32.67 7.31 18.16
CA ASN B 3605 32.84 5.90 18.47
C ASN B 3605 32.47 4.99 17.30
N LYS B 3606 32.26 5.56 16.12
CA LYS B 3606 32.10 4.88 14.84
C LYS B 3606 30.75 4.19 14.71
N ARG B 3607 29.90 4.22 15.74
CA ARG B 3607 28.48 4.02 15.55
C ARG B 3607 27.92 5.15 14.69
N CYS B 3608 26.98 4.82 13.81
CA CYS B 3608 26.43 5.86 12.95
C CYS B 3608 24.91 5.88 13.05
N ILE B 3609 24.36 7.08 12.98
CA ILE B 3609 22.95 7.36 13.20
C ILE B 3609 22.42 8.14 12.01
N PRO B 3610 21.10 8.12 11.75
CA PRO B 3610 20.55 8.89 10.62
C PRO B 3610 21.01 10.34 10.62
N GLN B 3611 21.35 10.84 9.43
CA GLN B 3611 22.12 12.09 9.33
C GLN B 3611 21.38 13.27 9.96
N SER B 3612 20.06 13.29 9.91
CA SER B 3612 19.33 14.43 10.44
C SER B 3612 19.37 14.49 11.96
N TRP B 3613 19.66 13.38 12.64
CA TRP B 3613 19.59 13.34 14.09
C TRP B 3613 20.73 14.10 14.75
N GLN B 3614 21.80 14.42 14.04
CA GLN B 3614 22.89 15.16 14.64
C GLN B 3614 22.48 16.62 14.88
N CYS B 3615 22.86 17.15 16.04
CA CYS B 3615 22.54 18.50 16.47
C CYS B 3615 21.03 18.74 16.59
N ASP B 3616 20.27 17.73 17.00
CA ASP B 3616 18.85 17.90 17.27
C ASP B 3616 18.55 18.01 18.77
N SER B 3617 19.55 18.41 19.57
CA SER B 3617 19.41 18.56 21.01
C SER B 3617 19.12 17.25 21.72
N VAL B 3618 19.52 16.13 21.14
CA VAL B 3618 19.41 14.82 21.76
C VAL B 3618 20.72 14.07 21.57
N ASN B 3619 21.29 13.59 22.67
CA ASN B 3619 22.50 12.78 22.62
C ASN B 3619 22.14 11.41 22.03
N ASP B 3620 22.49 11.20 20.76
CA ASP B 3620 22.14 9.97 20.06
C ASP B 3620 23.29 9.00 19.94
N CYS B 3621 24.52 9.48 19.91
CA CYS B 3621 25.69 8.62 19.77
C CYS B 3621 26.10 7.98 21.09
N LEU B 3622 25.46 8.35 22.20
CA LEU B 3622 25.76 7.85 23.54
C LEU B 3622 27.15 8.28 24.01
N ASP B 3623 27.85 9.04 23.17
CA ASP B 3623 29.12 9.64 23.54
C ASP B 3623 29.07 11.14 23.32
N ASN B 3624 27.85 11.66 23.08
CA ASN B 3624 27.59 13.08 22.91
C ASN B 3624 28.32 13.66 21.70
N SER B 3625 28.81 12.78 20.82
CA SER B 3625 29.52 13.25 19.64
C SER B 3625 28.60 14.03 18.70
N ASP B 3626 27.39 13.51 18.47
CA ASP B 3626 26.42 14.22 17.65
C ASP B 3626 25.88 15.48 18.31
N GLU B 3627 26.12 15.65 19.61
CA GLU B 3627 25.72 16.85 20.32
C GLU B 3627 26.91 17.71 20.73
N ASP B 3628 28.07 17.49 20.12
CA ASP B 3628 29.23 18.33 20.41
C ASP B 3628 28.96 19.75 19.91
N THR B 3629 29.21 20.73 20.78
CA THR B 3629 28.94 22.12 20.43
C THR B 3629 29.82 22.60 19.30
N SER B 3630 31.12 22.27 19.33
CA SER B 3630 32.02 22.70 18.27
C SER B 3630 31.62 22.10 16.93
N HIS B 3631 31.27 20.80 16.92
CA HIS B 3631 30.85 20.15 15.68
C HIS B 3631 29.62 20.82 15.09
N CYS B 3632 28.60 21.05 15.92
CA CYS B 3632 27.39 21.71 15.44
C CYS B 3632 27.70 23.11 14.94
N ALA B 3633 28.65 23.79 15.56
CA ALA B 3633 29.02 25.13 15.11
C ALA B 3633 29.73 25.08 13.75
N SER B 3634 30.50 24.00 13.50
CA SER B 3634 31.38 23.95 12.35
C SER B 3634 30.87 23.08 11.20
N ARG B 3635 29.76 22.37 11.35
CA ARG B 3635 29.31 21.41 10.34
C ARG B 3635 28.63 22.08 9.15
N THR B 3636 28.07 21.28 8.22
CA THR B 3636 27.34 21.88 7.07
C THR B 3636 26.06 21.07 6.76
N CYS B 3637 24.95 21.76 6.50
CA CYS B 3637 23.72 21.05 6.17
C CYS B 3637 23.85 20.49 4.76
N ARG B 3638 23.39 19.26 4.57
CA ARG B 3638 23.54 18.58 3.29
C ARG B 3638 22.84 19.39 2.21
N PRO B 3639 23.27 19.25 0.96
CA PRO B 3639 22.69 20.06 -0.12
C PRO B 3639 21.18 19.96 -0.18
N GLY B 3640 20.54 21.11 -0.39
CA GLY B 3640 19.10 21.19 -0.38
C GLY B 3640 18.47 21.42 0.98
N GLN B 3641 19.27 21.72 2.00
CA GLN B 3641 18.78 21.92 3.35
C GLN B 3641 19.34 23.21 3.93
N PHE B 3642 18.52 23.87 4.75
CA PHE B 3642 18.88 25.13 5.38
C PHE B 3642 19.58 24.86 6.70
N LYS B 3643 20.49 25.76 7.08
CA LYS B 3643 21.29 25.60 8.29
C LYS B 3643 20.80 26.57 9.36
N CYS B 3644 20.51 26.03 10.54
CA CYS B 3644 20.05 26.85 11.66
C CYS B 3644 21.26 27.42 12.42
N ASN B 3645 20.99 28.46 13.20
CA ASN B 3645 22.01 28.94 14.14
C ASN B 3645 22.23 27.93 15.26
N ASN B 3646 21.22 27.10 15.53
CA ASN B 3646 21.39 26.01 16.49
C ASN B 3646 22.34 24.94 15.97
N GLY B 3647 22.66 24.96 14.67
CA GLY B 3647 23.43 23.91 14.06
C GLY B 3647 22.61 22.78 13.46
N ARG B 3648 21.30 22.77 13.71
CA ARG B 3648 20.45 21.72 13.16
C ARG B 3648 20.23 21.92 11.67
N CYS B 3649 19.76 20.86 11.01
CA CYS B 3649 19.43 20.89 9.60
C CYS B 3649 17.97 20.53 9.37
N ILE B 3650 17.30 21.33 8.54
CA ILE B 3650 15.91 21.09 8.19
C ILE B 3650 15.75 21.17 6.69
N PRO B 3651 14.76 20.47 6.15
CA PRO B 3651 14.45 20.59 4.73
C PRO B 3651 14.08 22.03 4.36
N GLN B 3652 14.40 22.41 3.13
CA GLN B 3652 14.14 23.77 2.67
C GLN B 3652 12.67 24.13 2.75
N SER B 3653 11.78 23.14 2.68
CA SER B 3653 10.35 23.41 2.72
C SER B 3653 9.88 23.88 4.10
N TRP B 3654 10.68 23.69 5.13
CA TRP B 3654 10.32 24.14 6.48
C TRP B 3654 10.72 25.59 6.74
N LYS B 3655 11.46 26.20 5.82
CA LYS B 3655 11.77 27.63 5.93
C LYS B 3655 10.55 28.45 5.55
N CYS B 3656 10.22 29.44 6.38
CA CYS B 3656 9.06 30.31 6.17
C CYS B 3656 7.77 29.50 6.05
N ASP B 3657 7.56 28.57 6.98
CA ASP B 3657 6.30 27.85 7.11
C ASP B 3657 5.61 28.14 8.44
N VAL B 3658 5.91 29.28 9.05
CA VAL B 3658 5.32 29.74 10.30
C VAL B 3658 5.81 28.90 11.47
N ASP B 3659 5.63 27.58 11.39
CA ASP B 3659 6.02 26.70 12.48
C ASP B 3659 7.53 26.66 12.63
N ASN B 3660 8.01 26.81 13.86
CA ASN B 3660 9.44 26.75 14.13
C ASN B 3660 9.92 25.31 13.99
N ASP B 3661 11.15 25.16 13.49
CA ASP B 3661 11.79 23.85 13.38
C ASP B 3661 13.23 23.82 13.87
N CYS B 3662 13.88 24.97 14.04
CA CYS B 3662 15.29 25.02 14.42
C CYS B 3662 15.49 25.19 15.92
N GLY B 3663 14.44 25.13 16.72
CA GLY B 3663 14.54 25.46 18.13
C GLY B 3663 14.58 26.96 18.31
N ASP B 3664 15.71 27.57 17.93
CA ASP B 3664 15.74 29.01 17.76
C ASP B 3664 15.02 29.38 16.46
N TYR B 3665 14.56 30.62 16.39
CA TYR B 3665 13.63 31.00 15.33
C TYR B 3665 14.32 31.53 14.07
N SER B 3666 15.54 31.11 13.79
CA SER B 3666 16.20 31.51 12.55
C SER B 3666 15.54 30.91 11.32
N ASP B 3667 14.76 29.84 11.47
CA ASP B 3667 14.05 29.26 10.34
C ASP B 3667 12.79 30.01 9.98
N GLU B 3668 12.35 30.96 10.81
CA GLU B 3668 11.18 31.75 10.49
C GLU B 3668 11.48 33.24 10.66
N PRO B 3669 12.38 33.83 9.87
CA PRO B 3669 12.61 35.27 9.98
C PRO B 3669 11.49 36.06 9.32
N ILE B 3670 10.61 36.66 10.12
CA ILE B 3670 9.41 37.31 9.62
C ILE B 3670 9.76 38.47 8.67
N ASP B 3671 10.91 39.10 8.86
CA ASP B 3671 11.35 40.12 7.91
C ASP B 3671 11.53 39.55 6.51
N GLU B 3672 12.03 38.32 6.41
CA GLU B 3672 12.17 37.65 5.12
C GLU B 3672 10.96 36.80 4.78
N CYS B 3673 10.19 36.40 5.80
CA CYS B 3673 9.15 35.39 5.63
C CYS B 3673 7.86 36.01 5.09
N THR B 3674 7.88 37.33 4.85
CA THR B 3674 6.71 38.01 4.33
C THR B 3674 6.97 38.77 3.04
N THR B 3675 8.17 38.68 2.48
CA THR B 3675 8.48 39.38 1.24
C THR B 3675 7.82 38.67 0.05
N ALA B 3676 8.00 39.27 -1.13
CA ALA B 3676 7.38 38.72 -2.33
C ALA B 3676 8.07 37.46 -2.82
N ALA B 3677 9.24 37.14 -2.28
CA ALA B 3677 9.97 35.95 -2.74
C ALA B 3677 9.31 34.66 -2.29
N TYR B 3678 8.38 34.72 -1.33
CA TYR B 3678 7.76 33.51 -0.78
C TYR B 3678 6.25 33.50 -1.02
N ASN B 3679 5.81 34.01 -2.16
CA ASN B 3679 4.41 33.87 -2.54
C ASN B 3679 4.11 32.41 -2.89
N CYS B 3680 2.86 32.02 -2.62
CA CYS B 3680 2.44 30.67 -2.97
C CYS B 3680 2.32 30.53 -4.49
N ASP B 3681 2.52 29.31 -4.97
CA ASP B 3681 2.24 29.01 -6.37
C ASP B 3681 0.74 28.84 -6.56
N ASN B 3682 0.15 29.63 -7.45
CA ASN B 3682 -1.30 29.68 -7.54
C ASN B 3682 -1.88 28.42 -8.17
N HIS B 3683 -1.05 27.53 -8.71
CA HIS B 3683 -1.56 26.29 -9.29
C HIS B 3683 -1.68 25.20 -8.23
N THR B 3684 -0.58 24.89 -7.54
CA THR B 3684 -0.52 23.71 -6.68
C THR B 3684 -0.59 24.03 -5.19
N GLU B 3685 -0.69 25.30 -4.81
CA GLU B 3685 -0.65 25.67 -3.40
C GLU B 3685 -1.86 26.52 -3.03
N PHE B 3686 -2.27 26.41 -1.78
CA PHE B 3686 -3.40 27.15 -1.22
C PHE B 3686 -2.88 28.07 -0.12
N SER B 3687 -3.19 29.36 -0.23
CA SER B 3687 -2.67 30.33 0.72
C SER B 3687 -3.58 30.42 1.94
N CYS B 3688 -2.98 30.36 3.13
CA CYS B 3688 -3.74 30.53 4.36
C CYS B 3688 -4.21 31.98 4.48
N LYS B 3689 -5.41 32.15 5.04
CA LYS B 3689 -6.01 33.48 5.11
C LYS B 3689 -5.25 34.39 6.08
N THR B 3690 -4.93 33.89 7.26
CA THR B 3690 -4.32 34.71 8.30
C THR B 3690 -2.81 34.52 8.42
N ASN B 3691 -2.34 33.28 8.51
CA ASN B 3691 -0.91 33.03 8.58
C ASN B 3691 -0.29 33.13 7.19
N TYR B 3692 1.03 33.29 7.17
CA TYR B 3692 1.73 33.56 5.92
C TYR B 3692 2.25 32.31 5.23
N ARG B 3693 1.98 31.12 5.76
CA ARG B 3693 2.47 29.90 5.15
C ARG B 3693 1.61 29.47 3.97
N CYS B 3694 2.22 28.72 3.07
CA CYS B 3694 1.54 28.17 1.90
C CYS B 3694 1.49 26.65 2.03
N ILE B 3695 0.33 26.07 1.74
CA ILE B 3695 0.16 24.62 1.89
C ILE B 3695 -0.32 24.04 0.57
N PRO B 3696 -0.01 22.77 0.29
CA PRO B 3696 -0.40 22.18 -1.00
C PRO B 3696 -1.91 22.07 -1.14
N GLN B 3697 -2.38 22.08 -2.39
CA GLN B 3697 -3.81 22.11 -2.66
C GLN B 3697 -4.53 20.88 -2.14
N TRP B 3698 -3.89 19.71 -2.22
CA TRP B 3698 -4.55 18.48 -1.78
C TRP B 3698 -4.77 18.45 -0.28
N ALA B 3699 -4.07 19.27 0.49
CA ALA B 3699 -4.29 19.34 1.92
C ALA B 3699 -5.58 20.06 2.29
N VAL B 3700 -6.23 20.71 1.34
CA VAL B 3700 -7.49 21.40 1.61
C VAL B 3700 -8.61 20.39 1.72
N CYS B 3701 -9.42 20.51 2.76
CA CYS B 3701 -10.56 19.63 3.01
C CYS B 3701 -10.11 18.17 3.09
N ASN B 3702 -9.29 17.90 4.10
CA ASN B 3702 -8.86 16.55 4.42
C ASN B 3702 -9.17 16.13 5.84
N GLY B 3703 -9.78 16.99 6.64
CA GLY B 3703 -10.00 16.69 8.05
C GLY B 3703 -8.82 16.97 8.96
N PHE B 3704 -7.92 17.85 8.55
CA PHE B 3704 -6.73 18.16 9.35
C PHE B 3704 -6.37 19.62 9.13
N ASP B 3705 -5.98 20.30 10.21
CA ASP B 3705 -5.68 21.73 10.17
C ASP B 3705 -4.22 21.92 9.76
N ASP B 3706 -3.99 21.97 8.45
CA ASP B 3706 -2.63 22.21 7.95
C ASP B 3706 -2.25 23.68 8.02
N CYS B 3707 -3.22 24.59 7.80
CA CYS B 3707 -2.92 26.01 7.83
C CYS B 3707 -2.79 26.57 9.25
N ARG B 3708 -2.99 25.74 10.28
CA ARG B 3708 -2.92 26.13 11.69
C ARG B 3708 -4.04 27.06 12.11
N ASP B 3709 -4.96 27.41 11.20
CA ASP B 3709 -6.07 28.27 11.56
C ASP B 3709 -7.37 27.84 10.90
N ASN B 3710 -7.45 26.57 10.51
CA ASN B 3710 -8.63 25.96 9.89
C ASN B 3710 -9.03 26.63 8.57
N SER B 3711 -8.11 27.35 7.93
CA SER B 3711 -8.42 27.94 6.63
C SER B 3711 -8.66 26.85 5.59
N ASP B 3712 -7.88 25.77 5.65
CA ASP B 3712 -8.00 24.70 4.67
C ASP B 3712 -9.23 23.84 4.90
N GLU B 3713 -9.79 23.85 6.11
CA GLU B 3713 -10.94 23.04 6.44
C GLU B 3713 -12.24 23.82 6.53
N GLN B 3714 -12.20 25.15 6.46
CA GLN B 3714 -13.42 25.94 6.55
C GLN B 3714 -14.14 25.97 5.20
N GLY B 3715 -15.47 25.97 5.26
CA GLY B 3715 -16.27 26.00 4.06
C GLY B 3715 -16.08 24.80 3.16
N CYS B 3716 -16.10 23.59 3.73
CA CYS B 3716 -15.77 22.40 2.95
C CYS B 3716 -16.86 22.02 1.97
N GLU B 3717 -18.10 22.45 2.18
CA GLU B 3717 -19.18 22.10 1.27
C GLU B 3717 -19.06 22.80 -0.09
N SER B 3718 -18.20 23.81 -0.20
CA SER B 3718 -18.01 24.50 -1.47
C SER B 3718 -17.15 23.71 -2.44
N VAL B 3719 -16.35 22.78 -1.95
CA VAL B 3719 -15.45 22.00 -2.80
C VAL B 3719 -16.22 20.86 -3.45
N PRO B 3720 -16.30 20.81 -4.78
CA PRO B 3720 -16.93 19.67 -5.45
C PRO B 3720 -15.91 18.56 -5.69
N CYS B 3721 -16.26 17.34 -5.29
CA CYS B 3721 -15.36 16.22 -5.46
C CYS B 3721 -15.21 15.89 -6.94
N HIS B 3722 -14.13 15.18 -7.26
CA HIS B 3722 -13.84 14.84 -8.64
C HIS B 3722 -14.96 13.96 -9.21
N PRO B 3723 -15.38 14.17 -10.45
CA PRO B 3723 -16.57 13.45 -10.94
C PRO B 3723 -16.32 11.99 -11.28
N SER B 3724 -15.08 11.62 -11.60
CA SER B 3724 -14.80 10.30 -12.16
C SER B 3724 -14.33 9.28 -11.13
N GLY B 3725 -13.37 9.64 -10.28
CA GLY B 3725 -12.78 8.66 -9.40
C GLY B 3725 -12.76 9.05 -7.94
N ASP B 3726 -13.69 9.89 -7.52
CA ASP B 3726 -13.77 10.34 -6.14
C ASP B 3726 -15.12 9.97 -5.53
N PHE B 3727 -15.10 9.78 -4.21
CA PHE B 3727 -16.30 9.51 -3.43
C PHE B 3727 -16.40 10.55 -2.32
N ARG B 3728 -17.60 11.07 -2.09
CA ARG B 3728 -17.84 12.12 -1.13
C ARG B 3728 -18.40 11.53 0.16
N CYS B 3729 -17.76 11.86 1.28
CA CYS B 3729 -18.19 11.33 2.57
C CYS B 3729 -19.34 12.14 3.14
N ALA B 3730 -19.83 11.70 4.30
CA ALA B 3730 -20.91 12.42 4.97
C ALA B 3730 -20.46 13.81 5.39
N ASN B 3731 -19.22 13.92 5.90
CA ASN B 3731 -18.67 15.21 6.29
C ASN B 3731 -18.16 16.02 5.10
N HIS B 3732 -18.53 15.65 3.88
CA HIS B 3732 -18.26 16.38 2.65
C HIS B 3732 -16.78 16.40 2.28
N HIS B 3733 -16.00 15.43 2.73
CA HIS B 3733 -14.62 15.30 2.26
C HIS B 3733 -14.55 14.37 1.05
N CYS B 3734 -13.56 14.62 0.20
CA CYS B 3734 -13.33 13.78 -0.97
C CYS B 3734 -12.24 12.76 -0.68
N ILE B 3735 -12.51 11.51 -1.03
CA ILE B 3735 -11.56 10.42 -0.85
C ILE B 3735 -11.42 9.68 -2.17
N PRO B 3736 -10.26 9.07 -2.45
CA PRO B 3736 -10.15 8.22 -3.65
C PRO B 3736 -11.16 7.08 -3.61
N LEU B 3737 -11.70 6.76 -4.78
CA LEU B 3737 -12.69 5.68 -4.85
C LEU B 3737 -12.09 4.34 -4.44
N ARG B 3738 -10.77 4.20 -4.57
CA ARG B 3738 -10.11 2.95 -4.19
C ARG B 3738 -10.14 2.71 -2.69
N TRP B 3739 -10.39 3.74 -1.87
CA TRP B 3739 -10.49 3.57 -0.43
C TRP B 3739 -11.90 3.27 0.04
N LYS B 3740 -12.91 3.40 -0.82
CA LYS B 3740 -14.26 3.02 -0.45
C LYS B 3740 -14.35 1.50 -0.32
N CYS B 3741 -14.92 1.05 0.79
CA CYS B 3741 -15.11 -0.37 1.09
C CYS B 3741 -13.78 -1.12 1.20
N ASP B 3742 -12.69 -0.42 1.44
CA ASP B 3742 -11.39 -1.08 1.57
C ASP B 3742 -11.24 -1.77 2.92
N GLY B 3743 -12.02 -1.39 3.92
CA GLY B 3743 -12.00 -2.04 5.21
C GLY B 3743 -11.63 -1.14 6.37
N THR B 3744 -11.29 0.12 6.09
CA THR B 3744 -10.90 1.05 7.13
C THR B 3744 -11.64 2.36 6.95
N ASP B 3745 -11.93 3.01 8.08
CA ASP B 3745 -12.49 4.37 8.09
C ASP B 3745 -11.44 5.33 7.54
N ASP B 3746 -11.77 6.05 6.46
CA ASP B 3746 -10.79 6.88 5.78
C ASP B 3746 -11.18 8.35 5.71
N CYS B 3747 -12.30 8.76 6.30
CA CYS B 3747 -12.62 10.18 6.38
C CYS B 3747 -13.20 10.60 7.72
N GLY B 3748 -13.11 9.77 8.76
CA GLY B 3748 -13.48 10.17 10.09
C GLY B 3748 -14.95 10.05 10.45
N ASP B 3749 -15.78 9.53 9.54
CA ASP B 3749 -17.19 9.34 9.88
C ASP B 3749 -17.75 8.02 9.37
N ASN B 3750 -16.92 7.06 8.96
CA ASN B 3750 -17.36 5.73 8.53
C ASN B 3750 -18.26 5.81 7.30
N SER B 3751 -18.34 6.98 6.67
CA SER B 3751 -19.21 7.14 5.50
C SER B 3751 -18.69 6.32 4.32
N ASP B 3752 -17.38 6.16 4.20
CA ASP B 3752 -16.83 5.38 3.10
C ASP B 3752 -17.16 3.90 3.22
N GLU B 3753 -17.52 3.44 4.41
CA GLU B 3753 -17.78 2.03 4.66
C GLU B 3753 -19.23 1.73 4.99
N GLU B 3754 -20.09 2.74 5.02
CA GLU B 3754 -21.50 2.50 5.27
C GLU B 3754 -22.13 1.74 4.11
N ASN B 3755 -22.95 0.74 4.46
CA ASN B 3755 -23.68 -0.07 3.48
C ASN B 3755 -22.71 -0.68 2.46
N CYS B 3756 -21.77 -1.47 2.97
CA CYS B 3756 -20.66 -1.98 2.18
C CYS B 3756 -20.87 -3.46 1.88
N VAL B 3757 -20.76 -3.82 0.61
CA VAL B 3757 -20.86 -5.21 0.17
C VAL B 3757 -19.45 -5.77 0.04
N PRO B 3758 -19.20 -6.99 0.51
CA PRO B 3758 -17.85 -7.56 0.35
C PRO B 3758 -17.51 -7.81 -1.11
N ARG B 3759 -16.23 -7.65 -1.44
CA ARG B 3759 -15.78 -7.85 -2.80
C ARG B 3759 -15.42 -9.31 -3.04
N GLU B 3760 -15.41 -9.70 -4.31
CA GLU B 3760 -14.99 -11.04 -4.68
C GLU B 3760 -13.47 -11.11 -4.81
N CYS B 3761 -12.87 -12.14 -4.22
CA CYS B 3761 -11.43 -12.27 -4.19
C CYS B 3761 -10.89 -12.62 -5.57
N SER B 3762 -9.63 -12.27 -5.80
CA SER B 3762 -8.99 -12.46 -7.09
C SER B 3762 -8.49 -13.90 -7.24
N GLU B 3763 -7.67 -14.12 -8.26
CA GLU B 3763 -7.24 -15.48 -8.62
C GLU B 3763 -6.27 -16.09 -7.61
N SER B 3764 -5.57 -15.26 -6.83
CA SER B 3764 -4.60 -15.76 -5.86
C SER B 3764 -4.99 -15.40 -4.43
N GLU B 3765 -6.28 -15.44 -4.11
CA GLU B 3765 -6.76 -15.08 -2.78
C GLU B 3765 -7.75 -16.14 -2.29
N PHE B 3766 -7.76 -16.36 -0.98
CA PHE B 3766 -8.69 -17.28 -0.34
C PHE B 3766 -9.69 -16.47 0.47
N ARG B 3767 -10.95 -16.88 0.42
CA ARG B 3767 -12.04 -16.13 1.03
C ARG B 3767 -12.37 -16.72 2.39
N CYS B 3768 -12.24 -15.92 3.44
CA CYS B 3768 -12.49 -16.40 4.78
C CYS B 3768 -13.99 -16.63 5.01
N ALA B 3769 -14.33 -17.03 6.23
CA ALA B 3769 -15.73 -17.25 6.58
C ALA B 3769 -16.53 -15.95 6.49
N ASP B 3770 -15.97 -14.85 6.96
CA ASP B 3770 -16.63 -13.55 6.92
C ASP B 3770 -16.40 -12.81 5.60
N GLN B 3771 -16.05 -13.55 4.55
CA GLN B 3771 -15.91 -13.03 3.19
C GLN B 3771 -14.90 -11.89 3.08
N GLN B 3772 -13.76 -12.00 3.74
CA GLN B 3772 -12.63 -11.15 3.42
C GLN B 3772 -11.57 -11.95 2.69
N CYS B 3773 -10.66 -11.24 2.01
CA CYS B 3773 -9.67 -11.87 1.15
C CYS B 3773 -8.29 -11.79 1.78
N ILE B 3774 -7.59 -12.92 1.77
CA ILE B 3774 -6.19 -12.99 2.18
C ILE B 3774 -5.44 -13.80 1.14
N PRO B 3775 -4.14 -13.60 0.97
CA PRO B 3775 -3.42 -14.30 -0.11
C PRO B 3775 -3.41 -15.80 0.11
N SER B 3776 -3.26 -16.55 -0.99
CA SER B 3776 -3.18 -17.99 -0.89
C SER B 3776 -1.94 -18.43 -0.12
N ARG B 3777 -0.92 -17.57 -0.05
CA ARG B 3777 0.27 -17.88 0.72
C ARG B 3777 -0.03 -18.01 2.21
N TRP B 3778 -1.11 -17.39 2.67
CA TRP B 3778 -1.46 -17.38 4.08
C TRP B 3778 -2.33 -18.55 4.50
N VAL B 3779 -2.61 -19.49 3.59
CA VAL B 3779 -3.43 -20.64 3.93
C VAL B 3779 -2.53 -21.77 4.42
N CYS B 3780 -2.81 -22.27 5.63
CA CYS B 3780 -2.04 -23.34 6.26
C CYS B 3780 -0.58 -22.94 6.45
N ASP B 3781 -0.36 -21.88 7.23
CA ASP B 3781 0.98 -21.38 7.50
C ASP B 3781 1.29 -21.27 8.99
N GLN B 3782 0.49 -21.88 9.86
CA GLN B 3782 0.66 -21.89 11.31
C GLN B 3782 0.49 -20.52 11.94
N GLU B 3783 -0.39 -19.68 11.41
CA GLU B 3783 -0.75 -18.42 12.06
C GLU B 3783 -2.18 -18.06 11.71
N ASN B 3784 -2.83 -17.34 12.62
CA ASN B 3784 -4.22 -16.95 12.43
C ASN B 3784 -4.29 -15.63 11.65
N ASP B 3785 -5.04 -15.63 10.55
CA ASP B 3785 -5.15 -14.45 9.70
C ASP B 3785 -6.57 -14.06 9.36
N CYS B 3786 -7.52 -15.01 9.38
CA CYS B 3786 -8.91 -14.70 9.06
C CYS B 3786 -9.73 -14.31 10.29
N GLY B 3787 -9.10 -14.16 11.45
CA GLY B 3787 -9.84 -13.84 12.66
C GLY B 3787 -10.50 -15.05 13.28
N ASP B 3788 -11.31 -15.75 12.49
CA ASP B 3788 -11.93 -17.00 12.89
C ASP B 3788 -11.01 -18.19 12.64
N ASN B 3789 -9.72 -17.94 12.46
CA ASN B 3789 -8.70 -18.95 12.17
C ASN B 3789 -9.04 -19.77 10.94
N SER B 3790 -9.84 -19.23 10.03
CA SER B 3790 -10.34 -20.00 8.90
C SER B 3790 -9.26 -20.35 7.90
N ASP B 3791 -8.14 -19.64 7.90
CA ASP B 3791 -7.06 -19.94 6.96
C ASP B 3791 -6.41 -21.29 7.27
N GLU B 3792 -6.50 -21.75 8.52
CA GLU B 3792 -5.92 -23.02 8.92
C GLU B 3792 -6.94 -24.14 8.99
N ARG B 3793 -8.15 -23.91 8.53
CA ARG B 3793 -9.19 -24.94 8.59
C ARG B 3793 -8.92 -26.05 7.59
N ASP B 3794 -9.07 -27.30 8.04
CA ASP B 3794 -9.02 -28.48 7.17
C ASP B 3794 -7.72 -28.56 6.39
N CYS B 3795 -6.59 -28.26 7.05
CA CYS B 3795 -5.29 -28.24 6.38
C CYS B 3795 -4.67 -29.62 6.44
N GLU B 3796 -5.30 -30.57 5.75
CA GLU B 3796 -4.70 -31.89 5.56
C GLU B 3796 -4.73 -32.30 4.09
N MET B 3797 -5.79 -31.90 3.38
CA MET B 3797 -5.98 -32.37 2.01
C MET B 3797 -5.34 -31.43 1.00
N LYS B 3798 -5.23 -30.15 1.33
CA LYS B 3798 -4.65 -29.18 0.42
C LYS B 3798 -3.14 -29.42 0.31
N THR B 3799 -2.59 -29.18 -0.88
CA THR B 3799 -1.16 -29.34 -1.09
C THR B 3799 -0.45 -28.10 -0.53
N CYS B 3800 0.86 -28.19 -0.39
CA CYS B 3800 1.66 -26.99 -0.21
C CYS B 3800 2.30 -26.59 -1.54
N HIS B 3801 2.55 -25.29 -1.68
CA HIS B 3801 3.17 -24.80 -2.90
C HIS B 3801 4.56 -25.40 -3.06
N PRO B 3802 5.05 -25.52 -4.30
CA PRO B 3802 6.23 -26.36 -4.55
C PRO B 3802 7.45 -26.01 -3.72
N GLU B 3803 7.56 -24.77 -3.26
CA GLU B 3803 8.69 -24.37 -2.43
C GLU B 3803 8.44 -24.55 -0.94
N HIS B 3804 7.31 -25.12 -0.54
CA HIS B 3804 6.95 -25.26 0.87
C HIS B 3804 7.04 -26.72 1.29
N PHE B 3805 7.68 -26.96 2.43
CA PHE B 3805 7.71 -28.29 3.03
C PHE B 3805 6.44 -28.50 3.87
N GLN B 3806 5.69 -29.54 3.54
CA GLN B 3806 4.49 -29.85 4.30
C GLN B 3806 4.84 -30.56 5.60
N CYS B 3807 4.35 -30.03 6.71
CA CYS B 3807 4.47 -30.73 7.98
C CYS B 3807 3.49 -31.88 8.03
N THR B 3808 3.85 -32.93 8.79
CA THR B 3808 2.96 -34.08 8.91
C THR B 3808 1.62 -33.71 9.54
N SER B 3809 1.54 -32.59 10.23
CA SER B 3809 0.27 -32.07 10.74
C SER B 3809 -0.52 -31.33 9.69
N GLY B 3810 0.01 -31.25 8.47
CA GLY B 3810 -0.69 -30.65 7.36
C GLY B 3810 -0.34 -29.20 7.06
N HIS B 3811 0.34 -28.51 7.95
CA HIS B 3811 0.72 -27.13 7.71
C HIS B 3811 1.96 -27.08 6.81
N CYS B 3812 2.23 -25.89 6.27
CA CYS B 3812 3.30 -25.71 5.30
C CYS B 3812 4.33 -24.71 5.81
N VAL B 3813 5.60 -25.04 5.60
CA VAL B 3813 6.70 -24.10 5.86
C VAL B 3813 7.66 -24.15 4.69
N PRO B 3814 8.37 -23.05 4.46
CA PRO B 3814 9.34 -23.03 3.36
C PRO B 3814 10.38 -24.14 3.50
N LYS B 3815 10.71 -24.78 2.37
CA LYS B 3815 11.57 -25.95 2.41
C LYS B 3815 12.97 -25.64 2.92
N ALA B 3816 13.39 -24.38 2.87
CA ALA B 3816 14.68 -24.00 3.45
C ALA B 3816 14.69 -24.14 4.97
N LEU B 3817 13.53 -24.31 5.60
CA LEU B 3817 13.43 -24.46 7.04
C LEU B 3817 13.28 -25.92 7.47
N ALA B 3818 13.97 -26.83 6.78
CA ALA B 3818 14.02 -28.23 7.16
C ALA B 3818 15.48 -28.66 7.29
N CYS B 3819 15.74 -29.53 8.26
CA CYS B 3819 17.08 -30.05 8.56
C CYS B 3819 18.03 -28.88 8.87
N ASP B 3820 17.70 -28.18 9.94
CA ASP B 3820 18.49 -27.03 10.36
C ASP B 3820 18.82 -27.01 11.85
N GLY B 3821 18.30 -27.93 12.64
CA GLY B 3821 18.58 -27.96 14.06
C GLY B 3821 17.60 -27.23 14.95
N ARG B 3822 16.44 -26.85 14.41
CA ARG B 3822 15.42 -26.16 15.18
C ARG B 3822 14.05 -26.44 14.57
N ALA B 3823 13.05 -26.48 15.44
CA ALA B 3823 11.70 -26.82 15.00
C ALA B 3823 11.03 -25.60 14.37
N ASP B 3824 10.58 -25.75 13.13
CA ASP B 3824 9.80 -24.72 12.46
C ASP B 3824 8.32 -25.07 12.34
N CYS B 3825 7.99 -26.34 12.19
CA CYS B 3825 6.61 -26.76 12.37
C CYS B 3825 6.25 -26.71 13.85
N LEU B 3826 4.95 -26.72 14.14
CA LEU B 3826 4.51 -26.73 15.52
C LEU B 3826 4.50 -28.13 16.13
N ASP B 3827 5.10 -29.11 15.44
CA ASP B 3827 5.33 -30.42 16.03
C ASP B 3827 6.70 -30.97 15.67
N ALA B 3828 7.63 -30.09 15.26
CA ALA B 3828 9.02 -30.45 14.94
C ALA B 3828 9.11 -31.51 13.86
N SER B 3829 8.08 -31.62 13.00
CA SER B 3829 8.12 -32.60 11.93
C SER B 3829 9.10 -32.23 10.85
N ASP B 3830 9.51 -30.95 10.77
CA ASP B 3830 10.49 -30.55 9.77
C ASP B 3830 11.87 -31.12 10.06
N GLU B 3831 12.19 -31.36 11.33
CA GLU B 3831 13.46 -31.95 11.71
C GLU B 3831 13.36 -33.42 12.07
N SER B 3832 12.15 -33.95 12.23
CA SER B 3832 11.97 -35.30 12.74
C SER B 3832 12.58 -36.35 11.80
N ALA B 3833 12.33 -36.21 10.50
CA ALA B 3833 12.81 -37.20 9.54
C ALA B 3833 14.18 -36.88 8.98
N CYS B 3834 14.82 -35.80 9.43
CA CYS B 3834 16.09 -35.40 8.87
C CYS B 3834 17.18 -36.43 9.20
N PRO B 3835 18.13 -36.62 8.29
CA PRO B 3835 19.19 -37.61 8.53
C PRO B 3835 20.17 -37.13 9.60
N THR B 3836 21.00 -38.07 10.05
CA THR B 3836 22.09 -37.74 10.97
C THR B 3836 23.01 -36.71 10.33
N ARG B 3837 23.26 -35.60 11.02
CA ARG B 3837 24.02 -34.50 10.46
C ARG B 3837 25.53 -34.65 10.68
N PHE B 3838 25.96 -35.67 11.42
CA PHE B 3838 27.37 -35.93 11.63
C PHE B 3838 27.66 -37.42 11.50
N PRO B 3839 28.85 -37.80 11.04
CA PRO B 3839 29.17 -39.23 10.92
C PRO B 3839 29.08 -39.98 12.24
N ASN B 3840 29.44 -39.32 13.34
CA ASN B 3840 29.38 -39.85 14.70
C ASN B 3840 27.99 -39.83 15.32
N GLY B 3841 26.94 -39.62 14.54
CA GLY B 3841 25.58 -39.94 14.95
C GLY B 3841 24.78 -38.80 15.53
N THR B 3842 25.41 -37.75 16.02
CA THR B 3842 24.63 -36.66 16.61
C THR B 3842 24.03 -35.77 15.52
N TYR B 3843 23.44 -34.66 15.95
CA TYR B 3843 22.71 -33.80 15.03
C TYR B 3843 23.15 -32.34 15.06
N CYS B 3844 23.85 -31.90 16.10
CA CYS B 3844 24.36 -30.53 16.17
C CYS B 3844 25.61 -30.54 17.03
N PRO B 3845 26.42 -29.48 16.94
CA PRO B 3845 27.74 -29.49 17.60
C PRO B 3845 27.66 -29.71 19.10
N ALA B 3846 28.86 -29.92 19.68
CA ALA B 3846 28.97 -30.24 21.10
C ALA B 3846 28.62 -29.07 22.00
N ALA B 3847 28.47 -27.87 21.44
CA ALA B 3847 28.12 -26.70 22.24
C ALA B 3847 26.62 -26.56 22.45
N MET B 3848 25.82 -27.52 21.98
CA MET B 3848 24.37 -27.43 22.06
C MET B 3848 23.81 -28.69 22.69
N PHE B 3849 22.82 -28.51 23.55
CA PHE B 3849 22.02 -29.62 24.03
C PHE B 3849 21.13 -30.12 22.89
N GLU B 3850 20.96 -31.43 22.80
CA GLU B 3850 20.23 -32.06 21.71
C GLU B 3850 19.03 -32.83 22.28
N CYS B 3851 17.83 -32.41 21.91
CA CYS B 3851 16.63 -33.11 22.34
C CYS B 3851 16.50 -34.45 21.63
N LYS B 3852 15.43 -35.18 21.95
CA LYS B 3852 15.23 -36.52 21.42
C LYS B 3852 14.98 -36.48 19.92
N ASN B 3853 14.19 -35.53 19.43
CA ASN B 3853 13.68 -35.53 18.07
C ASN B 3853 14.51 -34.68 17.13
N HIS B 3854 15.82 -34.64 17.32
CA HIS B 3854 16.79 -34.05 16.39
C HIS B 3854 16.72 -32.54 16.35
N VAL B 3855 15.74 -31.94 17.03
CA VAL B 3855 15.78 -30.51 17.27
C VAL B 3855 16.63 -30.26 18.50
N CYS B 3856 17.36 -29.15 18.51
CA CYS B 3856 18.29 -28.92 19.60
C CYS B 3856 18.43 -27.44 19.90
N ILE B 3857 18.86 -27.14 21.12
CA ILE B 3857 18.72 -25.81 21.72
C ILE B 3857 20.01 -25.46 22.46
N GLN B 3858 20.08 -24.22 22.91
CA GLN B 3858 21.23 -23.76 23.68
C GLN B 3858 21.20 -24.34 25.09
N SER B 3859 22.35 -24.28 25.76
CA SER B 3859 22.45 -24.85 27.11
C SER B 3859 21.61 -24.07 28.11
N PHE B 3860 21.60 -22.73 28.01
CA PHE B 3860 20.97 -21.92 29.04
C PHE B 3860 19.46 -22.05 29.07
N TRP B 3861 18.86 -22.65 28.04
CA TRP B 3861 17.41 -22.82 28.02
C TRP B 3861 16.93 -24.00 28.86
N ILE B 3862 17.84 -24.89 29.27
CA ILE B 3862 17.43 -26.09 29.98
C ILE B 3862 16.94 -25.71 31.38
N CYS B 3863 15.81 -26.30 31.77
CA CYS B 3863 15.17 -26.06 33.08
C CYS B 3863 14.85 -24.58 33.27
N ASP B 3864 13.93 -24.11 32.44
CA ASP B 3864 13.44 -22.74 32.58
C ASP B 3864 11.92 -22.63 32.57
N GLY B 3865 11.19 -23.74 32.66
CA GLY B 3865 9.76 -23.72 32.50
C GLY B 3865 9.30 -23.58 31.07
N GLU B 3866 10.11 -22.99 30.19
CA GLU B 3866 9.79 -22.92 28.78
C GLU B 3866 10.07 -24.27 28.13
N ASN B 3867 9.06 -24.83 27.46
CA ASN B 3867 9.25 -26.06 26.70
C ASN B 3867 9.96 -25.69 25.42
N ASP B 3868 11.30 -25.62 25.50
CA ASP B 3868 12.09 -25.10 24.39
C ASP B 3868 11.91 -25.94 23.13
N CYS B 3869 11.99 -27.26 23.26
CA CYS B 3869 11.75 -28.17 22.16
C CYS B 3869 10.52 -29.00 22.47
N VAL B 3870 9.76 -29.34 21.43
CA VAL B 3870 8.59 -30.19 21.64
C VAL B 3870 9.05 -31.56 22.12
N ASP B 3871 8.12 -32.32 22.70
CA ASP B 3871 8.57 -33.59 23.32
C ASP B 3871 9.83 -33.19 24.07
N GLY B 3872 9.70 -32.21 24.96
CA GLY B 3872 10.91 -31.65 25.55
C GLY B 3872 11.76 -32.54 26.44
N SER B 3873 12.99 -32.79 25.99
CA SER B 3873 14.00 -33.35 26.86
C SER B 3873 14.64 -32.31 27.76
N ASP B 3874 14.39 -31.02 27.50
CA ASP B 3874 14.91 -29.96 28.35
C ASP B 3874 14.30 -30.01 29.74
N GLU B 3875 13.01 -30.31 29.84
CA GLU B 3875 12.31 -30.39 31.10
C GLU B 3875 12.45 -31.76 31.77
N GLU B 3876 13.42 -32.57 31.34
CA GLU B 3876 13.68 -33.85 31.97
C GLU B 3876 14.34 -33.62 33.33
N ILE B 3877 13.69 -34.06 34.40
CA ILE B 3877 14.17 -33.74 35.74
C ILE B 3877 15.44 -34.52 36.06
N HIS B 3878 15.59 -35.72 35.49
CA HIS B 3878 16.71 -36.58 35.87
C HIS B 3878 18.04 -35.99 35.44
N LEU B 3879 18.14 -35.53 34.19
CA LEU B 3879 19.37 -34.90 33.73
C LEU B 3879 19.54 -33.50 34.29
N CYS B 3880 18.47 -32.91 34.83
CA CYS B 3880 18.53 -31.52 35.25
C CYS B 3880 18.74 -31.40 36.75
N PHE B 3881 18.83 -32.54 37.45
CA PHE B 3881 19.05 -32.53 38.89
C PHE B 3881 20.37 -31.86 39.25
N ASN B 3882 21.38 -32.01 38.41
CA ASN B 3882 22.73 -31.53 38.70
C ASN B 3882 23.06 -30.19 38.05
N ILE B 3883 22.10 -29.55 37.40
CA ILE B 3883 22.35 -28.24 36.78
C ILE B 3883 22.34 -27.21 37.90
N PRO B 3884 22.87 -26.00 37.71
CA PRO B 3884 22.96 -25.05 38.82
C PRO B 3884 21.60 -24.48 39.25
N CYS B 3885 20.86 -25.25 40.04
CA CYS B 3885 19.61 -24.78 40.63
C CYS B 3885 19.93 -23.95 41.87
N GLU B 3886 20.35 -22.72 41.62
CA GLU B 3886 20.87 -21.82 42.64
C GLU B 3886 19.80 -20.80 43.01
N SER B 3887 19.64 -20.57 44.32
CA SER B 3887 18.62 -19.68 44.87
C SER B 3887 18.63 -18.26 44.31
N PRO B 3888 19.78 -17.61 44.08
CA PRO B 3888 19.74 -16.22 43.57
C PRO B 3888 19.10 -16.08 42.20
N GLN B 3889 18.99 -17.16 41.41
CA GLN B 3889 18.42 -17.04 40.08
C GLN B 3889 17.36 -18.12 39.81
N ARG B 3890 17.38 -19.21 40.57
CA ARG B 3890 16.45 -20.31 40.39
C ARG B 3890 15.85 -20.72 41.73
N PHE B 3891 14.55 -20.96 41.75
CA PHE B 3891 13.85 -21.40 42.95
C PHE B 3891 13.90 -22.92 43.03
N ARG B 3892 14.67 -23.47 43.97
CA ARG B 3892 14.80 -24.90 44.14
C ARG B 3892 13.59 -25.43 44.90
N CYS B 3893 12.69 -26.09 44.17
CA CYS B 3893 11.48 -26.60 44.78
C CYS B 3893 11.77 -27.87 45.58
N ASP B 3894 10.77 -28.33 46.33
CA ASP B 3894 10.93 -29.49 47.19
C ASP B 3894 11.21 -30.76 46.38
N ASN B 3895 10.57 -30.91 45.23
CA ASN B 3895 10.75 -32.08 44.39
C ASN B 3895 12.10 -32.09 43.66
N SER B 3896 13.02 -31.20 44.05
CA SER B 3896 14.39 -31.14 43.55
C SER B 3896 14.45 -30.53 42.15
N ARG B 3897 13.31 -30.23 41.55
CA ARG B 3897 13.31 -29.45 40.33
C ARG B 3897 13.34 -27.96 40.67
N CYS B 3898 14.07 -27.19 39.88
CA CYS B 3898 14.26 -25.77 40.14
C CYS B 3898 13.49 -24.94 39.13
N VAL B 3899 13.06 -23.76 39.57
CA VAL B 3899 12.15 -22.91 38.83
C VAL B 3899 12.88 -21.64 38.42
N TYR B 3900 12.78 -21.30 37.14
CA TYR B 3900 13.52 -20.18 36.57
C TYR B 3900 12.93 -18.85 37.03
N GLY B 3901 13.75 -18.05 37.71
CA GLY B 3901 13.47 -16.65 37.92
C GLY B 3901 12.14 -16.28 38.52
N HIS B 3902 11.42 -15.39 37.83
CA HIS B 3902 10.23 -14.75 38.40
C HIS B 3902 9.03 -15.69 38.49
N GLN B 3903 9.17 -16.93 38.02
CA GLN B 3903 8.03 -17.85 38.01
C GLN B 3903 7.63 -18.25 39.43
N LEU B 3904 8.46 -17.94 40.43
CA LEU B 3904 8.14 -18.30 41.80
C LEU B 3904 6.97 -17.46 42.30
N CYS B 3905 5.98 -18.12 42.90
CA CYS B 3905 4.80 -17.47 43.46
C CYS B 3905 4.11 -16.55 42.45
N ASN B 3906 4.16 -16.94 41.17
CA ASN B 3906 3.53 -16.13 40.14
C ASN B 3906 2.02 -16.35 40.07
N GLY B 3907 1.52 -17.37 40.77
CA GLY B 3907 0.10 -17.71 40.72
C GLY B 3907 -0.19 -19.05 40.04
N VAL B 3908 0.78 -19.65 39.36
CA VAL B 3908 0.59 -20.94 38.70
C VAL B 3908 1.75 -21.84 39.10
N ASP B 3909 1.45 -23.09 39.47
CA ASP B 3909 2.47 -24.03 39.90
C ASP B 3909 3.38 -24.42 38.74
N ASP B 3910 4.60 -23.88 38.74
CA ASP B 3910 5.62 -24.29 37.80
C ASP B 3910 6.51 -25.40 38.33
N CYS B 3911 6.31 -25.83 39.58
CA CYS B 3911 7.13 -26.86 40.20
C CYS B 3911 6.52 -28.25 40.11
N GLY B 3912 5.24 -28.40 40.44
CA GLY B 3912 4.59 -29.69 40.33
C GLY B 3912 4.20 -30.33 41.66
N ASP B 3913 4.38 -29.60 42.76
CA ASP B 3913 3.93 -30.11 44.05
C ASP B 3913 3.13 -29.10 44.86
N GLY B 3914 2.84 -27.92 44.34
CA GLY B 3914 2.06 -26.93 45.04
C GLY B 3914 2.85 -25.92 45.84
N SER B 3915 4.13 -26.19 46.10
CA SER B 3915 4.94 -25.27 46.89
C SER B 3915 5.49 -24.10 46.09
N ASP B 3916 5.30 -24.10 44.77
CA ASP B 3916 5.62 -22.90 43.98
C ASP B 3916 4.75 -21.73 44.41
N GLU B 3917 3.46 -21.99 44.61
CA GLU B 3917 2.53 -21.01 45.16
C GLU B 3917 2.41 -21.20 46.67
N LYS B 3918 3.46 -20.81 47.39
CA LYS B 3918 3.54 -21.03 48.82
C LYS B 3918 4.30 -19.88 49.49
N GLU B 3919 4.74 -20.10 50.73
CA GLU B 3919 5.32 -19.03 51.53
C GLU B 3919 6.77 -19.41 51.87
N GLU B 3920 7.39 -18.58 52.71
CA GLU B 3920 8.69 -18.83 53.32
C GLU B 3920 9.85 -18.72 52.34
N HIS B 3921 9.55 -18.54 51.06
CA HIS B 3921 10.61 -18.23 50.09
C HIS B 3921 10.31 -16.95 49.32
N CYS B 3922 9.07 -16.77 48.89
CA CYS B 3922 8.65 -15.51 48.28
C CYS B 3922 8.04 -14.53 49.28
N ARG B 3923 7.91 -14.93 50.54
CA ARG B 3923 7.53 -14.01 51.60
C ARG B 3923 8.78 -13.31 52.12
N LYS B 3924 8.62 -12.51 53.16
CA LYS B 3924 9.73 -11.78 53.74
C LYS B 3924 10.71 -12.76 54.39
N PRO B 3925 11.97 -12.80 53.94
CA PRO B 3925 12.94 -13.71 54.57
C PRO B 3925 13.30 -13.28 55.98
N THR B 3926 13.70 -12.03 56.14
CA THR B 3926 14.00 -11.42 57.44
C THR B 3926 13.45 -10.01 57.49
N HIS B 3927 12.36 -9.77 56.78
CA HIS B 3927 11.67 -8.47 56.74
C HIS B 3927 12.62 -7.38 56.23
N LYS B 3928 13.03 -7.54 54.97
CA LYS B 3928 13.83 -6.56 54.25
C LYS B 3928 15.15 -6.30 54.96
N PRO B 3929 16.10 -7.25 54.94
CA PRO B 3929 17.39 -7.08 55.59
C PRO B 3929 18.23 -5.98 54.97
N UNK C 1 0.98 9.29 2.29
CA UNK C 1 -0.14 10.19 1.99
C UNK C 1 -1.13 9.51 1.05
N UNK C 2 -1.20 10.01 -0.18
CA UNK C 2 -2.08 9.46 -1.20
C UNK C 2 -1.36 8.89 -2.41
N ASN C 3 -0.04 9.07 -2.51
CA ASN C 3 0.72 8.53 -3.63
C ASN C 3 1.61 7.36 -3.24
N UNK C 4 2.01 7.25 -1.98
CA UNK C 4 2.91 6.18 -1.57
C UNK C 4 2.23 4.82 -1.74
N UNK C 5 3.00 3.86 -2.24
CA UNK C 5 2.47 2.53 -2.51
C UNK C 5 2.18 1.77 -1.23
C1 NAG D . -2.44 36.45 -51.23
C2 NAG D . -3.23 37.13 -52.35
C3 NAG D . -3.07 36.40 -53.68
C4 NAG D . -1.62 36.17 -54.07
C5 NAG D . -0.85 35.54 -52.94
C6 NAG D . 0.63 35.78 -53.22
C7 NAG D . -5.14 37.99 -51.14
C8 NAG D . -6.25 37.44 -50.30
N2 NAG D . -4.64 37.14 -52.04
O3 NAG D . -3.77 37.16 -54.68
O4 NAG D . -1.50 35.13 -55.03
O5 NAG D . -1.12 36.17 -51.69
O6 NAG D . 0.83 37.18 -53.12
O7 NAG D . -4.73 39.13 -51.01
C1 NAG D . -1.48 35.62 -56.37
C2 NAG D . -0.08 35.62 -57.01
C3 NAG D . -0.19 35.86 -58.51
C4 NAG D . -1.20 34.94 -59.15
C5 NAG D . -2.54 35.00 -58.44
C6 NAG D . -3.50 33.92 -58.92
C7 NAG D . 2.11 36.67 -56.61
C8 NAG D . 2.74 38.03 -56.54
N2 NAG D . 0.79 36.64 -56.44
O3 NAG D . 1.06 35.63 -59.16
O4 NAG D . -1.40 35.40 -60.48
O5 NAG D . -2.35 34.74 -57.06
O6 NAG D . -2.95 32.65 -58.53
O7 NAG D . 2.79 35.66 -56.80
C1 BMA D . -1.22 34.33 -61.42
C2 BMA D . -1.94 34.75 -62.70
C3 BMA D . -1.67 33.78 -63.85
C4 BMA D . -0.17 33.58 -64.01
C5 BMA D . 0.43 33.13 -62.68
C6 BMA D . 1.94 32.92 -62.81
O2 BMA D . -1.49 36.05 -63.07
O3 BMA D . -2.22 34.33 -65.05
O4 BMA D . 0.08 32.61 -65.02
O5 BMA D . 0.16 34.08 -61.65
O6 BMA D . 2.45 32.37 -61.59
C1 NAG E . -0.05 -12.45 -24.19
C2 NAG E . 1.11 -13.42 -24.42
C3 NAG E . 1.46 -13.53 -25.89
C4 NAG E . 0.22 -13.98 -26.66
C5 NAG E . -0.94 -13.03 -26.34
C6 NAG E . -2.22 -13.48 -27.03
C7 NAG E . 2.77 -13.74 -22.70
C8 NAG E . 4.19 -13.44 -22.30
N2 NAG E . 2.29 -13.00 -23.69
O3 NAG E . 2.51 -14.47 -26.04
O4 NAG E . 0.54 -13.94 -28.06
O5 NAG E . -1.18 -12.93 -24.93
O6 NAG E . -2.97 -14.31 -26.14
O7 NAG E . 2.11 -14.61 -22.16
C1 NAG E . 0.74 -15.28 -28.56
C2 NAG E . 0.68 -15.26 -30.09
C3 NAG E . 0.70 -16.67 -30.61
C4 NAG E . 1.98 -17.37 -30.16
C5 NAG E . 2.23 -17.18 -28.66
C6 NAG E . 3.66 -17.59 -28.32
C7 NAG E . -0.39 -13.29 -30.98
C8 NAG E . -1.63 -12.72 -31.61
N2 NAG E . -0.49 -14.54 -30.55
O3 NAG E . 0.63 -16.66 -32.04
O4 NAG E . 1.86 -18.77 -30.42
O5 NAG E . 2.02 -15.83 -28.22
O6 NAG E . 4.57 -16.83 -29.12
O7 NAG E . 0.64 -12.65 -30.87
C1 BMA E . 2.64 -19.14 -31.58
C2 BMA E . 2.94 -20.64 -31.49
C3 BMA E . 3.65 -21.14 -32.75
C4 BMA E . 2.84 -20.76 -33.98
C5 BMA E . 2.62 -19.25 -33.99
C6 BMA E . 1.79 -18.84 -35.20
O2 BMA E . 1.71 -21.35 -31.35
O3 BMA E . 3.79 -22.57 -32.68
O4 BMA E . 3.54 -21.16 -35.16
O5 BMA E . 1.94 -18.84 -32.79
O6 BMA E . 1.59 -17.42 -35.18
C1 NAG F . 12.32 -19.69 -23.45
C2 NAG F . 12.84 -21.08 -23.85
C3 NAG F . 14.35 -21.12 -23.64
C4 NAG F . 15.04 -19.96 -24.35
C5 NAG F . 14.39 -18.64 -23.92
C6 NAG F . 15.00 -17.42 -24.59
C7 NAG F . 11.36 -22.97 -23.56
C8 NAG F . 11.04 -24.16 -22.72
N2 NAG F . 12.24 -22.11 -23.04
O3 NAG F . 14.83 -22.34 -24.18
O4 NAG F . 16.41 -19.96 -23.95
O5 NAG F . 12.98 -18.67 -24.20
O6 NAG F . 14.39 -17.22 -25.87
O7 NAG F . 10.84 -22.81 -24.65
C1 NAG F . 17.22 -20.09 -25.12
C2 NAG F . 18.53 -19.38 -24.81
C3 NAG F . 19.56 -19.56 -25.91
C4 NAG F . 19.64 -21.02 -26.35
C5 NAG F . 18.25 -21.57 -26.62
C6 NAG F . 18.29 -23.01 -27.11
C7 NAG F . 19.14 -17.07 -24.29
C8 NAG F . 19.12 -15.85 -25.16
N2 NAG F . 18.22 -17.98 -24.58
O3 NAG F . 20.84 -19.15 -25.42
O4 NAG F . 20.42 -21.12 -27.54
O5 NAG F . 17.46 -21.46 -25.44
O6 NAG F . 16.97 -23.42 -27.48
O7 NAG F . 19.94 -17.21 -23.38
C1 BMA F . 21.73 -21.60 -27.20
C2 BMA F . 22.33 -22.21 -28.48
C3 BMA F . 23.82 -22.44 -28.38
C4 BMA F . 24.51 -21.17 -27.88
C5 BMA F . 23.92 -20.81 -26.53
C6 BMA F . 24.63 -19.61 -25.92
O2 BMA F . 22.04 -21.34 -29.58
O3 BMA F . 24.31 -22.77 -29.68
O4 BMA F . 25.92 -21.39 -27.76
O5 BMA F . 22.53 -20.52 -26.69
O6 BMA F . 24.36 -18.43 -26.69
C1 MAN F . 24.82 -24.12 -29.65
C2 MAN F . 26.01 -24.20 -30.60
C3 MAN F . 25.56 -23.92 -32.02
C4 MAN F . 24.39 -24.82 -32.41
C5 MAN F . 23.29 -24.75 -31.36
C6 MAN F . 22.17 -25.75 -31.69
O2 MAN F . 26.58 -25.51 -30.52
O3 MAN F . 26.65 -24.15 -32.93
O4 MAN F . 23.87 -24.41 -33.68
O5 MAN F . 23.82 -25.05 -30.07
O6 MAN F . 21.12 -25.63 -30.73
C1 MAN F . 24.76 -17.28 -25.92
C2 MAN F . 23.59 -16.30 -25.87
C3 MAN F . 23.27 -15.77 -27.27
C4 MAN F . 24.54 -15.22 -27.94
C5 MAN F . 25.66 -16.25 -27.86
C6 MAN F . 26.95 -15.68 -28.45
O2 MAN F . 23.94 -15.21 -25.01
O3 MAN F . 22.29 -14.73 -27.18
O4 MAN F . 24.25 -14.92 -29.31
O5 MAN F . 25.89 -16.62 -26.50
O6 MAN F . 27.38 -14.56 -27.65
C1 NAG G . 19.00 30.57 -7.84
C2 NAG G . 18.18 31.02 -9.04
C3 NAG G . 18.59 32.42 -9.46
C4 NAG G . 18.66 33.38 -8.28
C5 NAG G . 19.40 32.75 -7.10
C6 NAG G . 19.42 33.67 -5.86
C7 NAG G . 17.70 30.02 -11.24
C8 NAG G . 18.34 29.25 -12.37
N2 NAG G . 18.40 30.08 -10.12
O3 NAG G . 17.65 32.92 -10.42
O4 NAG G . 19.32 34.56 -8.76
O5 NAG G . 18.82 31.47 -6.74
O6 NAG G . 18.09 33.79 -5.37
O7 NAG G . 16.60 30.52 -11.37
C1 NAG G . 18.58 35.77 -8.45
C2 NAG G . 19.05 36.92 -9.33
C3 NAG G . 18.41 38.21 -8.85
C4 NAG G . 16.89 38.07 -8.89
C5 NAG G . 16.43 36.79 -8.19
C6 NAG G . 14.95 36.57 -8.41
C7 NAG G . 21.34 37.02 -8.36
C8 NAG G . 22.74 36.61 -8.69
N2 NAG G . 20.51 37.05 -9.40
O3 NAG G . 18.82 39.30 -9.68
O4 NAG G . 16.30 39.19 -8.24
O5 NAG G . 17.16 35.64 -8.65
O6 NAG G . 14.23 37.73 -7.99
O7 NAG G . 21.02 37.33 -7.22
C1 NAG H . 25.05 19.15 -21.36
C2 NAG H . 24.63 18.91 -22.80
C3 NAG H . 24.26 20.20 -23.53
C4 NAG H . 23.19 20.95 -22.76
C5 NAG H . 23.63 21.16 -21.32
C6 NAG H . 22.47 21.70 -20.50
C7 NAG H . 25.83 16.91 -23.46
C8 NAG H . 26.99 16.35 -24.21
N2 NAG H . 25.68 18.23 -23.52
O3 NAG H . 23.78 19.87 -24.84
O4 NAG H . 23.00 22.25 -23.34
O5 NAG H . 24.04 19.94 -20.71
O6 NAG H . 21.56 20.63 -20.23
O7 NAG H . 25.06 16.21 -22.83
C1 NAG H . 21.80 22.30 -24.14
C2 NAG H . 21.33 23.76 -24.19
C3 NAG H . 20.22 23.97 -25.21
C4 NAG H . 20.68 23.43 -26.56
C5 NAG H . 21.01 21.96 -26.41
C6 NAG H . 21.46 21.37 -27.74
C7 NAG H . 21.68 24.83 -22.04
C8 NAG H . 21.00 25.70 -21.02
N2 NAG H . 20.88 24.19 -22.88
O3 NAG H . 19.93 25.37 -25.33
O4 NAG H . 19.64 23.60 -27.52
O5 NAG H . 22.06 21.78 -25.45
O6 NAG H . 21.64 19.96 -27.60
O7 NAG H . 22.89 24.72 -22.10
C1 NAG I . 27.33 -17.58 23.74
C2 NAG I . 27.69 -19.06 23.60
C3 NAG I . 27.74 -19.77 24.96
C4 NAG I . 28.48 -18.96 26.02
C5 NAG I . 28.00 -17.52 26.01
C6 NAG I . 28.77 -16.66 27.01
C7 NAG I . 26.58 -21.00 22.59
C8 NAG I . 25.18 -21.52 22.74
N2 NAG I . 26.73 -19.69 22.71
O3 NAG I . 28.43 -21.03 24.82
O4 NAG I . 28.23 -19.54 27.30
O5 NAG I . 28.17 -16.96 24.71
O6 NAG I . 28.42 -17.07 28.34
O7 NAG I . 27.53 -21.75 22.37
C1 NAG I . 29.42 -20.17 27.81
C2 NAG I . 29.36 -20.22 29.34
C3 NAG I . 30.63 -20.83 29.89
C4 NAG I . 30.78 -22.25 29.33
C5 NAG I . 30.70 -22.22 27.81
C6 NAG I . 30.69 -23.64 27.25
C7 NAG I . 28.23 -18.71 30.83
C8 NAG I . 28.37 -17.44 31.63
N2 NAG I . 29.15 -18.90 29.89
O3 NAG I . 30.54 -20.85 31.32
O4 NAG I . 32.06 -22.81 29.70
O5 NAG I . 29.54 -21.53 27.33
O6 NAG I . 30.81 -23.59 25.82
O7 NAG I . 27.34 -19.51 31.04
C1 BMA I . 31.96 -23.53 30.95
C2 BMA I . 32.84 -24.78 30.88
C3 BMA I . 32.92 -25.49 32.23
C4 BMA I . 33.29 -24.51 33.33
C5 BMA I . 32.35 -23.31 33.31
C6 BMA I . 32.78 -22.29 34.36
O2 BMA I . 34.16 -24.41 30.47
O3 BMA I . 33.91 -26.53 32.16
O4 BMA I . 33.20 -25.16 34.61
O5 BMA I . 32.37 -22.69 32.03
O6 BMA I . 32.14 -21.03 34.09
C1 MAN I . 33.38 -27.75 32.71
C2 MAN I . 34.54 -28.66 33.11
C3 MAN I . 35.30 -29.16 31.90
C4 MAN I . 34.34 -29.76 30.87
C5 MAN I . 33.25 -28.76 30.55
C6 MAN I . 32.27 -29.32 29.53
O2 MAN I . 34.01 -29.78 33.84
O3 MAN I . 36.25 -30.15 32.31
O4 MAN I . 35.06 -30.09 29.67
O5 MAN I . 32.55 -28.43 31.76
O6 MAN I . 31.30 -28.31 29.21
C1 MAN I . 33.02 -19.97 34.51
C2 MAN I . 32.17 -18.75 34.85
C3 MAN I . 31.48 -18.20 33.61
C4 MAN I . 32.50 -17.95 32.51
C5 MAN I . 33.33 -19.21 32.27
C6 MAN I . 34.40 -18.96 31.21
O2 MAN I . 33.01 -17.73 35.41
O3 MAN I . 30.81 -16.98 33.93
O4 MAN I . 31.83 -17.58 31.30
O5 MAN I . 33.95 -19.62 33.48
O6 MAN I . 35.14 -20.17 30.99
C1 NAG J . 30.70 -35.66 17.01
C2 NAG J . 30.96 -35.41 18.49
C3 NAG J . 31.02 -33.90 18.79
C4 NAG J . 31.93 -33.17 17.82
C5 NAG J . 31.51 -33.47 16.39
C6 NAG J . 32.46 -32.87 15.36
C7 NAG J . 29.73 -35.97 20.54
C8 NAG J . 28.40 -35.44 21.00
N2 NAG J . 29.89 -36.07 19.22
O3 NAG J . 31.49 -33.69 20.12
O4 NAG J . 31.85 -31.75 18.09
O5 NAG J . 31.54 -34.87 16.17
O6 NAG J . 32.13 -33.35 14.06
O7 NAG J . 30.61 -36.29 21.32
C1 NAG J . 33.17 -31.22 18.33
C2 NAG J . 33.23 -29.79 17.79
C3 NAG J . 34.57 -29.14 18.09
C4 NAG J . 34.89 -29.25 19.57
C5 NAG J . 34.79 -30.70 20.01
C6 NAG J . 35.08 -30.85 21.50
C7 NAG J . 31.79 -29.63 15.83
C8 NAG J . 31.74 -29.08 14.44
N2 NAG J . 33.01 -29.78 16.36
O3 NAG J . 34.54 -27.76 17.69
O4 NAG J . 36.23 -28.78 19.77
O5 NAG J . 33.49 -31.22 19.72
O6 NAG J . 34.03 -30.24 22.25
O7 NAG J . 30.78 -29.93 16.45
C1 BMA J . 36.23 -27.56 20.54
C2 BMA J . 37.66 -27.32 21.00
C3 BMA J . 37.83 -26.03 21.76
C4 BMA J . 37.23 -24.87 20.98
C5 BMA J . 35.82 -25.19 20.47
C6 BMA J . 35.29 -24.05 19.59
O2 BMA J . 38.51 -27.30 19.85
O3 BMA J . 39.22 -25.75 21.94
O4 BMA J . 37.19 -23.71 21.81
O5 BMA J . 35.77 -26.44 19.77
O6 BMA J . 35.26 -24.42 18.19
C1 MAN J . 39.76 -26.52 23.04
C2 MAN J . 40.83 -25.67 23.72
C3 MAN J . 41.97 -25.40 22.75
C4 MAN J . 42.49 -26.70 22.15
C5 MAN J . 41.33 -27.50 21.57
C6 MAN J . 41.81 -28.85 21.01
O2 MAN J . 41.34 -26.38 24.86
O3 MAN J . 43.04 -24.73 23.44
O4 MAN J . 43.43 -26.40 21.11
O5 MAN J . 40.37 -27.74 22.59
O6 MAN J . 40.71 -29.51 20.38
C1 MAN J . 36.59 -24.29 17.63
C2 MAN J . 36.87 -22.80 17.33
C3 MAN J . 36.19 -22.29 16.07
C4 MAN J . 36.46 -23.26 14.94
C5 MAN J . 35.91 -24.62 15.34
C6 MAN J . 35.94 -25.61 14.20
O2 MAN J . 38.29 -22.61 17.21
O3 MAN J . 36.68 -21.01 15.74
O4 MAN J . 35.84 -22.82 13.73
O5 MAN J . 36.70 -25.08 16.44
O6 MAN J . 35.18 -26.77 14.57
C1 NAG K . -16.23 -2.05 -15.07
C2 NAG K . -16.87 -3.00 -16.10
C3 NAG K . -18.33 -2.65 -16.45
C4 NAG K . -19.12 -2.34 -15.20
C5 NAG K . -18.43 -1.22 -14.44
C6 NAG K . -19.24 -0.87 -13.19
C7 NAG K . -16.41 -3.47 -18.47
C8 NAG K . -16.22 -2.54 -19.64
N2 NAG K . -16.04 -2.98 -17.29
O3 NAG K . -18.95 -3.77 -17.10
O4 NAG K . -20.44 -1.93 -15.57
O5 NAG K . -17.14 -1.67 -14.04
O6 NAG K . -18.43 -0.10 -12.30
O7 NAG K . -16.89 -4.58 -18.61
C1 NAG L . -1.60 31.82 -12.02
C2 NAG L . -0.33 32.66 -12.19
C3 NAG L . -0.04 32.94 -13.67
C4 NAG L . -0.05 31.62 -14.44
C5 NAG L . -1.35 30.88 -14.17
C6 NAG L . -1.40 29.58 -14.97
C7 NAG L . 0.60 34.45 -10.86
C8 NAG L . 0.33 35.72 -10.11
N2 NAG L . -0.45 33.91 -11.47
O3 NAG L . 1.24 33.56 -13.80
O4 NAG L . 0.09 31.90 -15.84
O5 NAG L . -1.49 30.61 -12.78
O6 NAG L . -1.22 29.87 -16.36
O7 NAG L . 1.71 33.95 -10.92
O5 A2G M . 18.41 -12.63 -37.50
C1 A2G M . 17.58 -13.28 -38.47
C2 A2G M . 16.58 -14.29 -37.91
N2 A2G M . 15.60 -14.88 -38.83
C3 A2G M . 15.88 -13.74 -36.67
O3 A2G M . 15.12 -14.78 -36.08
C4 A2G M . 16.91 -13.20 -35.68
O4 A2G M . 17.80 -14.25 -35.30
C5 A2G M . 17.71 -12.09 -36.36
C6 A2G M . 18.75 -11.47 -35.47
O6 A2G M . 19.45 -10.43 -36.15
C7 A2G M . 15.47 -16.19 -38.93
O7 A2G M . 16.24 -16.98 -38.38
C8 A2G M . 14.29 -16.66 -39.73
O5 A2G N . 26.70 22.39 -59.14
C1 A2G N . 27.34 21.85 -57.99
C2 A2G N . 28.14 22.97 -57.33
N2 A2G N . 28.83 22.46 -56.16
C3 A2G N . 27.21 24.11 -56.94
O3 A2G N . 27.96 25.17 -56.38
C4 A2G N . 26.42 24.58 -58.17
O4 A2G N . 27.32 25.17 -59.10
C5 A2G N . 25.72 23.39 -58.82
C6 A2G N . 25.02 23.74 -60.10
O6 A2G N . 23.93 24.63 -59.87
C7 A2G N . 30.16 22.43 -56.09
O7 A2G N . 30.87 22.79 -57.02
C8 A2G N . 30.75 21.95 -54.80
O5 A2G O . 28.80 21.00 3.36
C1 A2G O . 28.35 20.12 4.38
C2 A2G O . 28.30 18.72 3.78
N2 A2G O . 27.81 17.76 4.75
C3 A2G O . 29.68 18.32 3.28
O3 A2G O . 29.61 17.03 2.68
C4 A2G O . 30.23 19.36 2.31
O4 A2G O . 29.42 19.37 1.14
C5 A2G O . 30.16 20.73 2.96
C6 A2G O . 30.56 21.86 2.03
O6 A2G O . 30.39 23.12 2.65
C7 A2G O . 26.71 17.04 4.55
O7 A2G O . 26.15 16.99 3.46
C8 A2G O . 26.18 16.30 5.74
O5 A2G P . -2.83 -28.04 -3.61
C1 A2G P . -2.47 -29.22 -4.31
C2 A2G P . -1.78 -29.22 -5.69
N2 A2G P . -0.90 -30.35 -5.90
C3 A2G P . -1.06 -27.91 -5.93
O3 A2G P . -0.72 -27.80 -7.30
C4 A2G P . -1.93 -26.74 -5.48
O4 A2G P . -3.18 -26.77 -6.15
C5 A2G P . -2.13 -26.83 -3.97
C6 A2G P . -2.92 -25.67 -3.41
O6 A2G P . -4.25 -25.63 -3.94
C7 A2G P . -1.08 -31.20 -6.92
O7 A2G P . -2.01 -31.08 -7.71
C8 A2G P . -0.08 -32.31 -7.02
O5 A2G Q . 24.69 -41.62 10.46
C1 A2G Q . 24.81 -40.23 10.17
C2 A2G Q . 25.85 -39.97 9.07
N2 A2G Q . 25.90 -38.58 8.72
C3 A2G Q . 25.54 -40.83 7.85
O3 A2G Q . 26.57 -40.69 6.88
C4 A2G Q . 25.36 -42.29 8.25
O4 A2G Q . 26.60 -42.78 8.77
C5 A2G Q . 24.30 -42.40 9.32
C6 A2G Q . 24.10 -43.82 9.82
O6 A2G Q . 23.10 -43.88 10.83
C7 A2G Q . 26.93 -38.00 8.13
O7 A2G Q . 27.96 -38.61 7.87
C8 A2G Q . 26.77 -36.55 7.78
CA CA R . 15.79 7.00 -56.34
CA CA S . 15.88 62.65 3.23
CA CA T . 15.84 55.24 21.24
CA CA U . 4.27 44.28 18.37
CA CA V . -1.05 49.60 -3.38
CA CA W . -16.83 60.51 -36.96
CA CA X . 7.06 25.54 -42.00
CA CA Y . 13.65 10.13 0.12
CA CA Z . 4.44 21.37 -4.79
CA CA AA . -5.78 13.82 -8.90
CA CA BA . 28.98 -16.59 1.42
CA CA CA . 27.02 -3.67 18.99
CA CA DA . 21.21 14.58 18.26
CA CA EA . 9.97 26.36 10.04
CA CA FA . -6.18 20.24 5.74
CA CA GA . -12.30 3.10 3.54
CA CA HA . -2.65 -18.36 8.30
CA CA IA . 13.70 -26.70 10.81
CA CA JA . 13.67 -25.52 29.11
CA CA KA . 4.68 -20.09 40.59
#